data_1YFB
# 
_entry.id   1YFB 
# 
_audit_conform.dict_name       mmcif_pdbx.dic 
_audit_conform.dict_version    5.392 
_audit_conform.dict_location   http://mmcif.pdb.org/dictionaries/ascii/mmcif_pdbx.dic 
# 
loop_
_database_2.database_id 
_database_2.database_code 
_database_2.pdbx_database_accession 
_database_2.pdbx_DOI 
PDB   1YFB         pdb_00001yfb 10.2210/pdb1yfb/pdb 
RCSB  RCSB031451   ?            ?                   
WWPDB D_1000031451 ?            ?                   
# 
loop_
_pdbx_audit_revision_history.ordinal 
_pdbx_audit_revision_history.data_content_type 
_pdbx_audit_revision_history.major_revision 
_pdbx_audit_revision_history.minor_revision 
_pdbx_audit_revision_history.revision_date 
1 'Structure model' 1 0 2005-04-12 
2 'Structure model' 1 1 2008-04-30 
3 'Structure model' 1 2 2011-07-13 
4 'Structure model' 1 3 2022-03-02 
5 'Structure model' 1 4 2024-05-22 
# 
_pdbx_audit_revision_details.ordinal             1 
_pdbx_audit_revision_details.revision_ordinal    1 
_pdbx_audit_revision_details.data_content_type   'Structure model' 
_pdbx_audit_revision_details.provider            repository 
_pdbx_audit_revision_details.type                'Initial release' 
_pdbx_audit_revision_details.description         ? 
_pdbx_audit_revision_details.details             ? 
# 
loop_
_pdbx_audit_revision_group.ordinal 
_pdbx_audit_revision_group.revision_ordinal 
_pdbx_audit_revision_group.data_content_type 
_pdbx_audit_revision_group.group 
1 2 'Structure model' 'Version format compliance' 
2 3 'Structure model' 'Version format compliance' 
3 4 'Structure model' 'Data collection'           
4 4 'Structure model' 'Database references'       
5 4 'Structure model' 'Derived calculations'      
6 5 'Structure model' 'Data collection'           
# 
loop_
_pdbx_audit_revision_category.ordinal 
_pdbx_audit_revision_category.revision_ordinal 
_pdbx_audit_revision_category.data_content_type 
_pdbx_audit_revision_category.category 
1 4 'Structure model' database_2            
2 4 'Structure model' pdbx_nmr_software     
3 4 'Structure model' pdbx_struct_assembly  
4 4 'Structure model' pdbx_struct_oper_list 
5 4 'Structure model' struct_ref_seq_dif    
6 5 'Structure model' chem_comp_atom        
7 5 'Structure model' chem_comp_bond        
# 
loop_
_pdbx_audit_revision_item.ordinal 
_pdbx_audit_revision_item.revision_ordinal 
_pdbx_audit_revision_item.data_content_type 
_pdbx_audit_revision_item.item 
1 4 'Structure model' '_database_2.pdbx_DOI'                
2 4 'Structure model' '_database_2.pdbx_database_accession' 
3 4 'Structure model' '_pdbx_nmr_software.name'             
4 4 'Structure model' '_struct_ref_seq_dif.details'         
# 
_pdbx_database_status.status_code                     REL 
_pdbx_database_status.entry_id                        1YFB 
_pdbx_database_status.recvd_initial_deposition_date   2004-12-31 
_pdbx_database_status.deposit_site                    RCSB 
_pdbx_database_status.process_site                    RCSB 
_pdbx_database_status.status_code_mr                  REL 
_pdbx_database_status.SG_entry                        N 
_pdbx_database_status.status_code_sf                  ? 
_pdbx_database_status.pdb_format_compatible           Y 
_pdbx_database_status.status_code_cs                  ? 
_pdbx_database_status.status_code_nmr_data            ? 
_pdbx_database_status.methods_development_category    ? 
# 
loop_
_pdbx_database_related.db_name 
_pdbx_database_related.db_id 
_pdbx_database_related.details 
_pdbx_database_related.content_type 
PDB 1EKT .                           unspecified 
PDB 1YSF 'ENSEMBLE OF 20 STRUCTURES' unspecified 
# 
loop_
_audit_author.name 
_audit_author.pdbx_ordinal 
'Truffault, V.'  1 
'Djuranovic, S.' 2 
'Coles, M.'      3 
# 
_citation.id                        primary 
_citation.title                     
'AbrB-like transcription factors assume a swapped hairpin fold that is evolutionarily related to double-psi beta barrels.' 
_citation.journal_abbrev            Structure 
_citation.journal_volume            13 
_citation.page_first                919 
_citation.page_last                 928 
_citation.year                      2005 
_citation.journal_id_ASTM           STRUE6 
_citation.country                   UK 
_citation.journal_id_ISSN           0969-2126 
_citation.journal_id_CSD            2005 
_citation.book_publisher            ? 
_citation.pdbx_database_id_PubMed   15939023 
_citation.pdbx_database_id_DOI      10.1016/j.str.2005.03.017 
# 
loop_
_citation_author.citation_id 
_citation_author.name 
_citation_author.ordinal 
_citation_author.identifier_ORCID 
primary 'Coles, M.'      1 ? 
primary 'Djuranovic, S.' 2 ? 
primary 'Soding, J.'     3 ? 
primary 'Frickey, T.'    4 ? 
primary 'Koretke, K.'    5 ? 
primary 'Truffault, V.'  6 ? 
primary 'Martin, J.'     7 ? 
primary 'Lupas, A.N.'    8 ? 
# 
_entity.id                         1 
_entity.type                       polymer 
_entity.src_method                 man 
_entity.pdbx_description           'Transition state regulatory protein abrB' 
_entity.formula_weight             6986.237 
_entity.pdbx_number_of_molecules   2 
_entity.pdbx_ec                    ? 
_entity.pdbx_mutation              ? 
_entity.pdbx_fragment              'N-terminal domain' 
_entity.details                    ? 
# 
_entity_poly.entity_id                      1 
_entity_poly.type                           'polypeptide(L)' 
_entity_poly.nstd_linkage                   no 
_entity_poly.nstd_monomer                   no 
_entity_poly.pdbx_seq_one_letter_code       MHHHHHHFMKSTGIVRKVDELGRVVIPIELRRTLGIAEKDALEIYVDDEKIILKKYKPN 
_entity_poly.pdbx_seq_one_letter_code_can   MHHHHHHFMKSTGIVRKVDELGRVVIPIELRRTLGIAEKDALEIYVDDEKIILKKYKPN 
_entity_poly.pdbx_strand_id                 A,B 
_entity_poly.pdbx_target_identifier         ? 
# 
loop_
_entity_poly_seq.entity_id 
_entity_poly_seq.num 
_entity_poly_seq.mon_id 
_entity_poly_seq.hetero 
1 1  MET n 
1 2  HIS n 
1 3  HIS n 
1 4  HIS n 
1 5  HIS n 
1 6  HIS n 
1 7  HIS n 
1 8  PHE n 
1 9  MET n 
1 10 LYS n 
1 11 SER n 
1 12 THR n 
1 13 GLY n 
1 14 ILE n 
1 15 VAL n 
1 16 ARG n 
1 17 LYS n 
1 18 VAL n 
1 19 ASP n 
1 20 GLU n 
1 21 LEU n 
1 22 GLY n 
1 23 ARG n 
1 24 VAL n 
1 25 VAL n 
1 26 ILE n 
1 27 PRO n 
1 28 ILE n 
1 29 GLU n 
1 30 LEU n 
1 31 ARG n 
1 32 ARG n 
1 33 THR n 
1 34 LEU n 
1 35 GLY n 
1 36 ILE n 
1 37 ALA n 
1 38 GLU n 
1 39 LYS n 
1 40 ASP n 
1 41 ALA n 
1 42 LEU n 
1 43 GLU n 
1 44 ILE n 
1 45 TYR n 
1 46 VAL n 
1 47 ASP n 
1 48 ASP n 
1 49 GLU n 
1 50 LYS n 
1 51 ILE n 
1 52 ILE n 
1 53 LEU n 
1 54 LYS n 
1 55 LYS n 
1 56 TYR n 
1 57 LYS n 
1 58 PRO n 
1 59 ASN n 
# 
_entity_src_gen.entity_id                          1 
_entity_src_gen.pdbx_src_id                        1 
_entity_src_gen.pdbx_alt_source_flag               sample 
_entity_src_gen.pdbx_seq_type                      ? 
_entity_src_gen.pdbx_beg_seq_num                   ? 
_entity_src_gen.pdbx_end_seq_num                   ? 
_entity_src_gen.gene_src_common_name               ? 
_entity_src_gen.gene_src_genus                     Bacillus 
_entity_src_gen.pdbx_gene_src_gene                 ABRB 
_entity_src_gen.gene_src_species                   ? 
_entity_src_gen.gene_src_strain                    ? 
_entity_src_gen.gene_src_tissue                    ? 
_entity_src_gen.gene_src_tissue_fraction           ? 
_entity_src_gen.gene_src_details                   ? 
_entity_src_gen.pdbx_gene_src_fragment             ? 
_entity_src_gen.pdbx_gene_src_scientific_name      'Bacillus subtilis' 
_entity_src_gen.pdbx_gene_src_ncbi_taxonomy_id     1423 
_entity_src_gen.pdbx_gene_src_variant              ? 
_entity_src_gen.pdbx_gene_src_cell_line            ? 
_entity_src_gen.pdbx_gene_src_atcc                 ? 
_entity_src_gen.pdbx_gene_src_organ                ? 
_entity_src_gen.pdbx_gene_src_organelle            ? 
_entity_src_gen.pdbx_gene_src_cell                 ? 
_entity_src_gen.pdbx_gene_src_cellular_location    ? 
_entity_src_gen.host_org_common_name               ? 
_entity_src_gen.pdbx_host_org_scientific_name      'Escherichia coli' 
_entity_src_gen.pdbx_host_org_ncbi_taxonomy_id     562 
_entity_src_gen.host_org_genus                     Escherichia 
_entity_src_gen.pdbx_host_org_gene                 ? 
_entity_src_gen.pdbx_host_org_organ                ? 
_entity_src_gen.host_org_species                   ? 
_entity_src_gen.pdbx_host_org_tissue               ? 
_entity_src_gen.pdbx_host_org_tissue_fraction      ? 
_entity_src_gen.pdbx_host_org_strain               ? 
_entity_src_gen.pdbx_host_org_variant              ? 
_entity_src_gen.pdbx_host_org_cell_line            ? 
_entity_src_gen.pdbx_host_org_atcc                 ? 
_entity_src_gen.pdbx_host_org_culture_collection   ? 
_entity_src_gen.pdbx_host_org_cell                 ? 
_entity_src_gen.pdbx_host_org_organelle            ? 
_entity_src_gen.pdbx_host_org_cellular_location    ? 
_entity_src_gen.pdbx_host_org_vector_type          Plasmid 
_entity_src_gen.pdbx_host_org_vector               ? 
_entity_src_gen.host_org_details                   ? 
_entity_src_gen.expression_system_id               ? 
_entity_src_gen.plasmid_name                       pet30b 
_entity_src_gen.plasmid_details                    ? 
_entity_src_gen.pdbx_description                   ? 
# 
loop_
_chem_comp.id 
_chem_comp.type 
_chem_comp.mon_nstd_flag 
_chem_comp.name 
_chem_comp.pdbx_synonyms 
_chem_comp.formula 
_chem_comp.formula_weight 
ALA 'L-peptide linking' y ALANINE         ? 'C3 H7 N O2'     89.093  
ARG 'L-peptide linking' y ARGININE        ? 'C6 H15 N4 O2 1' 175.209 
ASN 'L-peptide linking' y ASPARAGINE      ? 'C4 H8 N2 O3'    132.118 
ASP 'L-peptide linking' y 'ASPARTIC ACID' ? 'C4 H7 N O4'     133.103 
GLU 'L-peptide linking' y 'GLUTAMIC ACID' ? 'C5 H9 N O4'     147.129 
GLY 'peptide linking'   y GLYCINE         ? 'C2 H5 N O2'     75.067  
HIS 'L-peptide linking' y HISTIDINE       ? 'C6 H10 N3 O2 1' 156.162 
ILE 'L-peptide linking' y ISOLEUCINE      ? 'C6 H13 N O2'    131.173 
LEU 'L-peptide linking' y LEUCINE         ? 'C6 H13 N O2'    131.173 
LYS 'L-peptide linking' y LYSINE          ? 'C6 H15 N2 O2 1' 147.195 
MET 'L-peptide linking' y METHIONINE      ? 'C5 H11 N O2 S'  149.211 
PHE 'L-peptide linking' y PHENYLALANINE   ? 'C9 H11 N O2'    165.189 
PRO 'L-peptide linking' y PROLINE         ? 'C5 H9 N O2'     115.130 
SER 'L-peptide linking' y SERINE          ? 'C3 H7 N O3'     105.093 
THR 'L-peptide linking' y THREONINE       ? 'C4 H9 N O3'     119.119 
TYR 'L-peptide linking' y TYROSINE        ? 'C9 H11 N O3'    181.189 
VAL 'L-peptide linking' y VALINE          ? 'C5 H11 N O2'    117.146 
# 
loop_
_pdbx_poly_seq_scheme.asym_id 
_pdbx_poly_seq_scheme.entity_id 
_pdbx_poly_seq_scheme.seq_id 
_pdbx_poly_seq_scheme.mon_id 
_pdbx_poly_seq_scheme.ndb_seq_num 
_pdbx_poly_seq_scheme.pdb_seq_num 
_pdbx_poly_seq_scheme.auth_seq_num 
_pdbx_poly_seq_scheme.pdb_mon_id 
_pdbx_poly_seq_scheme.auth_mon_id 
_pdbx_poly_seq_scheme.pdb_strand_id 
_pdbx_poly_seq_scheme.pdb_ins_code 
_pdbx_poly_seq_scheme.hetero 
A 1 1  MET 1  -5 ?  ?   ?   A . n 
A 1 2  HIS 2  -4 ?  ?   ?   A . n 
A 1 3  HIS 3  -3 ?  ?   ?   A . n 
A 1 4  HIS 4  -2 ?  ?   ?   A . n 
A 1 5  HIS 5  -1 ?  ?   ?   A . n 
A 1 6  HIS 6  0  ?  ?   ?   A . n 
A 1 7  HIS 7  1  ?  ?   ?   A . n 
A 1 8  PHE 8  2  2  PHE PHE A . n 
A 1 9  MET 9  3  3  MET MET A . n 
A 1 10 LYS 10 4  4  LYS LYS A . n 
A 1 11 SER 11 5  5  SER SER A . n 
A 1 12 THR 12 6  6  THR THR A . n 
A 1 13 GLY 13 7  7  GLY GLY A . n 
A 1 14 ILE 14 8  8  ILE ILE A . n 
A 1 15 VAL 15 9  9  VAL VAL A . n 
A 1 16 ARG 16 10 10 ARG ARG A . n 
A 1 17 LYS 17 11 11 LYS LYS A . n 
A 1 18 VAL 18 12 12 VAL VAL A . n 
A 1 19 ASP 19 13 13 ASP ASP A . n 
A 1 20 GLU 20 14 14 GLU GLU A . n 
A 1 21 LEU 21 15 15 LEU LEU A . n 
A 1 22 GLY 22 16 16 GLY GLY A . n 
A 1 23 ARG 23 17 17 ARG ARG A . n 
A 1 24 VAL 24 18 18 VAL VAL A . n 
A 1 25 VAL 25 19 19 VAL VAL A . n 
A 1 26 ILE 26 20 20 ILE ILE A . n 
A 1 27 PRO 27 21 21 PRO PRO A . n 
A 1 28 ILE 28 22 22 ILE ILE A . n 
A 1 29 GLU 29 23 23 GLU GLU A . n 
A 1 30 LEU 30 24 24 LEU LEU A . n 
A 1 31 ARG 31 25 25 ARG ARG A . n 
A 1 32 ARG 32 26 26 ARG ARG A . n 
A 1 33 THR 33 27 27 THR THR A . n 
A 1 34 LEU 34 28 28 LEU LEU A . n 
A 1 35 GLY 35 29 29 GLY GLY A . n 
A 1 36 ILE 36 30 30 ILE ILE A . n 
A 1 37 ALA 37 31 31 ALA ALA A . n 
A 1 38 GLU 38 32 32 GLU GLU A . n 
A 1 39 LYS 39 33 33 LYS LYS A . n 
A 1 40 ASP 40 34 34 ASP ASP A . n 
A 1 41 ALA 41 35 35 ALA ALA A . n 
A 1 42 LEU 42 36 36 LEU LEU A . n 
A 1 43 GLU 43 37 37 GLU GLU A . n 
A 1 44 ILE 44 38 38 ILE ILE A . n 
A 1 45 TYR 45 39 39 TYR TYR A . n 
A 1 46 VAL 46 40 40 VAL VAL A . n 
A 1 47 ASP 47 41 41 ASP ASP A . n 
A 1 48 ASP 48 42 42 ASP ASP A . n 
A 1 49 GLU 49 43 43 GLU GLU A . n 
A 1 50 LYS 50 44 44 LYS LYS A . n 
A 1 51 ILE 51 45 45 ILE ILE A . n 
A 1 52 ILE 52 46 46 ILE ILE A . n 
A 1 53 LEU 53 47 47 LEU LEU A . n 
A 1 54 LYS 54 48 48 LYS LYS A . n 
A 1 55 LYS 55 49 49 LYS LYS A . n 
A 1 56 TYR 56 50 50 TYR TYR A . n 
A 1 57 LYS 57 51 51 LYS LYS A . n 
A 1 58 PRO 58 52 52 PRO PRO A . n 
A 1 59 ASN 59 53 53 ASN ASN A . n 
B 1 1  MET 1  -5 ?  ?   ?   B . n 
B 1 2  HIS 2  -4 ?  ?   ?   B . n 
B 1 3  HIS 3  -3 ?  ?   ?   B . n 
B 1 4  HIS 4  -2 ?  ?   ?   B . n 
B 1 5  HIS 5  -1 ?  ?   ?   B . n 
B 1 6  HIS 6  0  ?  ?   ?   B . n 
B 1 7  HIS 7  1  ?  ?   ?   B . n 
B 1 8  PHE 8  2  2  PHE PHE B . n 
B 1 9  MET 9  3  3  MET MET B . n 
B 1 10 LYS 10 4  4  LYS LYS B . n 
B 1 11 SER 11 5  5  SER SER B . n 
B 1 12 THR 12 6  6  THR THR B . n 
B 1 13 GLY 13 7  7  GLY GLY B . n 
B 1 14 ILE 14 8  8  ILE ILE B . n 
B 1 15 VAL 15 9  9  VAL VAL B . n 
B 1 16 ARG 16 10 10 ARG ARG B . n 
B 1 17 LYS 17 11 11 LYS LYS B . n 
B 1 18 VAL 18 12 12 VAL VAL B . n 
B 1 19 ASP 19 13 13 ASP ASP B . n 
B 1 20 GLU 20 14 14 GLU GLU B . n 
B 1 21 LEU 21 15 15 LEU LEU B . n 
B 1 22 GLY 22 16 16 GLY GLY B . n 
B 1 23 ARG 23 17 17 ARG ARG B . n 
B 1 24 VAL 24 18 18 VAL VAL B . n 
B 1 25 VAL 25 19 19 VAL VAL B . n 
B 1 26 ILE 26 20 20 ILE ILE B . n 
B 1 27 PRO 27 21 21 PRO PRO B . n 
B 1 28 ILE 28 22 22 ILE ILE B . n 
B 1 29 GLU 29 23 23 GLU GLU B . n 
B 1 30 LEU 30 24 24 LEU LEU B . n 
B 1 31 ARG 31 25 25 ARG ARG B . n 
B 1 32 ARG 32 26 26 ARG ARG B . n 
B 1 33 THR 33 27 27 THR THR B . n 
B 1 34 LEU 34 28 28 LEU LEU B . n 
B 1 35 GLY 35 29 29 GLY GLY B . n 
B 1 36 ILE 36 30 30 ILE ILE B . n 
B 1 37 ALA 37 31 31 ALA ALA B . n 
B 1 38 GLU 38 32 32 GLU GLU B . n 
B 1 39 LYS 39 33 33 LYS LYS B . n 
B 1 40 ASP 40 34 34 ASP ASP B . n 
B 1 41 ALA 41 35 35 ALA ALA B . n 
B 1 42 LEU 42 36 36 LEU LEU B . n 
B 1 43 GLU 43 37 37 GLU GLU B . n 
B 1 44 ILE 44 38 38 ILE ILE B . n 
B 1 45 TYR 45 39 39 TYR TYR B . n 
B 1 46 VAL 46 40 40 VAL VAL B . n 
B 1 47 ASP 47 41 41 ASP ASP B . n 
B 1 48 ASP 48 42 42 ASP ASP B . n 
B 1 49 GLU 49 43 43 GLU GLU B . n 
B 1 50 LYS 50 44 44 LYS LYS B . n 
B 1 51 ILE 51 45 45 ILE ILE B . n 
B 1 52 ILE 52 46 46 ILE ILE B . n 
B 1 53 LEU 53 47 47 LEU LEU B . n 
B 1 54 LYS 54 48 48 LYS LYS B . n 
B 1 55 LYS 55 49 49 LYS LYS B . n 
B 1 56 TYR 56 50 50 TYR TYR B . n 
B 1 57 LYS 57 51 51 LYS LYS B . n 
B 1 58 PRO 58 52 52 PRO PRO B . n 
B 1 59 ASN 59 53 53 ASN ASN B . n 
# 
_cell.entry_id           1YFB 
_cell.length_a           1.000 
_cell.length_b           1.000 
_cell.length_c           1.000 
_cell.angle_alpha        90.00 
_cell.angle_beta         90.00 
_cell.angle_gamma        90.00 
_cell.Z_PDB              1 
_cell.pdbx_unique_axis   ? 
# 
_symmetry.entry_id                         1YFB 
_symmetry.space_group_name_H-M             'P 1' 
_symmetry.pdbx_full_space_group_name_H-M   ? 
_symmetry.cell_setting                     ? 
_symmetry.Int_Tables_number                1 
# 
_exptl.entry_id          1YFB 
_exptl.method            'SOLUTION NMR' 
_exptl.crystals_number   ? 
# 
_struct.entry_id                  1YFB 
_struct.title                     'The solution structure of the N-domain of the transcription factor abrB' 
_struct.pdbx_model_details        ? 
_struct.pdbx_CASP_flag            ? 
_struct.pdbx_model_type_details   'minimized average' 
# 
_struct_keywords.entry_id        1YFB 
_struct_keywords.pdbx_keywords   TRANSCRIPTION 
_struct_keywords.text            'NMR; HOMODIMER; BIOINFORMATICS; SWAPPED-HAIRPIN BARREL, TRANSCRIPTION' 
# 
loop_
_struct_asym.id 
_struct_asym.pdbx_blank_PDB_chainid_flag 
_struct_asym.pdbx_modified 
_struct_asym.entity_id 
_struct_asym.details 
A N N 1 ? 
B N N 1 ? 
# 
_struct_ref.id                         1 
_struct_ref.entity_id                  1 
_struct_ref.db_name                    UNP 
_struct_ref.db_code                    ABRB_BACSU 
_struct_ref.pdbx_db_accession          P08874 
_struct_ref.pdbx_align_begin           2 
_struct_ref.pdbx_seq_one_letter_code   FMKSTGIVRKVDELGRVVIPIELRRTLGIAEKDALEIYVDDEKIILKKYKPN 
_struct_ref.pdbx_db_isoform            ? 
# 
loop_
_struct_ref_seq.align_id 
_struct_ref_seq.ref_id 
_struct_ref_seq.pdbx_PDB_id_code 
_struct_ref_seq.pdbx_strand_id 
_struct_ref_seq.seq_align_beg 
_struct_ref_seq.pdbx_seq_align_beg_ins_code 
_struct_ref_seq.seq_align_end 
_struct_ref_seq.pdbx_seq_align_end_ins_code 
_struct_ref_seq.pdbx_db_accession 
_struct_ref_seq.db_align_beg 
_struct_ref_seq.pdbx_db_align_beg_ins_code 
_struct_ref_seq.db_align_end 
_struct_ref_seq.pdbx_db_align_end_ins_code 
_struct_ref_seq.pdbx_auth_seq_align_beg 
_struct_ref_seq.pdbx_auth_seq_align_end 
1 1 1YFB A 8 ? 59 ? P08874 2 ? 53 ? 2 53 
2 1 1YFB B 8 ? 59 ? P08874 2 ? 53 ? 2 53 
# 
loop_
_struct_ref_seq_dif.align_id 
_struct_ref_seq_dif.pdbx_pdb_id_code 
_struct_ref_seq_dif.mon_id 
_struct_ref_seq_dif.pdbx_pdb_strand_id 
_struct_ref_seq_dif.seq_num 
_struct_ref_seq_dif.pdbx_pdb_ins_code 
_struct_ref_seq_dif.pdbx_seq_db_name 
_struct_ref_seq_dif.pdbx_seq_db_accession_code 
_struct_ref_seq_dif.db_mon_id 
_struct_ref_seq_dif.pdbx_seq_db_seq_num 
_struct_ref_seq_dif.details 
_struct_ref_seq_dif.pdbx_auth_seq_num 
_struct_ref_seq_dif.pdbx_ordinal 
1 1YFB MET A 1 ? UNP P08874 ? ? 'expression tag' -5 1  
1 1YFB HIS A 2 ? UNP P08874 ? ? 'expression tag' -4 2  
1 1YFB HIS A 3 ? UNP P08874 ? ? 'expression tag' -3 3  
1 1YFB HIS A 4 ? UNP P08874 ? ? 'expression tag' -2 4  
1 1YFB HIS A 5 ? UNP P08874 ? ? 'expression tag' -1 5  
1 1YFB HIS A 6 ? UNP P08874 ? ? 'expression tag' 0  6  
1 1YFB HIS A 7 ? UNP P08874 ? ? 'expression tag' 1  7  
2 1YFB MET B 1 ? UNP P08874 ? ? 'expression tag' -5 8  
2 1YFB HIS B 2 ? UNP P08874 ? ? 'expression tag' -4 9  
2 1YFB HIS B 3 ? UNP P08874 ? ? 'expression tag' -3 10 
2 1YFB HIS B 4 ? UNP P08874 ? ? 'expression tag' -2 11 
2 1YFB HIS B 5 ? UNP P08874 ? ? 'expression tag' -1 12 
2 1YFB HIS B 6 ? UNP P08874 ? ? 'expression tag' 0  13 
2 1YFB HIS B 7 ? UNP P08874 ? ? 'expression tag' 1  14 
# 
_pdbx_struct_assembly.id                   1 
_pdbx_struct_assembly.details              author_defined_assembly 
_pdbx_struct_assembly.method_details       ? 
_pdbx_struct_assembly.oligomeric_details   dimeric 
_pdbx_struct_assembly.oligomeric_count     2 
# 
_pdbx_struct_assembly_gen.assembly_id       1 
_pdbx_struct_assembly_gen.oper_expression   1 
_pdbx_struct_assembly_gen.asym_id_list      A,B 
# 
_pdbx_struct_oper_list.id                   1 
_pdbx_struct_oper_list.type                 'identity operation' 
_pdbx_struct_oper_list.name                 1_555 
_pdbx_struct_oper_list.symmetry_operation   x,y,z 
_pdbx_struct_oper_list.matrix[1][1]         1.0000000000 
_pdbx_struct_oper_list.matrix[1][2]         0.0000000000 
_pdbx_struct_oper_list.matrix[1][3]         0.0000000000 
_pdbx_struct_oper_list.vector[1]            0.0000000000 
_pdbx_struct_oper_list.matrix[2][1]         0.0000000000 
_pdbx_struct_oper_list.matrix[2][2]         1.0000000000 
_pdbx_struct_oper_list.matrix[2][3]         0.0000000000 
_pdbx_struct_oper_list.vector[2]            0.0000000000 
_pdbx_struct_oper_list.matrix[3][1]         0.0000000000 
_pdbx_struct_oper_list.matrix[3][2]         0.0000000000 
_pdbx_struct_oper_list.matrix[3][3]         1.0000000000 
_pdbx_struct_oper_list.vector[3]            0.0000000000 
# 
_struct_biol.id   1 
# 
loop_
_struct_conf.conf_type_id 
_struct_conf.id 
_struct_conf.pdbx_PDB_helix_id 
_struct_conf.beg_label_comp_id 
_struct_conf.beg_label_asym_id 
_struct_conf.beg_label_seq_id 
_struct_conf.pdbx_beg_PDB_ins_code 
_struct_conf.end_label_comp_id 
_struct_conf.end_label_asym_id 
_struct_conf.end_label_seq_id 
_struct_conf.pdbx_end_PDB_ins_code 
_struct_conf.beg_auth_comp_id 
_struct_conf.beg_auth_asym_id 
_struct_conf.beg_auth_seq_id 
_struct_conf.end_auth_comp_id 
_struct_conf.end_auth_asym_id 
_struct_conf.end_auth_seq_id 
_struct_conf.pdbx_PDB_helix_class 
_struct_conf.details 
_struct_conf.pdbx_PDB_helix_length 
HELX_P HELX_P1 1 PRO A 27 ? LEU A 34 ? PRO A 21 LEU A 28 1 ? 8 
HELX_P HELX_P2 2 PRO B 27 ? LEU B 34 ? PRO B 21 LEU B 28 1 ? 8 
# 
_struct_conf_type.id          HELX_P 
_struct_conf_type.criteria    ? 
_struct_conf_type.reference   ? 
# 
loop_
_struct_sheet.id 
_struct_sheet.type 
_struct_sheet.number_strands 
_struct_sheet.details 
A ? 6 ? 
B ? 2 ? 
# 
loop_
_struct_sheet_order.sheet_id 
_struct_sheet_order.range_id_1 
_struct_sheet_order.range_id_2 
_struct_sheet_order.offset 
_struct_sheet_order.sense 
A 1 2 ? anti-parallel 
A 2 3 ? anti-parallel 
A 3 4 ? anti-parallel 
A 4 5 ? anti-parallel 
A 5 6 ? anti-parallel 
B 1 2 ? anti-parallel 
# 
loop_
_struct_sheet_range.sheet_id 
_struct_sheet_range.id 
_struct_sheet_range.beg_label_comp_id 
_struct_sheet_range.beg_label_asym_id 
_struct_sheet_range.beg_label_seq_id 
_struct_sheet_range.pdbx_beg_PDB_ins_code 
_struct_sheet_range.end_label_comp_id 
_struct_sheet_range.end_label_asym_id 
_struct_sheet_range.end_label_seq_id 
_struct_sheet_range.pdbx_end_PDB_ins_code 
_struct_sheet_range.beg_auth_comp_id 
_struct_sheet_range.beg_auth_asym_id 
_struct_sheet_range.beg_auth_seq_id 
_struct_sheet_range.end_auth_comp_id 
_struct_sheet_range.end_auth_asym_id 
_struct_sheet_range.end_auth_seq_id 
A 1 ILE A 14 ? LYS A 17 ? ILE A 8  LYS A 11 
A 2 ALA B 41 ? ASP B 47 ? ALA B 35 ASP B 41 
A 3 LYS B 50 ? LYS B 55 ? LYS B 44 LYS B 49 
A 4 LYS A 50 ? LYS A 55 ? LYS A 44 LYS A 49 
A 5 ALA A 41 ? ASP A 47 ? ALA A 35 ASP A 41 
A 6 ILE B 14 ? LYS B 17 ? ILE B 8  LYS B 11 
B 1 ARG A 23 ? VAL A 25 ? ARG A 17 VAL A 19 
B 2 ARG B 23 ? VAL B 25 ? ARG B 17 VAL B 19 
# 
loop_
_pdbx_struct_sheet_hbond.sheet_id 
_pdbx_struct_sheet_hbond.range_id_1 
_pdbx_struct_sheet_hbond.range_id_2 
_pdbx_struct_sheet_hbond.range_1_label_atom_id 
_pdbx_struct_sheet_hbond.range_1_label_comp_id 
_pdbx_struct_sheet_hbond.range_1_label_asym_id 
_pdbx_struct_sheet_hbond.range_1_label_seq_id 
_pdbx_struct_sheet_hbond.range_1_PDB_ins_code 
_pdbx_struct_sheet_hbond.range_1_auth_atom_id 
_pdbx_struct_sheet_hbond.range_1_auth_comp_id 
_pdbx_struct_sheet_hbond.range_1_auth_asym_id 
_pdbx_struct_sheet_hbond.range_1_auth_seq_id 
_pdbx_struct_sheet_hbond.range_2_label_atom_id 
_pdbx_struct_sheet_hbond.range_2_label_comp_id 
_pdbx_struct_sheet_hbond.range_2_label_asym_id 
_pdbx_struct_sheet_hbond.range_2_label_seq_id 
_pdbx_struct_sheet_hbond.range_2_PDB_ins_code 
_pdbx_struct_sheet_hbond.range_2_auth_atom_id 
_pdbx_struct_sheet_hbond.range_2_auth_comp_id 
_pdbx_struct_sheet_hbond.range_2_auth_asym_id 
_pdbx_struct_sheet_hbond.range_2_auth_seq_id 
A 1 2 N ILE A 14 ? N ILE A 8  O ILE B 44 ? O ILE B 38 
A 2 3 N ASP B 47 ? N ASP B 41 O LYS B 50 ? O LYS B 44 
A 3 4 O ILE B 51 ? O ILE B 45 N LEU A 53 ? N LEU A 47 
A 4 5 O LYS A 50 ? O LYS A 44 N ASP A 47 ? N ASP A 41 
A 5 6 N ILE A 44 ? N ILE A 38 O ILE B 14 ? O ILE B 8  
B 1 2 N VAL A 24 ? N VAL A 18 O VAL B 24 ? O VAL B 18 
# 
loop_
_pdbx_validate_torsion.id 
_pdbx_validate_torsion.PDB_model_num 
_pdbx_validate_torsion.auth_comp_id 
_pdbx_validate_torsion.auth_asym_id 
_pdbx_validate_torsion.auth_seq_id 
_pdbx_validate_torsion.PDB_ins_code 
_pdbx_validate_torsion.label_alt_id 
_pdbx_validate_torsion.phi 
_pdbx_validate_torsion.psi 
1 1 LYS A 33 ? ? 74.65 -4.61 
2 1 GLU A 43 ? ? 58.27 14.47 
3 1 LYS B 33 ? ? 74.80 -4.81 
4 1 GLU B 43 ? ? 58.12 14.39 
# 
_pdbx_nmr_ensemble.entry_id                                      1YFB 
_pdbx_nmr_ensemble.conformers_calculated_total_number            50 
_pdbx_nmr_ensemble.conformers_submitted_total_number             1 
_pdbx_nmr_ensemble.conformer_selection_criteria                  'minimized average structure' 
_pdbx_nmr_ensemble.average_constraints_per_residue               ? 
_pdbx_nmr_ensemble.average_constraint_violations_per_residue     ? 
_pdbx_nmr_ensemble.maximum_distance_constraint_violation         ? 
_pdbx_nmr_ensemble.average_distance_constraint_violation         ? 
_pdbx_nmr_ensemble.maximum_upper_distance_constraint_violation   ? 
_pdbx_nmr_ensemble.maximum_lower_distance_constraint_violation   ? 
_pdbx_nmr_ensemble.distance_constraint_violation_method          ? 
_pdbx_nmr_ensemble.maximum_torsion_angle_constraint_violation    ? 
_pdbx_nmr_ensemble.average_torsion_angle_constraint_violation    ? 
_pdbx_nmr_ensemble.torsion_angle_constraint_violation_method     ? 
# 
_pdbx_nmr_representative.entry_id             1YFB 
_pdbx_nmr_representative.conformer_id         1 
_pdbx_nmr_representative.selection_criteria   'minimized average structure' 
# 
loop_
_pdbx_nmr_sample_details.solution_id 
_pdbx_nmr_sample_details.contents 
_pdbx_nmr_sample_details.solvent_system 
1 '0.5mM AbrB-N; 20mM phosphate buffer; 80mM KCl'                             '90% H2O/10% D2O' 
2 '0.5mM AbrB-N U-15N; 20mM phosphate buffer; 80mM KCl'                       '90% H2O/10% D2O' 
3 '0.25mM AbrB-N U-15N, 0.25mM AbrB-N U-13C; 20mM phosphate buffer; 80mM KCl' '90% H2O/10% D2O' 
# 
_pdbx_nmr_exptl_sample_conditions.conditions_id       1 
_pdbx_nmr_exptl_sample_conditions.temperature         305 
_pdbx_nmr_exptl_sample_conditions.pressure            AMBIENT 
_pdbx_nmr_exptl_sample_conditions.pH                  5.8 
_pdbx_nmr_exptl_sample_conditions.ionic_strength      80mM 
_pdbx_nmr_exptl_sample_conditions.pressure_units      ? 
_pdbx_nmr_exptl_sample_conditions.temperature_units   K 
# 
loop_
_pdbx_nmr_exptl.experiment_id 
_pdbx_nmr_exptl.conditions_id 
_pdbx_nmr_exptl.type 
_pdbx_nmr_exptl.solution_id 
1 1 3D_15N-separated_NOESY      2 
2 1 '2D NOESY'                  1 
3 1 HNHA                        2 
4 1 '13C-filtered/edited NOESY' 3 
# 
_pdbx_nmr_refine.entry_id           1YFB 
_pdbx_nmr_refine.method             'simulated annealing' 
_pdbx_nmr_refine.details            ? 
_pdbx_nmr_refine.software_ordinal   1 
# 
loop_
_pdbx_nmr_software.classification 
_pdbx_nmr_software.name 
_pdbx_nmr_software.version 
_pdbx_nmr_software.authors 
_pdbx_nmr_software.ordinal 
'structure solution' X-PLOR  NIH-2.9.7 'BRUNGER, A.T.' 1 
collection           XwinNMR 3.5       Bruker          2 
processing           XwinNMR 3.5       Bruker          3 
'data analysis'      NMRView 5.0.15    'Johnson, B.A.' 4 
refinement           X-PLOR  NIH-2.9.7 'BRUNGER, A.T.' 5 
# 
loop_
_pdbx_unobs_or_zero_occ_residues.id 
_pdbx_unobs_or_zero_occ_residues.PDB_model_num 
_pdbx_unobs_or_zero_occ_residues.polymer_flag 
_pdbx_unobs_or_zero_occ_residues.occupancy_flag 
_pdbx_unobs_or_zero_occ_residues.auth_asym_id 
_pdbx_unobs_or_zero_occ_residues.auth_comp_id 
_pdbx_unobs_or_zero_occ_residues.auth_seq_id 
_pdbx_unobs_or_zero_occ_residues.PDB_ins_code 
_pdbx_unobs_or_zero_occ_residues.label_asym_id 
_pdbx_unobs_or_zero_occ_residues.label_comp_id 
_pdbx_unobs_or_zero_occ_residues.label_seq_id 
1  1 Y 1 A MET -5 ? A MET 1 
2  1 Y 1 A HIS -4 ? A HIS 2 
3  1 Y 1 A HIS -3 ? A HIS 3 
4  1 Y 1 A HIS -2 ? A HIS 4 
5  1 Y 1 A HIS -1 ? A HIS 5 
6  1 Y 1 A HIS 0  ? A HIS 6 
7  1 Y 1 A HIS 1  ? A HIS 7 
8  1 Y 1 B MET -5 ? B MET 1 
9  1 Y 1 B HIS -4 ? B HIS 2 
10 1 Y 1 B HIS -3 ? B HIS 3 
11 1 Y 1 B HIS -2 ? B HIS 4 
12 1 Y 1 B HIS -1 ? B HIS 5 
13 1 Y 1 B HIS 0  ? B HIS 6 
14 1 Y 1 B HIS 1  ? B HIS 7 
# 
loop_
_chem_comp_atom.comp_id 
_chem_comp_atom.atom_id 
_chem_comp_atom.type_symbol 
_chem_comp_atom.pdbx_aromatic_flag 
_chem_comp_atom.pdbx_stereo_config 
_chem_comp_atom.pdbx_ordinal 
ALA N    N N N 1   
ALA CA   C N S 2   
ALA C    C N N 3   
ALA O    O N N 4   
ALA CB   C N N 5   
ALA OXT  O N N 6   
ALA H    H N N 7   
ALA H2   H N N 8   
ALA HA   H N N 9   
ALA HB1  H N N 10  
ALA HB2  H N N 11  
ALA HB3  H N N 12  
ALA HXT  H N N 13  
ARG N    N N N 14  
ARG CA   C N S 15  
ARG C    C N N 16  
ARG O    O N N 17  
ARG CB   C N N 18  
ARG CG   C N N 19  
ARG CD   C N N 20  
ARG NE   N N N 21  
ARG CZ   C N N 22  
ARG NH1  N N N 23  
ARG NH2  N N N 24  
ARG OXT  O N N 25  
ARG H    H N N 26  
ARG H2   H N N 27  
ARG HA   H N N 28  
ARG HB2  H N N 29  
ARG HB3  H N N 30  
ARG HG2  H N N 31  
ARG HG3  H N N 32  
ARG HD2  H N N 33  
ARG HD3  H N N 34  
ARG HE   H N N 35  
ARG HH11 H N N 36  
ARG HH12 H N N 37  
ARG HH21 H N N 38  
ARG HH22 H N N 39  
ARG HXT  H N N 40  
ASN N    N N N 41  
ASN CA   C N S 42  
ASN C    C N N 43  
ASN O    O N N 44  
ASN CB   C N N 45  
ASN CG   C N N 46  
ASN OD1  O N N 47  
ASN ND2  N N N 48  
ASN OXT  O N N 49  
ASN H    H N N 50  
ASN H2   H N N 51  
ASN HA   H N N 52  
ASN HB2  H N N 53  
ASN HB3  H N N 54  
ASN HD21 H N N 55  
ASN HD22 H N N 56  
ASN HXT  H N N 57  
ASP N    N N N 58  
ASP CA   C N S 59  
ASP C    C N N 60  
ASP O    O N N 61  
ASP CB   C N N 62  
ASP CG   C N N 63  
ASP OD1  O N N 64  
ASP OD2  O N N 65  
ASP OXT  O N N 66  
ASP H    H N N 67  
ASP H2   H N N 68  
ASP HA   H N N 69  
ASP HB2  H N N 70  
ASP HB3  H N N 71  
ASP HD2  H N N 72  
ASP HXT  H N N 73  
GLU N    N N N 74  
GLU CA   C N S 75  
GLU C    C N N 76  
GLU O    O N N 77  
GLU CB   C N N 78  
GLU CG   C N N 79  
GLU CD   C N N 80  
GLU OE1  O N N 81  
GLU OE2  O N N 82  
GLU OXT  O N N 83  
GLU H    H N N 84  
GLU H2   H N N 85  
GLU HA   H N N 86  
GLU HB2  H N N 87  
GLU HB3  H N N 88  
GLU HG2  H N N 89  
GLU HG3  H N N 90  
GLU HE2  H N N 91  
GLU HXT  H N N 92  
GLY N    N N N 93  
GLY CA   C N N 94  
GLY C    C N N 95  
GLY O    O N N 96  
GLY OXT  O N N 97  
GLY H    H N N 98  
GLY H2   H N N 99  
GLY HA2  H N N 100 
GLY HA3  H N N 101 
GLY HXT  H N N 102 
HIS N    N N N 103 
HIS CA   C N S 104 
HIS C    C N N 105 
HIS O    O N N 106 
HIS CB   C N N 107 
HIS CG   C Y N 108 
HIS ND1  N Y N 109 
HIS CD2  C Y N 110 
HIS CE1  C Y N 111 
HIS NE2  N Y N 112 
HIS OXT  O N N 113 
HIS H    H N N 114 
HIS H2   H N N 115 
HIS HA   H N N 116 
HIS HB2  H N N 117 
HIS HB3  H N N 118 
HIS HD1  H N N 119 
HIS HD2  H N N 120 
HIS HE1  H N N 121 
HIS HE2  H N N 122 
HIS HXT  H N N 123 
ILE N    N N N 124 
ILE CA   C N S 125 
ILE C    C N N 126 
ILE O    O N N 127 
ILE CB   C N S 128 
ILE CG1  C N N 129 
ILE CG2  C N N 130 
ILE CD1  C N N 131 
ILE OXT  O N N 132 
ILE H    H N N 133 
ILE H2   H N N 134 
ILE HA   H N N 135 
ILE HB   H N N 136 
ILE HG12 H N N 137 
ILE HG13 H N N 138 
ILE HG21 H N N 139 
ILE HG22 H N N 140 
ILE HG23 H N N 141 
ILE HD11 H N N 142 
ILE HD12 H N N 143 
ILE HD13 H N N 144 
ILE HXT  H N N 145 
LEU N    N N N 146 
LEU CA   C N S 147 
LEU C    C N N 148 
LEU O    O N N 149 
LEU CB   C N N 150 
LEU CG   C N N 151 
LEU CD1  C N N 152 
LEU CD2  C N N 153 
LEU OXT  O N N 154 
LEU H    H N N 155 
LEU H2   H N N 156 
LEU HA   H N N 157 
LEU HB2  H N N 158 
LEU HB3  H N N 159 
LEU HG   H N N 160 
LEU HD11 H N N 161 
LEU HD12 H N N 162 
LEU HD13 H N N 163 
LEU HD21 H N N 164 
LEU HD22 H N N 165 
LEU HD23 H N N 166 
LEU HXT  H N N 167 
LYS N    N N N 168 
LYS CA   C N S 169 
LYS C    C N N 170 
LYS O    O N N 171 
LYS CB   C N N 172 
LYS CG   C N N 173 
LYS CD   C N N 174 
LYS CE   C N N 175 
LYS NZ   N N N 176 
LYS OXT  O N N 177 
LYS H    H N N 178 
LYS H2   H N N 179 
LYS HA   H N N 180 
LYS HB2  H N N 181 
LYS HB3  H N N 182 
LYS HG2  H N N 183 
LYS HG3  H N N 184 
LYS HD2  H N N 185 
LYS HD3  H N N 186 
LYS HE2  H N N 187 
LYS HE3  H N N 188 
LYS HZ1  H N N 189 
LYS HZ2  H N N 190 
LYS HZ3  H N N 191 
LYS HXT  H N N 192 
MET N    N N N 193 
MET CA   C N S 194 
MET C    C N N 195 
MET O    O N N 196 
MET CB   C N N 197 
MET CG   C N N 198 
MET SD   S N N 199 
MET CE   C N N 200 
MET OXT  O N N 201 
MET H    H N N 202 
MET H2   H N N 203 
MET HA   H N N 204 
MET HB2  H N N 205 
MET HB3  H N N 206 
MET HG2  H N N 207 
MET HG3  H N N 208 
MET HE1  H N N 209 
MET HE2  H N N 210 
MET HE3  H N N 211 
MET HXT  H N N 212 
PHE N    N N N 213 
PHE CA   C N S 214 
PHE C    C N N 215 
PHE O    O N N 216 
PHE CB   C N N 217 
PHE CG   C Y N 218 
PHE CD1  C Y N 219 
PHE CD2  C Y N 220 
PHE CE1  C Y N 221 
PHE CE2  C Y N 222 
PHE CZ   C Y N 223 
PHE OXT  O N N 224 
PHE H    H N N 225 
PHE H2   H N N 226 
PHE HA   H N N 227 
PHE HB2  H N N 228 
PHE HB3  H N N 229 
PHE HD1  H N N 230 
PHE HD2  H N N 231 
PHE HE1  H N N 232 
PHE HE2  H N N 233 
PHE HZ   H N N 234 
PHE HXT  H N N 235 
PRO N    N N N 236 
PRO CA   C N S 237 
PRO C    C N N 238 
PRO O    O N N 239 
PRO CB   C N N 240 
PRO CG   C N N 241 
PRO CD   C N N 242 
PRO OXT  O N N 243 
PRO H    H N N 244 
PRO HA   H N N 245 
PRO HB2  H N N 246 
PRO HB3  H N N 247 
PRO HG2  H N N 248 
PRO HG3  H N N 249 
PRO HD2  H N N 250 
PRO HD3  H N N 251 
PRO HXT  H N N 252 
SER N    N N N 253 
SER CA   C N S 254 
SER C    C N N 255 
SER O    O N N 256 
SER CB   C N N 257 
SER OG   O N N 258 
SER OXT  O N N 259 
SER H    H N N 260 
SER H2   H N N 261 
SER HA   H N N 262 
SER HB2  H N N 263 
SER HB3  H N N 264 
SER HG   H N N 265 
SER HXT  H N N 266 
THR N    N N N 267 
THR CA   C N S 268 
THR C    C N N 269 
THR O    O N N 270 
THR CB   C N R 271 
THR OG1  O N N 272 
THR CG2  C N N 273 
THR OXT  O N N 274 
THR H    H N N 275 
THR H2   H N N 276 
THR HA   H N N 277 
THR HB   H N N 278 
THR HG1  H N N 279 
THR HG21 H N N 280 
THR HG22 H N N 281 
THR HG23 H N N 282 
THR HXT  H N N 283 
TYR N    N N N 284 
TYR CA   C N S 285 
TYR C    C N N 286 
TYR O    O N N 287 
TYR CB   C N N 288 
TYR CG   C Y N 289 
TYR CD1  C Y N 290 
TYR CD2  C Y N 291 
TYR CE1  C Y N 292 
TYR CE2  C Y N 293 
TYR CZ   C Y N 294 
TYR OH   O N N 295 
TYR OXT  O N N 296 
TYR H    H N N 297 
TYR H2   H N N 298 
TYR HA   H N N 299 
TYR HB2  H N N 300 
TYR HB3  H N N 301 
TYR HD1  H N N 302 
TYR HD2  H N N 303 
TYR HE1  H N N 304 
TYR HE2  H N N 305 
TYR HH   H N N 306 
TYR HXT  H N N 307 
VAL N    N N N 308 
VAL CA   C N S 309 
VAL C    C N N 310 
VAL O    O N N 311 
VAL CB   C N N 312 
VAL CG1  C N N 313 
VAL CG2  C N N 314 
VAL OXT  O N N 315 
VAL H    H N N 316 
VAL H2   H N N 317 
VAL HA   H N N 318 
VAL HB   H N N 319 
VAL HG11 H N N 320 
VAL HG12 H N N 321 
VAL HG13 H N N 322 
VAL HG21 H N N 323 
VAL HG22 H N N 324 
VAL HG23 H N N 325 
VAL HXT  H N N 326 
# 
loop_
_chem_comp_bond.comp_id 
_chem_comp_bond.atom_id_1 
_chem_comp_bond.atom_id_2 
_chem_comp_bond.value_order 
_chem_comp_bond.pdbx_aromatic_flag 
_chem_comp_bond.pdbx_stereo_config 
_chem_comp_bond.pdbx_ordinal 
ALA N   CA   sing N N 1   
ALA N   H    sing N N 2   
ALA N   H2   sing N N 3   
ALA CA  C    sing N N 4   
ALA CA  CB   sing N N 5   
ALA CA  HA   sing N N 6   
ALA C   O    doub N N 7   
ALA C   OXT  sing N N 8   
ALA CB  HB1  sing N N 9   
ALA CB  HB2  sing N N 10  
ALA CB  HB3  sing N N 11  
ALA OXT HXT  sing N N 12  
ARG N   CA   sing N N 13  
ARG N   H    sing N N 14  
ARG N   H2   sing N N 15  
ARG CA  C    sing N N 16  
ARG CA  CB   sing N N 17  
ARG CA  HA   sing N N 18  
ARG C   O    doub N N 19  
ARG C   OXT  sing N N 20  
ARG CB  CG   sing N N 21  
ARG CB  HB2  sing N N 22  
ARG CB  HB3  sing N N 23  
ARG CG  CD   sing N N 24  
ARG CG  HG2  sing N N 25  
ARG CG  HG3  sing N N 26  
ARG CD  NE   sing N N 27  
ARG CD  HD2  sing N N 28  
ARG CD  HD3  sing N N 29  
ARG NE  CZ   sing N N 30  
ARG NE  HE   sing N N 31  
ARG CZ  NH1  sing N N 32  
ARG CZ  NH2  doub N N 33  
ARG NH1 HH11 sing N N 34  
ARG NH1 HH12 sing N N 35  
ARG NH2 HH21 sing N N 36  
ARG NH2 HH22 sing N N 37  
ARG OXT HXT  sing N N 38  
ASN N   CA   sing N N 39  
ASN N   H    sing N N 40  
ASN N   H2   sing N N 41  
ASN CA  C    sing N N 42  
ASN CA  CB   sing N N 43  
ASN CA  HA   sing N N 44  
ASN C   O    doub N N 45  
ASN C   OXT  sing N N 46  
ASN CB  CG   sing N N 47  
ASN CB  HB2  sing N N 48  
ASN CB  HB3  sing N N 49  
ASN CG  OD1  doub N N 50  
ASN CG  ND2  sing N N 51  
ASN ND2 HD21 sing N N 52  
ASN ND2 HD22 sing N N 53  
ASN OXT HXT  sing N N 54  
ASP N   CA   sing N N 55  
ASP N   H    sing N N 56  
ASP N   H2   sing N N 57  
ASP CA  C    sing N N 58  
ASP CA  CB   sing N N 59  
ASP CA  HA   sing N N 60  
ASP C   O    doub N N 61  
ASP C   OXT  sing N N 62  
ASP CB  CG   sing N N 63  
ASP CB  HB2  sing N N 64  
ASP CB  HB3  sing N N 65  
ASP CG  OD1  doub N N 66  
ASP CG  OD2  sing N N 67  
ASP OD2 HD2  sing N N 68  
ASP OXT HXT  sing N N 69  
GLU N   CA   sing N N 70  
GLU N   H    sing N N 71  
GLU N   H2   sing N N 72  
GLU CA  C    sing N N 73  
GLU CA  CB   sing N N 74  
GLU CA  HA   sing N N 75  
GLU C   O    doub N N 76  
GLU C   OXT  sing N N 77  
GLU CB  CG   sing N N 78  
GLU CB  HB2  sing N N 79  
GLU CB  HB3  sing N N 80  
GLU CG  CD   sing N N 81  
GLU CG  HG2  sing N N 82  
GLU CG  HG3  sing N N 83  
GLU CD  OE1  doub N N 84  
GLU CD  OE2  sing N N 85  
GLU OE2 HE2  sing N N 86  
GLU OXT HXT  sing N N 87  
GLY N   CA   sing N N 88  
GLY N   H    sing N N 89  
GLY N   H2   sing N N 90  
GLY CA  C    sing N N 91  
GLY CA  HA2  sing N N 92  
GLY CA  HA3  sing N N 93  
GLY C   O    doub N N 94  
GLY C   OXT  sing N N 95  
GLY OXT HXT  sing N N 96  
HIS N   CA   sing N N 97  
HIS N   H    sing N N 98  
HIS N   H2   sing N N 99  
HIS CA  C    sing N N 100 
HIS CA  CB   sing N N 101 
HIS CA  HA   sing N N 102 
HIS C   O    doub N N 103 
HIS C   OXT  sing N N 104 
HIS CB  CG   sing N N 105 
HIS CB  HB2  sing N N 106 
HIS CB  HB3  sing N N 107 
HIS CG  ND1  sing Y N 108 
HIS CG  CD2  doub Y N 109 
HIS ND1 CE1  doub Y N 110 
HIS ND1 HD1  sing N N 111 
HIS CD2 NE2  sing Y N 112 
HIS CD2 HD2  sing N N 113 
HIS CE1 NE2  sing Y N 114 
HIS CE1 HE1  sing N N 115 
HIS NE2 HE2  sing N N 116 
HIS OXT HXT  sing N N 117 
ILE N   CA   sing N N 118 
ILE N   H    sing N N 119 
ILE N   H2   sing N N 120 
ILE CA  C    sing N N 121 
ILE CA  CB   sing N N 122 
ILE CA  HA   sing N N 123 
ILE C   O    doub N N 124 
ILE C   OXT  sing N N 125 
ILE CB  CG1  sing N N 126 
ILE CB  CG2  sing N N 127 
ILE CB  HB   sing N N 128 
ILE CG1 CD1  sing N N 129 
ILE CG1 HG12 sing N N 130 
ILE CG1 HG13 sing N N 131 
ILE CG2 HG21 sing N N 132 
ILE CG2 HG22 sing N N 133 
ILE CG2 HG23 sing N N 134 
ILE CD1 HD11 sing N N 135 
ILE CD1 HD12 sing N N 136 
ILE CD1 HD13 sing N N 137 
ILE OXT HXT  sing N N 138 
LEU N   CA   sing N N 139 
LEU N   H    sing N N 140 
LEU N   H2   sing N N 141 
LEU CA  C    sing N N 142 
LEU CA  CB   sing N N 143 
LEU CA  HA   sing N N 144 
LEU C   O    doub N N 145 
LEU C   OXT  sing N N 146 
LEU CB  CG   sing N N 147 
LEU CB  HB2  sing N N 148 
LEU CB  HB3  sing N N 149 
LEU CG  CD1  sing N N 150 
LEU CG  CD2  sing N N 151 
LEU CG  HG   sing N N 152 
LEU CD1 HD11 sing N N 153 
LEU CD1 HD12 sing N N 154 
LEU CD1 HD13 sing N N 155 
LEU CD2 HD21 sing N N 156 
LEU CD2 HD22 sing N N 157 
LEU CD2 HD23 sing N N 158 
LEU OXT HXT  sing N N 159 
LYS N   CA   sing N N 160 
LYS N   H    sing N N 161 
LYS N   H2   sing N N 162 
LYS CA  C    sing N N 163 
LYS CA  CB   sing N N 164 
LYS CA  HA   sing N N 165 
LYS C   O    doub N N 166 
LYS C   OXT  sing N N 167 
LYS CB  CG   sing N N 168 
LYS CB  HB2  sing N N 169 
LYS CB  HB3  sing N N 170 
LYS CG  CD   sing N N 171 
LYS CG  HG2  sing N N 172 
LYS CG  HG3  sing N N 173 
LYS CD  CE   sing N N 174 
LYS CD  HD2  sing N N 175 
LYS CD  HD3  sing N N 176 
LYS CE  NZ   sing N N 177 
LYS CE  HE2  sing N N 178 
LYS CE  HE3  sing N N 179 
LYS NZ  HZ1  sing N N 180 
LYS NZ  HZ2  sing N N 181 
LYS NZ  HZ3  sing N N 182 
LYS OXT HXT  sing N N 183 
MET N   CA   sing N N 184 
MET N   H    sing N N 185 
MET N   H2   sing N N 186 
MET CA  C    sing N N 187 
MET CA  CB   sing N N 188 
MET CA  HA   sing N N 189 
MET C   O    doub N N 190 
MET C   OXT  sing N N 191 
MET CB  CG   sing N N 192 
MET CB  HB2  sing N N 193 
MET CB  HB3  sing N N 194 
MET CG  SD   sing N N 195 
MET CG  HG2  sing N N 196 
MET CG  HG3  sing N N 197 
MET SD  CE   sing N N 198 
MET CE  HE1  sing N N 199 
MET CE  HE2  sing N N 200 
MET CE  HE3  sing N N 201 
MET OXT HXT  sing N N 202 
PHE N   CA   sing N N 203 
PHE N   H    sing N N 204 
PHE N   H2   sing N N 205 
PHE CA  C    sing N N 206 
PHE CA  CB   sing N N 207 
PHE CA  HA   sing N N 208 
PHE C   O    doub N N 209 
PHE C   OXT  sing N N 210 
PHE CB  CG   sing N N 211 
PHE CB  HB2  sing N N 212 
PHE CB  HB3  sing N N 213 
PHE CG  CD1  doub Y N 214 
PHE CG  CD2  sing Y N 215 
PHE CD1 CE1  sing Y N 216 
PHE CD1 HD1  sing N N 217 
PHE CD2 CE2  doub Y N 218 
PHE CD2 HD2  sing N N 219 
PHE CE1 CZ   doub Y N 220 
PHE CE1 HE1  sing N N 221 
PHE CE2 CZ   sing Y N 222 
PHE CE2 HE2  sing N N 223 
PHE CZ  HZ   sing N N 224 
PHE OXT HXT  sing N N 225 
PRO N   CA   sing N N 226 
PRO N   CD   sing N N 227 
PRO N   H    sing N N 228 
PRO CA  C    sing N N 229 
PRO CA  CB   sing N N 230 
PRO CA  HA   sing N N 231 
PRO C   O    doub N N 232 
PRO C   OXT  sing N N 233 
PRO CB  CG   sing N N 234 
PRO CB  HB2  sing N N 235 
PRO CB  HB3  sing N N 236 
PRO CG  CD   sing N N 237 
PRO CG  HG2  sing N N 238 
PRO CG  HG3  sing N N 239 
PRO CD  HD2  sing N N 240 
PRO CD  HD3  sing N N 241 
PRO OXT HXT  sing N N 242 
SER N   CA   sing N N 243 
SER N   H    sing N N 244 
SER N   H2   sing N N 245 
SER CA  C    sing N N 246 
SER CA  CB   sing N N 247 
SER CA  HA   sing N N 248 
SER C   O    doub N N 249 
SER C   OXT  sing N N 250 
SER CB  OG   sing N N 251 
SER CB  HB2  sing N N 252 
SER CB  HB3  sing N N 253 
SER OG  HG   sing N N 254 
SER OXT HXT  sing N N 255 
THR N   CA   sing N N 256 
THR N   H    sing N N 257 
THR N   H2   sing N N 258 
THR CA  C    sing N N 259 
THR CA  CB   sing N N 260 
THR CA  HA   sing N N 261 
THR C   O    doub N N 262 
THR C   OXT  sing N N 263 
THR CB  OG1  sing N N 264 
THR CB  CG2  sing N N 265 
THR CB  HB   sing N N 266 
THR OG1 HG1  sing N N 267 
THR CG2 HG21 sing N N 268 
THR CG2 HG22 sing N N 269 
THR CG2 HG23 sing N N 270 
THR OXT HXT  sing N N 271 
TYR N   CA   sing N N 272 
TYR N   H    sing N N 273 
TYR N   H2   sing N N 274 
TYR CA  C    sing N N 275 
TYR CA  CB   sing N N 276 
TYR CA  HA   sing N N 277 
TYR C   O    doub N N 278 
TYR C   OXT  sing N N 279 
TYR CB  CG   sing N N 280 
TYR CB  HB2  sing N N 281 
TYR CB  HB3  sing N N 282 
TYR CG  CD1  doub Y N 283 
TYR CG  CD2  sing Y N 284 
TYR CD1 CE1  sing Y N 285 
TYR CD1 HD1  sing N N 286 
TYR CD2 CE2  doub Y N 287 
TYR CD2 HD2  sing N N 288 
TYR CE1 CZ   doub Y N 289 
TYR CE1 HE1  sing N N 290 
TYR CE2 CZ   sing Y N 291 
TYR CE2 HE2  sing N N 292 
TYR CZ  OH   sing N N 293 
TYR OH  HH   sing N N 294 
TYR OXT HXT  sing N N 295 
VAL N   CA   sing N N 296 
VAL N   H    sing N N 297 
VAL N   H2   sing N N 298 
VAL CA  C    sing N N 299 
VAL CA  CB   sing N N 300 
VAL CA  HA   sing N N 301 
VAL C   O    doub N N 302 
VAL C   OXT  sing N N 303 
VAL CB  CG1  sing N N 304 
VAL CB  CG2  sing N N 305 
VAL CB  HB   sing N N 306 
VAL CG1 HG11 sing N N 307 
VAL CG1 HG12 sing N N 308 
VAL CG1 HG13 sing N N 309 
VAL CG2 HG21 sing N N 310 
VAL CG2 HG22 sing N N 311 
VAL CG2 HG23 sing N N 312 
VAL OXT HXT  sing N N 313 
# 
loop_
_pdbx_nmr_spectrometer.spectrometer_id 
_pdbx_nmr_spectrometer.model 
_pdbx_nmr_spectrometer.manufacturer 
_pdbx_nmr_spectrometer.field_strength 
_pdbx_nmr_spectrometer.type 
1 DMX Bruker 600 ? 
2 DMX Bruker 750 ? 
3 DMX Bruker 900 ? 
# 
_atom_sites.entry_id                    1YFB 
_atom_sites.fract_transf_matrix[1][1]   1.000000 
_atom_sites.fract_transf_matrix[1][2]   0.000000 
_atom_sites.fract_transf_matrix[1][3]   0.000000 
_atom_sites.fract_transf_matrix[2][1]   0.000000 
_atom_sites.fract_transf_matrix[2][2]   1.000000 
_atom_sites.fract_transf_matrix[2][3]   0.000000 
_atom_sites.fract_transf_matrix[3][1]   0.000000 
_atom_sites.fract_transf_matrix[3][2]   0.000000 
_atom_sites.fract_transf_matrix[3][3]   1.000000 
_atom_sites.fract_transf_vector[1]      0.00000 
_atom_sites.fract_transf_vector[2]      0.00000 
_atom_sites.fract_transf_vector[3]      0.00000 
# 
loop_
_atom_type.symbol 
C 
H 
N 
O 
S 
# 
loop_
_atom_site.group_PDB 
_atom_site.id 
_atom_site.type_symbol 
_atom_site.label_atom_id 
_atom_site.label_alt_id 
_atom_site.label_comp_id 
_atom_site.label_asym_id 
_atom_site.label_entity_id 
_atom_site.label_seq_id 
_atom_site.pdbx_PDB_ins_code 
_atom_site.Cartn_x 
_atom_site.Cartn_y 
_atom_site.Cartn_z 
_atom_site.occupancy 
_atom_site.B_iso_or_equiv 
_atom_site.pdbx_formal_charge 
_atom_site.auth_seq_id 
_atom_site.auth_comp_id 
_atom_site.auth_asym_id 
_atom_site.auth_atom_id 
_atom_site.pdbx_PDB_model_num 
ATOM 1    N N    . PHE A 1 8  ? -14.901 -14.013 8.372   1.00 8.95  ? 2  PHE A N    1 
ATOM 2    C CA   . PHE A 1 8  ? -13.720 -13.104 8.443   1.00 8.27  ? 2  PHE A CA   1 
ATOM 3    C C    . PHE A 1 8  ? -13.057 -12.988 7.068   1.00 7.24  ? 2  PHE A C    1 
ATOM 4    O O    . PHE A 1 8  ? -13.274 -13.803 6.193   1.00 7.05  ? 2  PHE A O    1 
ATOM 5    C CB   . PHE A 1 8  ? -12.771 -13.768 9.442   1.00 8.63  ? 2  PHE A CB   1 
ATOM 6    C CG   . PHE A 1 8  ? -12.283 -15.081 8.876   1.00 9.10  ? 2  PHE A CG   1 
ATOM 7    C CD1  . PHE A 1 8  ? -13.050 -16.240 9.037   1.00 9.38  ? 2  PHE A CD1  1 
ATOM 8    C CD2  . PHE A 1 8  ? -11.063 -15.137 8.191   1.00 9.54  ? 2  PHE A CD2  1 
ATOM 9    C CE1  . PHE A 1 8  ? -12.597 -17.457 8.513   1.00 10.06 ? 2  PHE A CE1  1 
ATOM 10   C CE2  . PHE A 1 8  ? -10.610 -16.354 7.667   1.00 10.22 ? 2  PHE A CE2  1 
ATOM 11   C CZ   . PHE A 1 8  ? -11.377 -17.514 7.828   1.00 10.46 ? 2  PHE A CZ   1 
ATOM 12   H H    . PHE A 1 8  ? -14.839 -14.860 7.881   1.00 9.14  ? 2  PHE A H    1 
ATOM 13   H HA   . PHE A 1 8  ? -14.013 -12.132 8.805   1.00 8.55  ? 2  PHE A HA   1 
ATOM 14   H HB2  . PHE A 1 8  ? -11.927 -13.118 9.623   1.00 8.92  ? 2  PHE A HB2  1 
ATOM 15   H HB3  . PHE A 1 8  ? -13.292 -13.949 10.369  1.00 8.55  ? 2  PHE A HB3  1 
ATOM 16   H HD1  . PHE A 1 8  ? -13.991 -16.197 9.566   1.00 9.25  ? 2  PHE A HD1  1 
ATOM 17   H HD2  . PHE A 1 8  ? -10.471 -14.242 8.067   1.00 9.53  ? 2  PHE A HD2  1 
ATOM 18   H HE1  . PHE A 1 8  ? -13.189 -18.353 8.638   1.00 10.44 ? 2  PHE A HE1  1 
ATOM 19   H HE2  . PHE A 1 8  ? -9.669  -16.398 7.139   1.00 10.71 ? 2  PHE A HE2  1 
ATOM 20   H HZ   . PHE A 1 8  ? -11.028 -18.453 7.424   1.00 11.12 ? 2  PHE A HZ   1 
ATOM 21   N N    . MET A 1 9  ? -12.242 -11.988 6.874   1.00 6.80  ? 3  MET A N    1 
ATOM 22   C CA   . MET A 1 9  ? -11.557 -11.829 5.559   1.00 6.02  ? 3  MET A CA   1 
ATOM 23   C C    . MET A 1 9  ? -10.132 -12.383 5.637   1.00 5.04  ? 3  MET A C    1 
ATOM 24   O O    . MET A 1 9  ? -9.439  -12.206 6.618   1.00 5.14  ? 3  MET A O    1 
ATOM 25   C CB   . MET A 1 9  ? -11.535 -10.321 5.305   1.00 6.59  ? 3  MET A CB   1 
ATOM 26   C CG   . MET A 1 9  ? -12.967 -9.810  5.143   1.00 7.72  ? 3  MET A CG   1 
ATOM 27   S SD   . MET A 1 9  ? -12.935 -8.065  4.661   1.00 8.46  ? 3  MET A SD   1 
ATOM 28   C CE   . MET A 1 9  ? -12.052 -7.445  6.114   1.00 8.44  ? 3  MET A CE   1 
ATOM 29   H H    . MET A 1 9  ? -12.073 -11.346 7.595   1.00 7.15  ? 3  MET A H    1 
ATOM 30   H HA   . MET A 1 9  ? -12.114 -12.327 4.781   1.00 6.10  ? 3  MET A HA   1 
ATOM 31   H HB2  . MET A 1 9  ? -11.065 -9.822  6.140   1.00 6.76  ? 3  MET A HB2  1 
ATOM 32   H HB3  . MET A 1 9  ? -10.977 -10.117 4.403   1.00 6.29  ? 3  MET A HB3  1 
ATOM 33   H HG2  . MET A 1 9  ? -13.471 -10.384 4.380   1.00 7.86  ? 3  MET A HG2  1 
ATOM 34   H HG3  . MET A 1 9  ? -13.494 -9.915  6.079   1.00 8.19  ? 3  MET A HG3  1 
ATOM 35   H HE1  . MET A 1 9  ? -12.301 -8.054  6.972   1.00 8.43  ? 3  MET A HE1  1 
ATOM 36   H HE2  . MET A 1 9  ? -12.342 -6.425  6.304   1.00 8.59  ? 3  MET A HE2  1 
ATOM 37   H HE3  . MET A 1 9  ? -10.987 -7.488  5.932   1.00 8.61  ? 3  MET A HE3  1 
ATOM 38   N N    . LYS A 1 10 ? -9.699  -13.077 4.619   1.00 4.44  ? 4  LYS A N    1 
ATOM 39   C CA   . LYS A 1 10 ? -8.332  -13.670 4.648   1.00 3.84  ? 4  LYS A CA   1 
ATOM 40   C C    . LYS A 1 10 ? -7.318  -12.709 4.020   1.00 3.23  ? 4  LYS A C    1 
ATOM 41   O O    . LYS A 1 10 ? -7.534  -12.174 2.950   1.00 3.37  ? 4  LYS A O    1 
ATOM 42   C CB   . LYS A 1 10 ? -8.437  -14.951 3.822   1.00 4.00  ? 4  LYS A CB   1 
ATOM 43   C CG   . LYS A 1 10 ? -7.143  -15.756 3.959   1.00 4.55  ? 4  LYS A CG   1 
ATOM 44   C CD   . LYS A 1 10 ? -7.223  -17.007 3.083   1.00 5.27  ? 4  LYS A CD   1 
ATOM 45   C CE   . LYS A 1 10 ? -5.993  -17.885 3.335   1.00 6.01  ? 4  LYS A CE   1 
ATOM 46   N NZ   . LYS A 1 10 ? -5.859  -18.716 2.106   1.00 6.50  ? 4  LYS A NZ   1 
ATOM 47   H H    . LYS A 1 10 ? -10.282 -13.226 3.845   1.00 4.70  ? 4  LYS A H    1 
ATOM 48   H HA   . LYS A 1 10 ? -8.047  -13.908 5.661   1.00 4.22  ? 4  LYS A HA   1 
ATOM 49   H HB2  . LYS A 1 10 ? -9.269  -15.541 4.178   1.00 4.08  ? 4  LYS A HB2  1 
ATOM 50   H HB3  . LYS A 1 10 ? -8.593  -14.699 2.784   1.00 4.18  ? 4  LYS A HB3  1 
ATOM 51   H HG2  . LYS A 1 10 ? -6.307  -15.147 3.646   1.00 4.77  ? 4  LYS A HG2  1 
ATOM 52   H HG3  . LYS A 1 10 ? -7.009  -16.048 4.990   1.00 4.65  ? 4  LYS A HG3  1 
ATOM 53   H HD2  . LYS A 1 10 ? -8.118  -17.561 3.328   1.00 5.37  ? 4  LYS A HD2  1 
ATOM 54   H HD3  . LYS A 1 10 ? -7.250  -16.718 2.044   1.00 5.53  ? 4  LYS A HD3  1 
ATOM 55   H HE2  . LYS A 1 10 ? -5.116  -17.269 3.473   1.00 6.39  ? 4  LYS A HE2  1 
ATOM 56   H HE3  . LYS A 1 10 ? -6.152  -18.518 4.193   1.00 6.13  ? 4  LYS A HE3  1 
ATOM 57   H HZ1  . LYS A 1 10 ? -6.487  -19.542 2.174   1.00 6.76  ? 4  LYS A HZ1  1 
ATOM 58   H HZ2  . LYS A 1 10 ? -4.873  -19.036 2.012   1.00 6.56  ? 4  LYS A HZ2  1 
ATOM 59   H HZ3  . LYS A 1 10 ? -6.122  -18.151 1.274   1.00 6.84  ? 4  LYS A HZ3  1 
ATOM 60   N N    . SER A 1 11 ? -6.190  -12.530 4.652   1.00 2.84  ? 5  SER A N    1 
ATOM 61   C CA   . SER A 1 11 ? -5.134  -11.656 4.063   1.00 2.22  ? 5  SER A CA   1 
ATOM 62   C C    . SER A 1 11 ? -3.864  -12.474 3.810   1.00 1.21  ? 5  SER A C    1 
ATOM 63   O O    . SER A 1 11 ? -3.651  -13.506 4.415   1.00 1.13  ? 5  SER A O    1 
ATOM 64   C CB   . SER A 1 11 ? -4.877  -10.579 5.117   1.00 2.55  ? 5  SER A CB   1 
ATOM 65   O OG   . SER A 1 11 ? -4.331  -11.182 6.282   1.00 2.99  ? 5  SER A OG   1 
ATOM 66   H H    . SER A 1 11 ? -6.020  -13.003 5.493   1.00 3.15  ? 5  SER A H    1 
ATOM 67   H HA   . SER A 1 11 ? -5.482  -11.204 3.148   1.00 2.49  ? 5  SER A HA   1 
ATOM 68   H HB2  . SER A 1 11 ? -4.180  -9.854  4.732   1.00 2.72  ? 5  SER A HB2  1 
ATOM 69   H HB3  . SER A 1 11 ? -5.809  -10.084 5.358   1.00 2.95  ? 5  SER A HB3  1 
ATOM 70   H HG   . SER A 1 11 ? -4.322  -10.524 6.980   1.00 3.38  ? 5  SER A HG   1 
ATOM 71   N N    . THR A 1 12 ? -3.037  -12.047 2.895   1.00 0.89  ? 6  THR A N    1 
ATOM 72   C CA   . THR A 1 12 ? -1.811  -12.834 2.583   1.00 0.79  ? 6  THR A CA   1 
ATOM 73   C C    . THR A 1 12 ? -0.898  -12.898 3.809   1.00 0.72  ? 6  THR A C    1 
ATOM 74   O O    . THR A 1 12 ? -0.253  -13.897 4.062   1.00 0.99  ? 6  THR A O    1 
ATOM 75   C CB   . THR A 1 12 ? -1.126  -12.075 1.445   1.00 1.70  ? 6  THR A CB   1 
ATOM 76   O OG1  . THR A 1 12 ? -0.747  -10.784 1.900   1.00 2.04  ? 6  THR A OG1  1 
ATOM 77   C CG2  . THR A 1 12 ? -2.091  -11.941 0.266   1.00 2.05  ? 6  THR A CG2  1 
ATOM 78   H H    . THR A 1 12 ? -3.237  -11.227 2.396   1.00 1.36  ? 6  THR A H    1 
ATOM 79   H HA   . THR A 1 12 ? -2.074  -13.828 2.257   1.00 1.01  ? 6  THR A HA   1 
ATOM 80   H HB   . THR A 1 12 ? -0.249  -12.617 1.126   1.00 2.15  ? 6  THR A HB   1 
ATOM 81   H HG1  . THR A 1 12 ? -0.393  -10.298 1.151   1.00 2.54  ? 6  THR A HG1  1 
ATOM 82   H HG21 . THR A 1 12 ? -2.830  -11.186 0.490   1.00 2.35  ? 6  THR A HG21 1 
ATOM 83   H HG22 . THR A 1 12 ? -2.584  -12.887 0.095   1.00 2.24  ? 6  THR A HG22 1 
ATOM 84   H HG23 . THR A 1 12 ? -1.541  -11.657 -0.618  1.00 2.46  ? 6  THR A HG23 1 
ATOM 85   N N    . GLY A 1 13 ? -0.864  -11.855 4.593   1.00 0.45  ? 7  GLY A N    1 
ATOM 86   C CA   . GLY A 1 13 ? -0.022  -11.880 5.822   1.00 0.55  ? 7  GLY A CA   1 
ATOM 87   C C    . GLY A 1 13 ? 1.456   -11.842 5.433   1.00 0.52  ? 7  GLY A C    1 
ATOM 88   O O    . GLY A 1 13 ? 2.262   -12.589 5.953   1.00 0.69  ? 7  GLY A O    1 
ATOM 89   H H    . GLY A 1 13 ? -1.412  -11.069 4.387   1.00 0.31  ? 7  GLY A H    1 
ATOM 90   H HA2  . GLY A 1 13 ? -0.257  -11.020 6.435   1.00 0.53  ? 7  GLY A HA2  1 
ATOM 91   H HA3  . GLY A 1 13 ? -0.222  -12.783 6.377   1.00 0.75  ? 7  GLY A HA3  1 
ATOM 92   N N    . ILE A 1 14 ? 1.826   -10.975 4.530   1.00 0.35  ? 8  ILE A N    1 
ATOM 93   C CA   . ILE A 1 14 ? 3.263   -10.894 4.125   1.00 0.38  ? 8  ILE A CA   1 
ATOM 94   C C    . ILE A 1 14 ? 3.837   -9.530  4.509   1.00 0.29  ? 8  ILE A C    1 
ATOM 95   O O    . ILE A 1 14 ? 3.188   -8.520  4.371   1.00 0.24  ? 8  ILE A O    1 
ATOM 96   C CB   . ILE A 1 14 ? 3.262   -11.061 2.608   1.00 0.43  ? 8  ILE A CB   1 
ATOM 97   C CG1  . ILE A 1 14 ? 2.527   -12.352 2.237   1.00 0.51  ? 8  ILE A CG1  1 
ATOM 98   C CG2  . ILE A 1 14 ? 4.704   -11.134 2.102   1.00 0.53  ? 8  ILE A CG2  1 
ATOM 99   C CD1  . ILE A 1 14 ? 2.417   -12.458 0.715   1.00 1.28  ? 8  ILE A CD1  1 
ATOM 100  H H    . ILE A 1 14 ? 1.163   -10.371 4.125   1.00 0.27  ? 8  ILE A H    1 
ATOM 101  H HA   . ILE A 1 14 ? 3.830   -11.688 4.585   1.00 0.46  ? 8  ILE A HA   1 
ATOM 102  H HB   . ILE A 1 14 ? 2.768   -10.217 2.159   1.00 0.39  ? 8  ILE A HB   1 
ATOM 103  H HG12 . ILE A 1 14 ? 3.076   -13.201 2.618   1.00 1.05  ? 8  ILE A HG12 1 
ATOM 104  H HG13 . ILE A 1 14 ? 1.537   -12.339 2.667   1.00 0.97  ? 8  ILE A HG13 1 
ATOM 105  H HG21 . ILE A 1 14 ? 5.383   -11.072 2.939   1.00 1.09  ? 8  ILE A HG21 1 
ATOM 106  H HG22 . ILE A 1 14 ? 4.890   -10.312 1.426   1.00 1.19  ? 8  ILE A HG22 1 
ATOM 107  H HG23 . ILE A 1 14 ? 4.856   -12.068 1.583   1.00 1.17  ? 8  ILE A HG23 1 
ATOM 108  H HD11 . ILE A 1 14 ? 1.796   -11.656 0.342   1.00 1.81  ? 8  ILE A HD11 1 
ATOM 109  H HD12 . ILE A 1 14 ? 1.975   -13.408 0.451   1.00 1.96  ? 8  ILE A HD12 1 
ATOM 110  H HD13 . ILE A 1 14 ? 3.401   -12.384 0.276   1.00 1.75  ? 8  ILE A HD13 1 
ATOM 111  N N    . VAL A 1 15 ? 5.006   -9.503  5.077   1.00 0.31  ? 9  VAL A N    1 
ATOM 112  C CA   . VAL A 1 15 ? 5.560   -8.206  5.569   1.00 0.25  ? 9  VAL A CA   1 
ATOM 113  C C    . VAL A 1 15 ? 6.847   -7.843  4.824   1.00 0.25  ? 9  VAL A C    1 
ATOM 114  O O    . VAL A 1 15 ? 7.660   -8.690  4.512   1.00 0.30  ? 9  VAL A O    1 
ATOM 115  C CB   . VAL A 1 15 ? 5.839   -8.429  7.055   1.00 0.27  ? 9  VAL A CB   1 
ATOM 116  C CG1  . VAL A 1 15 ? 6.461   -7.166  7.655   1.00 0.24  ? 9  VAL A CG1  1 
ATOM 117  C CG2  . VAL A 1 15 ? 4.524   -8.739  7.780   1.00 0.28  ? 9  VAL A CG2  1 
ATOM 118  H H    . VAL A 1 15 ? 5.486   -10.339 5.244   1.00 0.38  ? 9  VAL A H    1 
ATOM 119  H HA   . VAL A 1 15 ? 4.827   -7.426  5.453   1.00 0.23  ? 9  VAL A HA   1 
ATOM 120  H HB   . VAL A 1 15 ? 6.523   -9.254  7.172   1.00 0.30  ? 9  VAL A HB   1 
ATOM 121  H HG11 . VAL A 1 15 ? 6.777   -6.507  6.859   1.00 0.99  ? 9  VAL A HG11 1 
ATOM 122  H HG12 . VAL A 1 15 ? 7.314   -7.436  8.260   1.00 1.00  ? 9  VAL A HG12 1 
ATOM 123  H HG13 . VAL A 1 15 ? 5.729   -6.661  8.269   1.00 0.98  ? 9  VAL A HG13 1 
ATOM 124  H HG21 . VAL A 1 15 ? 4.737   -9.223  8.721   1.00 1.12  ? 9  VAL A HG21 1 
ATOM 125  H HG22 . VAL A 1 15 ? 3.922   -9.393  7.167   1.00 1.06  ? 9  VAL A HG22 1 
ATOM 126  H HG23 . VAL A 1 15 ? 3.982   -7.818  7.962   1.00 0.96  ? 9  VAL A HG23 1 
ATOM 127  N N    . ARG A 1 16 ? 7.051   -6.577  4.573   1.00 0.22  ? 10 ARG A N    1 
ATOM 128  C CA   . ARG A 1 16 ? 8.299   -6.133  3.889   1.00 0.25  ? 10 ARG A CA   1 
ATOM 129  C C    . ARG A 1 16 ? 8.965   -5.017  4.698   1.00 0.21  ? 10 ARG A C    1 
ATOM 130  O O    . ARG A 1 16 ? 8.333   -4.364  5.502   1.00 0.20  ? 10 ARG A O    1 
ATOM 131  C CB   . ARG A 1 16 ? 7.844   -5.614  2.524   1.00 0.27  ? 10 ARG A CB   1 
ATOM 132  C CG   . ARG A 1 16 ? 9.067   -5.231  1.690   1.00 0.33  ? 10 ARG A CG   1 
ATOM 133  C CD   . ARG A 1 16 ? 9.799   -6.498  1.243   1.00 1.06  ? 10 ARG A CD   1 
ATOM 134  N NE   . ARG A 1 16 ? 11.007  -6.011  0.521   1.00 1.33  ? 10 ARG A NE   1 
ATOM 135  C CZ   . ARG A 1 16 ? 11.943  -6.850  0.169   1.00 1.82  ? 10 ARG A CZ   1 
ATOM 136  N NH1  . ARG A 1 16 ? 11.826  -8.120  0.447   1.00 2.40  ? 10 ARG A NH1  1 
ATOM 137  N NH2  . ARG A 1 16 ? 13.000  -6.417  -0.464  1.00 2.40  ? 10 ARG A NH2  1 
ATOM 138  H H    . ARG A 1 16 ? 6.394   -5.911  4.869   1.00 0.20  ? 10 ARG A H    1 
ATOM 139  H HA   . ARG A 1 16 ? 8.978   -6.963  3.764   1.00 0.28  ? 10 ARG A HA   1 
ATOM 140  H HB2  . ARG A 1 16 ? 7.286   -6.386  2.015   1.00 0.29  ? 10 ARG A HB2  1 
ATOM 141  H HB3  . ARG A 1 16 ? 7.217   -4.746  2.661   1.00 0.25  ? 10 ARG A HB3  1 
ATOM 142  H HG2  . ARG A 1 16 ? 8.749   -4.672  0.821   1.00 0.94  ? 10 ARG A HG2  1 
ATOM 143  H HG3  . ARG A 1 16 ? 9.733   -4.623  2.284   1.00 0.96  ? 10 ARG A HG3  1 
ATOM 144  H HD2  . ARG A 1 16 ? 10.084  -7.088  2.104   1.00 1.81  ? 10 ARG A HD2  1 
ATOM 145  H HD3  . ARG A 1 16 ? 9.179   -7.076  0.578   1.00 1.60  ? 10 ARG A HD3  1 
ATOM 146  H HE   . ARG A 1 16 ? 11.099  -5.058  0.311   1.00 1.82  ? 10 ARG A HE   1 
ATOM 147  H HH11 . ARG A 1 16 ? 11.018  -8.456  0.930   1.00 2.39  ? 10 ARG A HH11 1 
ATOM 148  H HH12 . ARG A 1 16 ? 12.546  -8.759  0.174   1.00 3.14  ? 10 ARG A HH12 1 
ATOM 149  H HH21 . ARG A 1 16 ? 13.091  -5.444  -0.677  1.00 2.59  ? 10 ARG A HH21 1 
ATOM 150  H HH22 . ARG A 1 16 ? 13.718  -7.058  -0.734  1.00 2.95  ? 10 ARG A HH22 1 
ATOM 151  N N    . LYS A 1 17 ? 10.236  -4.799  4.503   1.00 0.22  ? 11 LYS A N    1 
ATOM 152  C CA   . LYS A 1 17 ? 10.934  -3.731  5.278   1.00 0.21  ? 11 LYS A CA   1 
ATOM 153  C C    . LYS A 1 17 ? 10.710  -2.366  4.623   1.00 0.18  ? 11 LYS A C    1 
ATOM 154  O O    . LYS A 1 17 ? 10.622  -2.250  3.417   1.00 0.18  ? 11 LYS A O    1 
ATOM 155  C CB   . LYS A 1 17 ? 12.414  -4.110  5.240   1.00 0.25  ? 11 LYS A CB   1 
ATOM 156  C CG   . LYS A 1 17 ? 13.200  -3.199  6.183   1.00 1.15  ? 11 LYS A CG   1 
ATOM 157  C CD   . LYS A 1 17 ? 14.665  -3.639  6.216   1.00 1.37  ? 11 LYS A CD   1 
ATOM 158  C CE   . LYS A 1 17 ? 15.313  -3.362  4.857   1.00 2.37  ? 11 LYS A CE   1 
ATOM 159  N NZ   . LYS A 1 17 ? 16.105  -2.116  5.056   1.00 2.74  ? 11 LYS A NZ   1 
ATOM 160  H H    . LYS A 1 17 ? 10.732  -5.336  3.852   1.00 0.24  ? 11 LYS A H    1 
ATOM 161  H HA   . LYS A 1 17 ? 10.582  -3.715  6.297   1.00 0.21  ? 11 LYS A HA   1 
ATOM 162  H HB2  . LYS A 1 17 ? 12.530  -5.138  5.551   1.00 0.82  ? 11 LYS A HB2  1 
ATOM 163  H HB3  . LYS A 1 17 ? 12.788  -3.993  4.234   1.00 0.97  ? 11 LYS A HB3  1 
ATOM 164  H HG2  . LYS A 1 17 ? 13.138  -2.179  5.832   1.00 1.83  ? 11 LYS A HG2  1 
ATOM 165  H HG3  . LYS A 1 17 ? 12.785  -3.265  7.177   1.00 1.73  ? 11 LYS A HG3  1 
ATOM 166  H HD2  . LYS A 1 17 ? 15.189  -3.088  6.984   1.00 1.65  ? 11 LYS A HD2  1 
ATOM 167  H HD3  . LYS A 1 17 ? 14.719  -4.696  6.429   1.00 1.53  ? 11 LYS A HD3  1 
ATOM 168  H HE2  . LYS A 1 17 ? 15.960  -4.181  4.576   1.00 2.81  ? 11 LYS A HE2  1 
ATOM 169  H HE3  . LYS A 1 17 ? 14.556  -3.202  4.105   1.00 2.93  ? 11 LYS A HE3  1 
ATOM 170  H HZ1  . LYS A 1 17 ? 16.155  -1.589  4.161   1.00 3.11  ? 11 LYS A HZ1  1 
ATOM 171  H HZ2  . LYS A 1 17 ? 17.067  -2.364  5.368   1.00 3.07  ? 11 LYS A HZ2  1 
ATOM 172  H HZ3  . LYS A 1 17 ? 15.647  -1.525  5.778   1.00 2.95  ? 11 LYS A HZ3  1 
ATOM 173  N N    . VAL A 1 18 ? 10.622  -1.329  5.412   1.00 0.16  ? 12 VAL A N    1 
ATOM 174  C CA   . VAL A 1 18 ? 10.408  0.033   4.838   1.00 0.15  ? 12 VAL A CA   1 
ATOM 175  C C    . VAL A 1 18 ? 11.742  0.615   4.370   1.00 0.15  ? 12 VAL A C    1 
ATOM 176  O O    . VAL A 1 18 ? 12.705  0.646   5.109   1.00 0.16  ? 12 VAL A O    1 
ATOM 177  C CB   . VAL A 1 18 ? 9.850   0.875   5.989   1.00 0.14  ? 12 VAL A CB   1 
ATOM 178  C CG1  . VAL A 1 18 ? 9.221   2.152   5.428   1.00 0.16  ? 12 VAL A CG1  1 
ATOM 179  C CG2  . VAL A 1 18 ? 8.792   0.077   6.754   1.00 0.14  ? 12 VAL A CG2  1 
ATOM 180  H H    . VAL A 1 18 ? 10.704  -1.447  6.380   1.00 0.16  ? 12 VAL A H    1 
ATOM 181  H HA   . VAL A 1 18 ? 9.704   -0.004  4.023   1.00 0.15  ? 12 VAL A HA   1 
ATOM 182  H HB   . VAL A 1 18 ? 10.655  1.139   6.659   1.00 0.15  ? 12 VAL A HB   1 
ATOM 183  H HG11 . VAL A 1 18 ? 9.164   2.082   4.352   1.00 1.03  ? 12 VAL A HG11 1 
ATOM 184  H HG12 . VAL A 1 18 ? 9.828   3.002   5.702   1.00 1.04  ? 12 VAL A HG12 1 
ATOM 185  H HG13 . VAL A 1 18 ? 8.229   2.272   5.835   1.00 1.01  ? 12 VAL A HG13 1 
ATOM 186  H HG21 . VAL A 1 18 ? 9.138   -0.107  7.760   1.00 0.97  ? 12 VAL A HG21 1 
ATOM 187  H HG22 . VAL A 1 18 ? 8.621   -0.866  6.255   1.00 0.99  ? 12 VAL A HG22 1 
ATOM 188  H HG23 . VAL A 1 18 ? 7.871   0.639   6.786   1.00 1.02  ? 12 VAL A HG23 1 
ATOM 189  N N    . ASP A 1 19 ? 11.808  1.089   3.158   1.00 0.15  ? 13 ASP A N    1 
ATOM 190  C CA   . ASP A 1 19 ? 13.084  1.678   2.665   1.00 0.16  ? 13 ASP A CA   1 
ATOM 191  C C    . ASP A 1 19 ? 13.187  3.147   3.101   1.00 0.17  ? 13 ASP A C    1 
ATOM 192  O O    . ASP A 1 19 ? 12.420  3.615   3.919   1.00 0.18  ? 13 ASP A O    1 
ATOM 193  C CB   . ASP A 1 19 ? 13.036  1.534   1.138   1.00 0.15  ? 13 ASP A CB   1 
ATOM 194  C CG   . ASP A 1 19 ? 12.393  2.766   0.502   1.00 0.15  ? 13 ASP A CG   1 
ATOM 195  O OD1  . ASP A 1 19 ? 11.177  2.816   0.438   1.00 0.14  ? 13 ASP A OD1  1 
ATOM 196  O OD2  . ASP A 1 19 ? 13.128  3.644   0.087   1.00 0.17  ? 13 ASP A OD2  1 
ATOM 197  H H    . ASP A 1 19 ? 11.020  1.065   2.576   1.00 0.14  ? 13 ASP A H    1 
ATOM 198  H HA   . ASP A 1 19 ? 13.921  1.118   3.055   1.00 0.17  ? 13 ASP A HA   1 
ATOM 199  H HB2  . ASP A 1 19 ? 14.040  1.419   0.758   1.00 0.17  ? 13 ASP A HB2  1 
ATOM 200  H HB3  . ASP A 1 19 ? 12.454  0.661   0.882   1.00 0.14  ? 13 ASP A HB3  1 
ATOM 201  N N    . GLU A 1 20 ? 14.204  3.834   2.664   1.00 0.19  ? 14 GLU A N    1 
ATOM 202  C CA   . GLU A 1 20 ? 14.447  5.216   3.176   1.00 0.22  ? 14 GLU A CA   1 
ATOM 203  C C    . GLU A 1 20 ? 13.231  6.124   2.953   1.00 0.21  ? 14 GLU A C    1 
ATOM 204  O O    . GLU A 1 20 ? 12.957  7.002   3.748   1.00 0.23  ? 14 GLU A O    1 
ATOM 205  C CB   . GLU A 1 20 ? 15.646  5.725   2.375   1.00 0.23  ? 14 GLU A CB   1 
ATOM 206  C CG   . GLU A 1 20 ? 16.874  4.871   2.693   1.00 1.27  ? 14 GLU A CG   1 
ATOM 207  C CD   . GLU A 1 20 ? 18.088  5.421   1.942   1.00 1.47  ? 14 GLU A CD   1 
ATOM 208  O OE1  . GLU A 1 20 ? 17.899  6.292   1.108   1.00 2.02  ? 14 GLU A OE1  1 
ATOM 209  O OE2  . GLU A 1 20 ? 19.186  4.963   2.212   1.00 1.91  ? 14 GLU A OE2  1 
ATOM 210  H H    . GLU A 1 20 ? 14.863  3.410   2.076   1.00 0.19  ? 14 GLU A H    1 
ATOM 211  H HA   . GLU A 1 20 ? 14.698  5.184   4.224   1.00 0.23  ? 14 GLU A HA   1 
ATOM 212  H HB2  . GLU A 1 20 ? 15.426  5.661   1.319   1.00 0.82  ? 14 GLU A HB2  1 
ATOM 213  H HB3  . GLU A 1 20 ? 15.846  6.752   2.639   1.00 0.88  ? 14 GLU A HB3  1 
ATOM 214  H HG2  . GLU A 1 20 ? 17.066  4.898   3.757   1.00 1.84  ? 14 GLU A HG2  1 
ATOM 215  H HG3  . GLU A 1 20 ? 16.695  3.852   2.386   1.00 1.95  ? 14 GLU A HG3  1 
ATOM 216  N N    . LEU A 1 21 ? 12.571  6.008   1.835   1.00 0.19  ? 15 LEU A N    1 
ATOM 217  C CA   . LEU A 1 21 ? 11.466  6.965   1.529   1.00 0.20  ? 15 LEU A CA   1 
ATOM 218  C C    . LEU A 1 21 ? 10.149  6.533   2.183   1.00 0.18  ? 15 LEU A C    1 
ATOM 219  O O    . LEU A 1 21 ? 9.155   7.228   2.101   1.00 0.18  ? 15 LEU A O    1 
ATOM 220  C CB   . LEU A 1 21 ? 11.332  6.954   0.007   1.00 0.20  ? 15 LEU A CB   1 
ATOM 221  C CG   . LEU A 1 21 ? 10.124  7.802   -0.399  1.00 0.25  ? 15 LEU A CG   1 
ATOM 222  C CD1  . LEU A 1 21 ? 10.176  9.150   0.328   1.00 0.30  ? 15 LEU A CD1  1 
ATOM 223  C CD2  . LEU A 1 21 ? 10.154  8.040   -1.909  1.00 0.47  ? 15 LEU A CD2  1 
ATOM 224  H H    . LEU A 1 21 ? 12.855  5.354   1.163   1.00 0.18  ? 15 LEU A H    1 
ATOM 225  H HA   . LEU A 1 21 ? 11.734  7.956   1.859   1.00 0.23  ? 15 LEU A HA   1 
ATOM 226  H HB2  . LEU A 1 21 ? 12.227  7.364   -0.437  1.00 0.25  ? 15 LEU A HB2  1 
ATOM 227  H HB3  . LEU A 1 21 ? 11.189  5.941   -0.335  1.00 0.24  ? 15 LEU A HB3  1 
ATOM 228  H HG   . LEU A 1 21 ? 9.215   7.284   -0.131  1.00 0.47  ? 15 LEU A HG   1 
ATOM 229  H HD11 . LEU A 1 21 ? 9.621   9.083   1.252   1.00 0.98  ? 15 LEU A HD11 1 
ATOM 230  H HD12 . LEU A 1 21 ? 9.741   9.913   -0.299  1.00 1.11  ? 15 LEU A HD12 1 
ATOM 231  H HD13 . LEU A 1 21 ? 11.204  9.403   0.542   1.00 1.07  ? 15 LEU A HD13 1 
ATOM 232  H HD21 . LEU A 1 21 ? 9.143   8.087   -2.287  1.00 1.12  ? 15 LEU A HD21 1 
ATOM 233  H HD22 . LEU A 1 21 ? 10.681  7.230   -2.391  1.00 1.14  ? 15 LEU A HD22 1 
ATOM 234  H HD23 . LEU A 1 21 ? 10.659  8.972   -2.118  1.00 1.17  ? 15 LEU A HD23 1 
ATOM 235  N N    . GLY A 1 22 ? 10.106  5.381   2.795   1.00 0.16  ? 16 GLY A N    1 
ATOM 236  C CA   . GLY A 1 22 ? 8.819   4.923   3.393   1.00 0.15  ? 16 GLY A CA   1 
ATOM 237  C C    . GLY A 1 22 ? 7.924   4.329   2.301   1.00 0.14  ? 16 GLY A C    1 
ATOM 238  O O    . GLY A 1 22 ? 6.760   4.666   2.184   1.00 0.14  ? 16 GLY A O    1 
ATOM 239  H H    . GLY A 1 22 ? 10.899  4.808   2.833   1.00 0.16  ? 16 GLY A H    1 
ATOM 240  H HA2  . GLY A 1 22 ? 9.020   4.178   4.148   1.00 0.14  ? 16 GLY A HA2  1 
ATOM 241  H HA3  . GLY A 1 22 ? 8.316   5.765   3.845   1.00 0.16  ? 16 GLY A HA3  1 
ATOM 242  N N    . ARG A 1 23 ? 8.468   3.488   1.466   1.00 0.13  ? 17 ARG A N    1 
ATOM 243  C CA   . ARG A 1 23 ? 7.660   2.917   0.354   1.00 0.12  ? 17 ARG A CA   1 
ATOM 244  C C    . ARG A 1 23 ? 7.493   1.408   0.550   1.00 0.12  ? 17 ARG A C    1 
ATOM 245  O O    . ARG A 1 23 ? 8.300   0.760   1.187   1.00 0.12  ? 17 ARG A O    1 
ATOM 246  C CB   . ARG A 1 23 ? 8.466   3.214   -0.910  1.00 0.13  ? 17 ARG A CB   1 
ATOM 247  C CG   . ARG A 1 23 ? 8.498   4.726   -1.146  1.00 0.14  ? 17 ARG A CG   1 
ATOM 248  C CD   . ARG A 1 23 ? 9.255   5.029   -2.441  1.00 0.16  ? 17 ARG A CD   1 
ATOM 249  N NE   . ARG A 1 23 ? 10.675  4.703   -2.140  1.00 0.15  ? 17 ARG A NE   1 
ATOM 250  C CZ   . ARG A 1 23 ? 11.627  5.149   -2.919  1.00 0.17  ? 17 ARG A CZ   1 
ATOM 251  N NH1  . ARG A 1 23 ? 11.329  5.843   -3.986  1.00 0.19  ? 17 ARG A NH1  1 
ATOM 252  N NH2  . ARG A 1 23 ? 12.877  4.902   -2.636  1.00 0.17  ? 17 ARG A NH2  1 
ATOM 253  H H    . ARG A 1 23 ? 9.418   3.257   1.546   1.00 0.13  ? 17 ARG A H    1 
ATOM 254  H HA   . ARG A 1 23 ? 6.698   3.400   0.301   1.00 0.12  ? 17 ARG A HA   1 
ATOM 255  H HB2  . ARG A 1 23 ? 9.475   2.846   -0.790  1.00 0.12  ? 17 ARG A HB2  1 
ATOM 256  H HB3  . ARG A 1 23 ? 8.003   2.730   -1.755  1.00 0.12  ? 17 ARG A HB3  1 
ATOM 257  H HG2  . ARG A 1 23 ? 7.487   5.099   -1.224  1.00 0.15  ? 17 ARG A HG2  1 
ATOM 258  H HG3  . ARG A 1 23 ? 8.996   5.209   -0.319  1.00 0.15  ? 17 ARG A HG3  1 
ATOM 259  H HD2  . ARG A 1 23 ? 8.886   4.408   -3.245  1.00 0.15  ? 17 ARG A HD2  1 
ATOM 260  H HD3  . ARG A 1 23 ? 9.162   6.072   -2.695  1.00 0.19  ? 17 ARG A HD3  1 
ATOM 261  H HE   . ARG A 1 23 ? 10.897  4.167   -1.348  1.00 0.14  ? 17 ARG A HE   1 
ATOM 262  H HH11 . ARG A 1 23 ? 10.375  6.035   -4.210  1.00 0.19  ? 17 ARG A HH11 1 
ATOM 263  H HH12 . ARG A 1 23 ? 12.059  6.183   -4.579  1.00 0.20  ? 17 ARG A HH12 1 
ATOM 264  H HH21 . ARG A 1 23 ? 13.108  4.374   -1.821  1.00 0.17  ? 17 ARG A HH21 1 
ATOM 265  H HH22 . ARG A 1 23 ? 13.602  5.242   -3.234  1.00 0.19  ? 17 ARG A HH22 1 
ATOM 266  N N    . VAL A 1 24 ? 6.447   0.845   0.013   1.00 0.12  ? 18 VAL A N    1 
ATOM 267  C CA   . VAL A 1 24 ? 6.221   -0.620  0.174   1.00 0.12  ? 18 VAL A CA   1 
ATOM 268  C C    . VAL A 1 24 ? 6.083   -1.278  -1.199  1.00 0.13  ? 18 VAL A C    1 
ATOM 269  O O    . VAL A 1 24 ? 5.758   -0.630  -2.174  1.00 0.12  ? 18 VAL A O    1 
ATOM 270  C CB   . VAL A 1 24 ? 4.915   -0.737  0.958   1.00 0.13  ? 18 VAL A CB   1 
ATOM 271  C CG1  . VAL A 1 24 ? 5.023   0.069   2.254   1.00 0.14  ? 18 VAL A CG1  1 
ATOM 272  C CG2  . VAL A 1 24 ? 3.762   -0.189  0.114   1.00 0.13  ? 18 VAL A CG2  1 
ATOM 273  H H    . VAL A 1 24 ? 5.807   1.386   -0.493  1.00 0.12  ? 18 VAL A H    1 
ATOM 274  H HA   . VAL A 1 24 ? 7.029   -1.069  0.730   1.00 0.13  ? 18 VAL A HA   1 
ATOM 275  H HB   . VAL A 1 24 ? 4.729   -1.774  1.196   1.00 0.14  ? 18 VAL A HB   1 
ATOM 276  H HG11 . VAL A 1 24 ? 4.776   1.101   2.058   1.00 1.00  ? 18 VAL A HG11 1 
ATOM 277  H HG12 . VAL A 1 24 ? 6.032   0.006   2.634   1.00 1.02  ? 18 VAL A HG12 1 
ATOM 278  H HG13 . VAL A 1 24 ? 4.338   -0.332  2.987   1.00 0.98  ? 18 VAL A HG13 1 
ATOM 279  H HG21 . VAL A 1 24 ? 3.242   0.578   0.669   1.00 1.04  ? 18 VAL A HG21 1 
ATOM 280  H HG22 . VAL A 1 24 ? 3.078   -0.990  -0.122  1.00 1.00  ? 18 VAL A HG22 1 
ATOM 281  H HG23 . VAL A 1 24 ? 4.155   0.232   -0.800  1.00 0.99  ? 18 VAL A HG23 1 
ATOM 282  N N    . VAL A 1 25 ? 6.404   -2.538  -1.301  1.00 0.15  ? 19 VAL A N    1 
ATOM 283  C CA   . VAL A 1 25 ? 6.377   -3.201  -2.634  1.00 0.15  ? 19 VAL A CA   1 
ATOM 284  C C    . VAL A 1 25 ? 5.247   -4.227  -2.702  1.00 0.17  ? 19 VAL A C    1 
ATOM 285  O O    . VAL A 1 25 ? 5.098   -5.061  -1.831  1.00 0.19  ? 19 VAL A O    1 
ATOM 286  C CB   . VAL A 1 25 ? 7.735   -3.894  -2.753  1.00 0.18  ? 19 VAL A CB   1 
ATOM 287  C CG1  . VAL A 1 25 ? 7.913   -4.430  -4.175  1.00 0.19  ? 19 VAL A CG1  1 
ATOM 288  C CG2  . VAL A 1 25 ? 8.847   -2.892  -2.442  1.00 0.19  ? 19 VAL A CG2  1 
ATOM 289  H H    . VAL A 1 25 ? 6.720   -3.029  -0.514  1.00 0.15  ? 19 VAL A H    1 
ATOM 290  H HA   . VAL A 1 25 ? 6.268   -2.468  -3.417  1.00 0.14  ? 19 VAL A HA   1 
ATOM 291  H HB   . VAL A 1 25 ? 7.780   -4.714  -2.052  1.00 0.19  ? 19 VAL A HB   1 
ATOM 292  H HG11 . VAL A 1 25 ? 6.996   -4.293  -4.729  1.00 0.99  ? 19 VAL A HG11 1 
ATOM 293  H HG12 . VAL A 1 25 ? 8.155   -5.482  -4.135  1.00 1.00  ? 19 VAL A HG12 1 
ATOM 294  H HG13 . VAL A 1 25 ? 8.713   -3.895  -4.664  1.00 1.11  ? 19 VAL A HG13 1 
ATOM 295  H HG21 . VAL A 1 25 ? 8.531   -1.901  -2.732  1.00 0.98  ? 19 VAL A HG21 1 
ATOM 296  H HG22 . VAL A 1 25 ? 9.738   -3.159  -2.990  1.00 0.96  ? 19 VAL A HG22 1 
ATOM 297  H HG23 . VAL A 1 25 ? 9.058   -2.906  -1.383  1.00 1.05  ? 19 VAL A HG23 1 
ATOM 298  N N    . ILE A 1 26 ? 4.509   -4.236  -3.779  1.00 0.17  ? 20 ILE A N    1 
ATOM 299  C CA   . ILE A 1 26 ? 3.465   -5.282  -3.956  1.00 0.19  ? 20 ILE A CA   1 
ATOM 300  C C    . ILE A 1 26 ? 4.107   -6.562  -4.502  1.00 0.20  ? 20 ILE A C    1 
ATOM 301  O O    . ILE A 1 26 ? 4.875   -6.511  -5.435  1.00 0.19  ? 20 ILE A O    1 
ATOM 302  C CB   . ILE A 1 26 ? 2.484   -4.676  -4.968  1.00 0.19  ? 20 ILE A CB   1 
ATOM 303  C CG1  . ILE A 1 26 ? 1.473   -3.798  -4.229  1.00 0.24  ? 20 ILE A CG1  1 
ATOM 304  C CG2  . ILE A 1 26 ? 1.741   -5.786  -5.716  1.00 0.20  ? 20 ILE A CG2  1 
ATOM 305  C CD1  . ILE A 1 26 ? 2.215   -2.726  -3.428  1.00 1.53  ? 20 ILE A CD1  1 
ATOM 306  H H    . ILE A 1 26 ? 4.694   -3.601  -4.508  1.00 0.16  ? 20 ILE A H    1 
ATOM 307  H HA   . ILE A 1 26 ? 2.962   -5.478  -3.022  1.00 0.22  ? 20 ILE A HA   1 
ATOM 308  H HB   . ILE A 1 26 ? 3.031   -4.073  -5.678  1.00 0.19  ? 20 ILE A HB   1 
ATOM 309  H HG12 . ILE A 1 26 ? 0.817   -3.324  -4.945  1.00 1.02  ? 20 ILE A HG12 1 
ATOM 310  H HG13 . ILE A 1 26 ? 0.889   -4.408  -3.556  1.00 0.94  ? 20 ILE A HG13 1 
ATOM 311  H HG21 . ILE A 1 26 ? 2.133   -5.866  -6.722  1.00 1.02  ? 20 ILE A HG21 1 
ATOM 312  H HG22 . ILE A 1 26 ? 0.688   -5.552  -5.757  1.00 1.01  ? 20 ILE A HG22 1 
ATOM 313  H HG23 . ILE A 1 26 ? 1.883   -6.723  -5.200  1.00 1.08  ? 20 ILE A HG23 1 
ATOM 314  H HD11 . ILE A 1 26 ? 2.863   -3.201  -2.707  1.00 2.14  ? 20 ILE A HD11 1 
ATOM 315  H HD12 . ILE A 1 26 ? 1.501   -2.100  -2.915  1.00 2.14  ? 20 ILE A HD12 1 
ATOM 316  H HD13 . ILE A 1 26 ? 2.807   -2.121  -4.099  1.00 2.07  ? 20 ILE A HD13 1 
ATOM 317  N N    . PRO A 1 27 ? 3.735   -7.673  -3.928  1.00 0.23  ? 21 PRO A N    1 
ATOM 318  C CA   . PRO A 1 27 ? 4.251   -8.981  -4.405  1.00 0.24  ? 21 PRO A CA   1 
ATOM 319  C C    . PRO A 1 27 ? 3.904   -9.172  -5.884  1.00 0.22  ? 21 PRO A C    1 
ATOM 320  O O    . PRO A 1 27 ? 2.857   -8.767  -6.341  1.00 0.20  ? 21 PRO A O    1 
ATOM 321  C CB   . PRO A 1 27 ? 3.529   -10.013 -3.535  1.00 0.29  ? 21 PRO A CB   1 
ATOM 322  C CG   . PRO A 1 27 ? 2.430   -9.270  -2.837  1.00 0.29  ? 21 PRO A CG   1 
ATOM 323  C CD   . PRO A 1 27 ? 2.816   -7.817  -2.801  1.00 0.26  ? 21 PRO A CD   1 
ATOM 324  H HA   . PRO A 1 27 ? 5.314   -9.051  -4.256  1.00 0.26  ? 21 PRO A HA   1 
ATOM 325  H HB2  . PRO A 1 27 ? 3.117   -10.798 -4.155  1.00 0.29  ? 21 PRO A HB2  1 
ATOM 326  H HB3  . PRO A 1 27 ? 4.210   -10.429 -2.809  1.00 0.31  ? 21 PRO A HB3  1 
ATOM 327  H HG2  . PRO A 1 27 ? 1.504   -9.393  -3.380  1.00 0.29  ? 21 PRO A HG2  1 
ATOM 328  H HG3  . PRO A 1 27 ? 2.318   -9.641  -1.830  1.00 0.32  ? 21 PRO A HG3  1 
ATOM 329  H HD2  . PRO A 1 27 ? 1.944   -7.191  -2.935  1.00 0.25  ? 21 PRO A HD2  1 
ATOM 330  H HD3  . PRO A 1 27 ? 3.319   -7.579  -1.877  1.00 0.28  ? 21 PRO A HD3  1 
ATOM 331  N N    . ILE A 1 28 ? 4.784   -9.766  -6.644  1.00 0.23  ? 22 ILE A N    1 
ATOM 332  C CA   . ILE A 1 28 ? 4.504   -9.947  -8.099  1.00 0.22  ? 22 ILE A CA   1 
ATOM 333  C C    . ILE A 1 28 ? 3.176   -10.677 -8.298  1.00 0.21  ? 22 ILE A C    1 
ATOM 334  O O    . ILE A 1 28 ? 2.454   -10.419 -9.238  1.00 0.18  ? 22 ILE A O    1 
ATOM 335  C CB   . ILE A 1 28 ? 5.665   -10.791 -8.623  1.00 0.27  ? 22 ILE A CB   1 
ATOM 336  C CG1  . ILE A 1 28 ? 5.646   -10.793 -10.154 1.00 0.30  ? 22 ILE A CG1  1 
ATOM 337  C CG2  . ILE A 1 28 ? 5.526   -12.226 -8.111  1.00 0.31  ? 22 ILE A CG2  1 
ATOM 338  C CD1  . ILE A 1 28 ? 5.903   -9.377  -10.671 1.00 1.07  ? 22 ILE A CD1  1 
ATOM 339  H H    . ILE A 1 28 ? 5.632   -10.075 -6.263  1.00 0.26  ? 22 ILE A H    1 
ATOM 340  H HA   . ILE A 1 28 ? 4.478   -8.995  -8.601  1.00 0.20  ? 22 ILE A HA   1 
ATOM 341  H HB   . ILE A 1 28 ? 6.599   -10.374 -8.273  1.00 0.27  ? 22 ILE A HB   1 
ATOM 342  H HG12 . ILE A 1 28 ? 6.414   -11.457 -10.522 1.00 1.09  ? 22 ILE A HG12 1 
ATOM 343  H HG13 . ILE A 1 28 ? 4.681   -11.131 -10.500 1.00 0.99  ? 22 ILE A HG13 1 
ATOM 344  H HG21 . ILE A 1 28 ? 5.230   -12.211 -7.073  1.00 0.92  ? 22 ILE A HG21 1 
ATOM 345  H HG22 . ILE A 1 28 ? 6.473   -12.736 -8.207  1.00 1.07  ? 22 ILE A HG22 1 
ATOM 346  H HG23 . ILE A 1 28 ? 4.778   -12.743 -8.691  1.00 1.04  ? 22 ILE A HG23 1 
ATOM 347  H HD11 . ILE A 1 28 ? 4.960   -8.899  -10.894 1.00 1.71  ? 22 ILE A HD11 1 
ATOM 348  H HD12 . ILE A 1 28 ? 6.504   -9.425  -11.567 1.00 1.56  ? 22 ILE A HD12 1 
ATOM 349  H HD13 . ILE A 1 28 ? 6.426   -8.807  -9.917  1.00 1.77  ? 22 ILE A HD13 1 
ATOM 350  N N    . GLU A 1 29 ? 2.834   -11.563 -7.410  1.00 0.25  ? 23 GLU A N    1 
ATOM 351  C CA   . GLU A 1 29 ? 1.534   -12.276 -7.548  1.00 0.27  ? 23 GLU A CA   1 
ATOM 352  C C    . GLU A 1 29 ? 0.386   -11.263 -7.578  1.00 0.25  ? 23 GLU A C    1 
ATOM 353  O O    . GLU A 1 29 ? -0.585  -11.422 -8.292  1.00 0.24  ? 23 GLU A O    1 
ATOM 354  C CB   . GLU A 1 29 ? 1.433   -13.155 -6.299  1.00 0.33  ? 23 GLU A CB   1 
ATOM 355  C CG   . GLU A 1 29 ? 0.190   -14.042 -6.397  1.00 1.20  ? 23 GLU A CG   1 
ATOM 356  C CD   . GLU A 1 29 ? 0.032   -14.845 -5.105  1.00 1.53  ? 23 GLU A CD   1 
ATOM 357  O OE1  . GLU A 1 29 ? 0.848   -14.666 -4.216  1.00 2.06  ? 23 GLU A OE1  1 
ATOM 358  O OE2  . GLU A 1 29 ? -0.901  -15.627 -5.027  1.00 2.03  ? 23 GLU A OE2  1 
ATOM 359  H H    . GLU A 1 29 ? 3.424   -11.749 -6.647  1.00 0.28  ? 23 GLU A H    1 
ATOM 360  H HA   . GLU A 1 29 ? 1.530   -12.894 -8.431  1.00 0.27  ? 23 GLU A HA   1 
ATOM 361  H HB2  . GLU A 1 29 ? 2.315   -13.775 -6.223  1.00 0.92  ? 23 GLU A HB2  1 
ATOM 362  H HB3  . GLU A 1 29 ? 1.357   -12.528 -5.423  1.00 0.92  ? 23 GLU A HB3  1 
ATOM 363  H HG2  . GLU A 1 29 ? -0.682  -13.422 -6.546  1.00 1.83  ? 23 GLU A HG2  1 
ATOM 364  H HG3  . GLU A 1 29 ? 0.297   -14.720 -7.231  1.00 1.84  ? 23 GLU A HG3  1 
ATOM 365  N N    . LEU A 1 30 ? 0.512   -10.202 -6.832  1.00 0.24  ? 24 LEU A N    1 
ATOM 366  C CA   . LEU A 1 30 ? -0.547  -9.155  -6.825  1.00 0.23  ? 24 LEU A CA   1 
ATOM 367  C C    . LEU A 1 30 ? -0.365  -8.197  -8.001  1.00 0.20  ? 24 LEU A C    1 
ATOM 368  O O    . LEU A 1 30 ? -1.323  -7.706  -8.558  1.00 0.20  ? 24 LEU A O    1 
ATOM 369  C CB   . LEU A 1 30 ? -0.375  -8.420  -5.496  1.00 0.26  ? 24 LEU A CB   1 
ATOM 370  C CG   . LEU A 1 30 ? -0.674  -9.377  -4.340  1.00 0.31  ? 24 LEU A CG   1 
ATOM 371  C CD1  . LEU A 1 30 ? -0.665  -8.604  -3.020  1.00 0.33  ? 24 LEU A CD1  1 
ATOM 372  C CD2  . LEU A 1 30 ? -2.051  -10.010 -4.550  1.00 0.35  ? 24 LEU A CD2  1 
ATOM 373  H H    . LEU A 1 30 ? 1.318   -10.077 -6.299  1.00 0.24  ? 24 LEU A H    1 
ATOM 374  H HA   . LEU A 1 30 ? -1.523  -9.612  -6.864  1.00 0.26  ? 24 LEU A HA   1 
ATOM 375  H HB2  . LEU A 1 30 ? 0.640   -8.063  -5.413  1.00 0.24  ? 24 LEU A HB2  1 
ATOM 376  H HB3  . LEU A 1 30 ? -1.057  -7.584  -5.454  1.00 0.27  ? 24 LEU A HB3  1 
ATOM 377  H HG   . LEU A 1 30 ? 0.079   -10.151 -4.311  1.00 0.31  ? 24 LEU A HG   1 
ATOM 378  H HD11 . LEU A 1 30 ? -0.215  -9.212  -2.250  1.00 1.07  ? 24 LEU A HD11 1 
ATOM 379  H HD12 . LEU A 1 30 ? -1.679  -8.360  -2.740  1.00 1.00  ? 24 LEU A HD12 1 
ATOM 380  H HD13 . LEU A 1 30 ? -0.097  -7.694  -3.139  1.00 1.00  ? 24 LEU A HD13 1 
ATOM 381  H HD21 . LEU A 1 30 ? -2.583  -10.033 -3.611  1.00 1.07  ? 24 LEU A HD21 1 
ATOM 382  H HD22 . LEU A 1 30 ? -1.932  -11.018 -4.920  1.00 1.12  ? 24 LEU A HD22 1 
ATOM 383  H HD23 . LEU A 1 30 ? -2.611  -9.427  -5.267  1.00 0.99  ? 24 LEU A HD23 1 
ATOM 384  N N    . ARG A 1 31 ? 0.845   -7.995  -8.449  1.00 0.17  ? 25 ARG A N    1 
ATOM 385  C CA   . ARG A 1 31 ? 1.036   -7.145  -9.659  1.00 0.15  ? 25 ARG A CA   1 
ATOM 386  C C    . ARG A 1 31 ? 0.236   -7.739  -10.816 1.00 0.14  ? 25 ARG A C    1 
ATOM 387  O O    . ARG A 1 31 ? -0.400  -7.032  -11.573 1.00 0.15  ? 25 ARG A O    1 
ATOM 388  C CB   . ARG A 1 31 ? 2.532   -7.195  -9.986  1.00 0.14  ? 25 ARG A CB   1 
ATOM 389  C CG   . ARG A 1 31 ? 3.359   -6.615  -8.836  1.00 0.17  ? 25 ARG A CG   1 
ATOM 390  C CD   . ARG A 1 31 ? 4.815   -6.467  -9.296  1.00 0.18  ? 25 ARG A CD   1 
ATOM 391  N NE   . ARG A 1 31 ? 5.621   -6.389  -8.050  1.00 0.21  ? 25 ARG A NE   1 
ATOM 392  C CZ   . ARG A 1 31 ? 6.901   -6.649  -8.078  1.00 0.23  ? 25 ARG A CZ   1 
ATOM 393  N NH1  . ARG A 1 31 ? 7.482   -6.968  -9.203  1.00 0.23  ? 25 ARG A NH1  1 
ATOM 394  N NH2  . ARG A 1 31 ? 7.600   -6.589  -6.978  1.00 0.27  ? 25 ARG A NH2  1 
ATOM 395  H H    . ARG A 1 31 ? 1.605   -8.458  -8.041  1.00 0.18  ? 25 ARG A H    1 
ATOM 396  H HA   . ARG A 1 31 ? 0.715   -6.133  -9.468  1.00 0.16  ? 25 ARG A HA   1 
ATOM 397  H HB2  . ARG A 1 31 ? 2.826   -8.221  -10.153 1.00 0.15  ? 25 ARG A HB2  1 
ATOM 398  H HB3  . ARG A 1 31 ? 2.719   -6.622  -10.882 1.00 0.14  ? 25 ARG A HB3  1 
ATOM 399  H HG2  . ARG A 1 31 ? 2.966   -5.647  -8.559  1.00 0.18  ? 25 ARG A HG2  1 
ATOM 400  H HG3  . ARG A 1 31 ? 3.317   -7.280  -7.987  1.00 0.19  ? 25 ARG A HG3  1 
ATOM 401  H HD2  . ARG A 1 31 ? 5.111   -7.325  -9.883  1.00 0.17  ? 25 ARG A HD2  1 
ATOM 402  H HD3  . ARG A 1 31 ? 4.941   -5.560  -9.865  1.00 0.17  ? 25 ARG A HD3  1 
ATOM 403  H HE   . ARG A 1 31 ? 5.192   -6.148  -7.208  1.00 0.23  ? 25 ARG A HE   1 
ATOM 404  H HH11 . ARG A 1 31 ? 6.950   -7.014  -10.047 1.00 0.21  ? 25 ARG A HH11 1 
ATOM 405  H HH12 . ARG A 1 31 ? 8.462   -7.166  -9.219  1.00 0.25  ? 25 ARG A HH12 1 
ATOM 406  H HH21 . ARG A 1 31 ? 7.156   -6.344  -6.115  1.00 0.29  ? 25 ARG A HH21 1 
ATOM 407  H HH22 . ARG A 1 31 ? 8.580   -6.787  -6.997  1.00 0.29  ? 25 ARG A HH22 1 
ATOM 408  N N    . ARG A 1 32 ? 0.300   -9.030  -10.981 1.00 0.13  ? 26 ARG A N    1 
ATOM 409  C CA   . ARG A 1 32 ? -0.419  -9.671  -12.121 1.00 0.13  ? 26 ARG A CA   1 
ATOM 410  C C    . ARG A 1 32 ? -1.930  -9.690  -11.866 1.00 0.15  ? 26 ARG A C    1 
ATOM 411  O O    . ARG A 1 32 ? -2.718  -9.334  -12.719 1.00 0.16  ? 26 ARG A O    1 
ATOM 412  C CB   . ARG A 1 32 ? 0.128   -11.097 -12.177 1.00 0.14  ? 26 ARG A CB   1 
ATOM 413  C CG   . ARG A 1 32 ? 1.622   -11.058 -12.506 1.00 1.19  ? 26 ARG A CG   1 
ATOM 414  C CD   . ARG A 1 32 ? 2.148   -12.486 -12.663 1.00 1.55  ? 26 ARG A CD   1 
ATOM 415  N NE   . ARG A 1 32 ? 3.627   -12.342 -12.758 1.00 2.39  ? 26 ARG A NE   1 
ATOM 416  C CZ   . ARG A 1 32 ? 4.368   -13.365 -13.090 1.00 3.03  ? 26 ARG A CZ   1 
ATOM 417  N NH1  . ARG A 1 32 ? 3.814   -14.521 -13.341 1.00 3.19  ? 26 ARG A NH1  1 
ATOM 418  N NH2  . ARG A 1 32 ? 5.663   -13.233 -13.171 1.00 3.95  ? 26 ARG A NH2  1 
ATOM 419  H H    . ARG A 1 32 ? 0.856   -9.573  -10.373 1.00 0.14  ? 26 ARG A H    1 
ATOM 420  H HA   . ARG A 1 32 ? -0.194  -9.160  -13.043 1.00 0.13  ? 26 ARG A HA   1 
ATOM 421  H HB2  . ARG A 1 32 ? -0.017  -11.576 -11.219 1.00 0.84  ? 26 ARG A HB2  1 
ATOM 422  H HB3  . ARG A 1 32 ? -0.393  -11.653 -12.942 1.00 0.88  ? 26 ARG A HB3  1 
ATOM 423  H HG2  . ARG A 1 32 ? 1.772   -10.514 -13.428 1.00 1.93  ? 26 ARG A HG2  1 
ATOM 424  H HG3  . ARG A 1 32 ? 2.154   -10.565 -11.706 1.00 1.81  ? 26 ARG A HG3  1 
ATOM 425  H HD2  . ARG A 1 32 ? 1.880   -13.081 -11.801 1.00 1.82  ? 26 ARG A HD2  1 
ATOM 426  H HD3  . ARG A 1 32 ? 1.762   -12.933 -13.565 1.00 2.01  ? 26 ARG A HD3  1 
ATOM 427  H HE   . ARG A 1 32 ? 4.048   -11.475 -12.570 1.00 2.85  ? 26 ARG A HE   1 
ATOM 428  H HH11 . ARG A 1 32 ? 2.822   -14.627 -13.279 1.00 2.93  ? 26 ARG A HH11 1 
ATOM 429  H HH12 . ARG A 1 32 ? 4.385   -15.303 -13.595 1.00 3.91  ? 26 ARG A HH12 1 
ATOM 430  H HH21 . ARG A 1 32 ? 6.088   -12.348 -12.980 1.00 4.30  ? 26 ARG A HH21 1 
ATOM 431  H HH22 . ARG A 1 32 ? 6.231   -14.016 -13.425 1.00 4.49  ? 26 ARG A HH22 1 
ATOM 432  N N    . THR A 1 33 ? -2.340  -10.125 -10.706 1.00 0.17  ? 27 THR A N    1 
ATOM 433  C CA   . THR A 1 33 ? -3.799  -10.205 -10.407 1.00 0.20  ? 27 THR A CA   1 
ATOM 434  C C    . THR A 1 33 ? -4.441  -8.814  -10.413 1.00 0.20  ? 27 THR A C    1 
ATOM 435  O O    . THR A 1 33 ? -5.610  -8.665  -10.710 1.00 0.23  ? 27 THR A O    1 
ATOM 436  C CB   . THR A 1 33 ? -3.883  -10.824 -9.011  1.00 0.23  ? 27 THR A CB   1 
ATOM 437  O OG1  . THR A 1 33 ? -3.177  -12.056 -8.997  1.00 0.23  ? 27 THR A OG1  1 
ATOM 438  C CG2  . THR A 1 33 ? -5.348  -11.069 -8.645  1.00 0.27  ? 27 THR A CG2  1 
ATOM 439  H H    . THR A 1 33 ? -1.688  -10.416 -10.033 1.00 0.17  ? 27 THR A H    1 
ATOM 440  H HA   . THR A 1 33 ? -4.293  -10.841 -11.123 1.00 0.22  ? 27 THR A HA   1 
ATOM 441  H HB   . THR A 1 33 ? -3.446  -10.150 -8.291  1.00 0.23  ? 27 THR A HB   1 
ATOM 442  H HG1  . THR A 1 33 ? -3.058  -12.321 -8.082  1.00 0.87  ? 27 THR A HG1  1 
ATOM 443  H HG21 . THR A 1 33 ? -5.799  -11.719 -9.380  1.00 1.10  ? 27 THR A HG21 1 
ATOM 444  H HG22 . THR A 1 33 ? -5.877  -10.128 -8.626  1.00 0.99  ? 27 THR A HG22 1 
ATOM 445  H HG23 . THR A 1 33 ? -5.403  -11.533 -7.671  1.00 1.07  ? 27 THR A HG23 1 
ATOM 446  N N    . LEU A 1 34 ? -3.708  -7.803  -10.043 1.00 0.19  ? 28 LEU A N    1 
ATOM 447  C CA   . LEU A 1 34 ? -4.307  -6.439  -9.973  1.00 0.19  ? 28 LEU A CA   1 
ATOM 448  C C    . LEU A 1 34 ? -4.206  -5.733  -11.328 1.00 0.19  ? 28 LEU A C    1 
ATOM 449  O O    . LEU A 1 34 ? -4.732  -4.652  -11.511 1.00 0.20  ? 28 LEU A O    1 
ATOM 450  C CB   . LEU A 1 34 ? -3.485  -5.702  -8.913  1.00 0.19  ? 28 LEU A CB   1 
ATOM 451  C CG   . LEU A 1 34 ? -4.159  -4.370  -8.581  1.00 0.21  ? 28 LEU A CG   1 
ATOM 452  C CD1  . LEU A 1 34 ? -5.438  -4.631  -7.780  1.00 0.24  ? 28 LEU A CD1  1 
ATOM 453  C CD2  . LEU A 1 34 ? -3.205  -3.511  -7.748  1.00 0.21  ? 28 LEU A CD2  1 
ATOM 454  H H    . LEU A 1 34 ? -2.776  -7.941  -9.786  1.00 0.17  ? 28 LEU A H    1 
ATOM 455  H HA   . LEU A 1 34 ? -5.340  -6.500  -9.671  1.00 0.22  ? 28 LEU A HA   1 
ATOM 456  H HB2  . LEU A 1 34 ? -3.425  -6.309  -8.021  1.00 0.19  ? 28 LEU A HB2  1 
ATOM 457  H HB3  . LEU A 1 34 ? -2.488  -5.517  -9.291  1.00 0.17  ? 28 LEU A HB3  1 
ATOM 458  H HG   . LEU A 1 34 ? -4.407  -3.854  -9.496  1.00 0.22  ? 28 LEU A HG   1 
ATOM 459  H HD11 . LEU A 1 34 ? -5.425  -5.641  -7.398  1.00 0.98  ? 28 LEU A HD11 1 
ATOM 460  H HD12 . LEU A 1 34 ? -6.296  -4.500  -8.421  1.00 1.05  ? 28 LEU A HD12 1 
ATOM 461  H HD13 . LEU A 1 34 ? -5.494  -3.936  -6.955  1.00 1.03  ? 28 LEU A HD13 1 
ATOM 462  H HD21 . LEU A 1 34 ? -2.193  -3.871  -7.873  1.00 1.02  ? 28 LEU A HD21 1 
ATOM 463  H HD22 . LEU A 1 34 ? -3.481  -3.571  -6.706  1.00 1.01  ? 28 LEU A HD22 1 
ATOM 464  H HD23 . LEU A 1 34 ? -3.264  -2.484  -8.077  1.00 1.03  ? 28 LEU A HD23 1 
ATOM 465  N N    . GLY A 1 35 ? -3.558  -6.336  -12.287 1.00 0.17  ? 29 GLY A N    1 
ATOM 466  C CA   . GLY A 1 35 ? -3.454  -5.695  -13.628 1.00 0.18  ? 29 GLY A CA   1 
ATOM 467  C C    . GLY A 1 35 ? -2.640  -4.405  -13.521 1.00 0.17  ? 29 GLY A C    1 
ATOM 468  O O    . GLY A 1 35 ? -3.007  -3.383  -14.065 1.00 0.17  ? 29 GLY A O    1 
ATOM 469  H H    . GLY A 1 35 ? -3.147  -7.212  -12.131 1.00 0.17  ? 29 GLY A H    1 
ATOM 470  H HA2  . GLY A 1 35 ? -2.965  -6.371  -14.311 1.00 0.18  ? 29 GLY A HA2  1 
ATOM 471  H HA3  . GLY A 1 35 ? -4.442  -5.456  -13.991 1.00 0.20  ? 29 GLY A HA3  1 
ATOM 472  N N    . ILE A 1 36 ? -1.557  -4.435  -12.800 1.00 0.15  ? 30 ILE A N    1 
ATOM 473  C CA   . ILE A 1 36 ? -0.742  -3.196  -12.631 1.00 0.14  ? 30 ILE A CA   1 
ATOM 474  C C    . ILE A 1 36 ? 0.642   -3.371  -13.259 1.00 0.15  ? 30 ILE A C    1 
ATOM 475  O O    . ILE A 1 36 ? 1.255   -4.415  -13.168 1.00 0.16  ? 30 ILE A O    1 
ATOM 476  C CB   . ILE A 1 36 ? -0.624  -2.992  -11.124 1.00 0.13  ? 30 ILE A CB   1 
ATOM 477  C CG1  . ILE A 1 36 ? -2.023  -2.870  -10.516 1.00 0.13  ? 30 ILE A CG1  1 
ATOM 478  C CG2  . ILE A 1 36 ? 0.166   -1.712  -10.841 1.00 0.13  ? 30 ILE A CG2  1 
ATOM 479  C CD1  . ILE A 1 36 ? -2.824  -1.818  -11.290 1.00 0.14  ? 30 ILE A CD1  1 
ATOM 480  H H    . ILE A 1 36 ? -1.292  -5.265  -12.355 1.00 0.15  ? 30 ILE A H    1 
ATOM 481  H HA   . ILE A 1 36 ? -1.249  -2.353  -13.073 1.00 0.14  ? 30 ILE A HA   1 
ATOM 482  H HB   . ILE A 1 36 ? -0.109  -3.834  -10.689 1.00 0.14  ? 30 ILE A HB   1 
ATOM 483  H HG12 . ILE A 1 36 ? -2.525  -3.824  -10.576 1.00 0.14  ? 30 ILE A HG12 1 
ATOM 484  H HG13 . ILE A 1 36 ? -1.942  -2.569  -9.482  1.00 0.14  ? 30 ILE A HG13 1 
ATOM 485  H HG21 . ILE A 1 36 ? 1.191   -1.845  -11.156 1.00 1.04  ? 30 ILE A HG21 1 
ATOM 486  H HG22 . ILE A 1 36 ? 0.140   -1.498  -9.783  1.00 1.01  ? 30 ILE A HG22 1 
ATOM 487  H HG23 . ILE A 1 36 ? -0.273  -0.891  -11.386 1.00 1.01  ? 30 ILE A HG23 1 
ATOM 488  H HD11 . ILE A 1 36 ? -3.608  -1.427  -10.658 1.00 1.02  ? 30 ILE A HD11 1 
ATOM 489  H HD12 . ILE A 1 36 ? -3.260  -2.272  -12.166 1.00 0.99  ? 30 ILE A HD12 1 
ATOM 490  H HD13 . ILE A 1 36 ? -2.168  -1.012  -11.589 1.00 1.03  ? 30 ILE A HD13 1 
ATOM 491  N N    . ALA A 1 37 ? 1.116   -2.358  -13.924 1.00 0.14  ? 31 ALA A N    1 
ATOM 492  C CA   . ALA A 1 37 ? 2.439   -2.448  -14.604 1.00 0.15  ? 31 ALA A CA   1 
ATOM 493  C C    . ALA A 1 37 ? 3.195   -1.125  -14.454 1.00 0.15  ? 31 ALA A C    1 
ATOM 494  O O    . ALA A 1 37 ? 2.639   -0.121  -14.060 1.00 0.13  ? 31 ALA A O    1 
ATOM 495  C CB   . ALA A 1 37 ? 2.111   -2.702  -16.074 1.00 0.16  ? 31 ALA A CB   1 
ATOM 496  H H    . ALA A 1 37 ? 0.586   -1.541  -13.998 1.00 0.14  ? 31 ALA A H    1 
ATOM 497  H HA   . ALA A 1 37 ? 3.017   -3.266  -14.206 1.00 0.16  ? 31 ALA A HA   1 
ATOM 498  H HB1  . ALA A 1 37 ? 2.011   -1.754  -16.585 1.00 1.03  ? 31 ALA A HB1  1 
ATOM 499  H HB2  . ALA A 1 37 ? 1.184   -3.250  -16.147 1.00 1.00  ? 31 ALA A HB2  1 
ATOM 500  H HB3  . ALA A 1 37 ? 2.906   -3.274  -16.528 1.00 1.02  ? 31 ALA A HB3  1 
ATOM 501  N N    . GLU A 1 38 ? 4.464   -1.119  -14.754 1.00 0.16  ? 32 GLU A N    1 
ATOM 502  C CA   . GLU A 1 38 ? 5.254   0.138   -14.615 1.00 0.16  ? 32 GLU A CA   1 
ATOM 503  C C    . GLU A 1 38 ? 4.581   1.285   -15.378 1.00 0.16  ? 32 GLU A C    1 
ATOM 504  O O    . GLU A 1 38 ? 4.018   1.093   -16.435 1.00 0.17  ? 32 GLU A O    1 
ATOM 505  C CB   . GLU A 1 38 ? 6.616   -0.184  -15.231 1.00 0.19  ? 32 GLU A CB   1 
ATOM 506  C CG   . GLU A 1 38 ? 7.560   1.002   -15.032 1.00 0.19  ? 32 GLU A CG   1 
ATOM 507  C CD   . GLU A 1 38 ? 8.885   0.727   -15.744 1.00 0.22  ? 32 GLU A CD   1 
ATOM 508  O OE1  . GLU A 1 38 ? 9.005   -0.330  -16.341 1.00 1.07  ? 32 GLU A OE1  1 
ATOM 509  O OE2  . GLU A 1 38 ? 9.756   1.578   -15.683 1.00 0.99  ? 32 GLU A OE2  1 
ATOM 510  H H    . GLU A 1 38 ? 4.899   -1.941  -15.061 1.00 0.17  ? 32 GLU A H    1 
ATOM 511  H HA   . GLU A 1 38 ? 5.375   0.394   -13.575 1.00 0.15  ? 32 GLU A HA   1 
ATOM 512  H HB2  . GLU A 1 38 ? 7.030   -1.060  -14.751 1.00 0.20  ? 32 GLU A HB2  1 
ATOM 513  H HB3  . GLU A 1 38 ? 6.497   -0.375  -16.287 1.00 0.20  ? 32 GLU A HB3  1 
ATOM 514  H HG2  . GLU A 1 38 ? 7.108   1.894   -15.441 1.00 0.19  ? 32 GLU A HG2  1 
ATOM 515  H HG3  . GLU A 1 38 ? 7.744   1.144   -13.977 1.00 0.19  ? 32 GLU A HG3  1 
ATOM 516  N N    . LYS A 1 39 ? 4.692   2.484   -14.866 1.00 0.16  ? 33 LYS A N    1 
ATOM 517  C CA   . LYS A 1 39 ? 4.130   3.684   -15.566 1.00 0.17  ? 33 LYS A CA   1 
ATOM 518  C C    . LYS A 1 39 ? 2.601   3.732   -15.441 1.00 0.15  ? 33 LYS A C    1 
ATOM 519  O O    . LYS A 1 39 ? 1.980   4.716   -15.789 1.00 0.16  ? 33 LYS A O    1 
ATOM 520  C CB   . LYS A 1 39 ? 4.542   3.539   -17.035 1.00 0.20  ? 33 LYS A CB   1 
ATOM 521  C CG   . LYS A 1 39 ? 4.418   4.895   -17.734 1.00 0.60  ? 33 LYS A CG   1 
ATOM 522  C CD   . LYS A 1 39 ? 4.770   4.739   -19.215 1.00 0.76  ? 33 LYS A CD   1 
ATOM 523  C CE   . LYS A 1 39 ? 4.815   6.119   -19.877 1.00 1.42  ? 33 LYS A CE   1 
ATOM 524  N NZ   . LYS A 1 39 ? 6.170   6.207   -20.491 1.00 2.03  ? 33 LYS A NZ   1 
ATOM 525  H H    . LYS A 1 39 ? 5.190   2.607   -14.027 1.00 0.16  ? 33 LYS A H    1 
ATOM 526  H HA   . LYS A 1 39 ? 4.560   4.585   -15.157 1.00 0.18  ? 33 LYS A HA   1 
ATOM 527  H HB2  . LYS A 1 39 ? 5.564   3.194   -17.091 1.00 0.40  ? 33 LYS A HB2  1 
ATOM 528  H HB3  . LYS A 1 39 ? 3.894   2.829   -17.524 1.00 0.51  ? 33 LYS A HB3  1 
ATOM 529  H HG2  . LYS A 1 39 ? 3.405   5.257   -17.639 1.00 0.96  ? 33 LYS A HG2  1 
ATOM 530  H HG3  . LYS A 1 39 ? 5.097   5.599   -17.277 1.00 0.92  ? 33 LYS A HG3  1 
ATOM 531  H HD2  . LYS A 1 39 ? 5.735   4.263   -19.308 1.00 0.96  ? 33 LYS A HD2  1 
ATOM 532  H HD3  . LYS A 1 39 ? 4.021   4.133   -19.701 1.00 1.07  ? 33 LYS A HD3  1 
ATOM 533  H HE2  . LYS A 1 39 ? 4.049   6.195   -20.636 1.00 1.85  ? 33 LYS A HE2  1 
ATOM 534  H HE3  . LYS A 1 39 ? 4.694   6.895   -19.138 1.00 1.90  ? 33 LYS A HE3  1 
ATOM 535  H HZ1  . LYS A 1 39 ? 6.265   5.477   -21.225 1.00 2.51  ? 33 LYS A HZ1  1 
ATOM 536  H HZ2  . LYS A 1 39 ? 6.892   6.059   -19.758 1.00 2.43  ? 33 LYS A HZ2  1 
ATOM 537  H HZ3  . LYS A 1 39 ? 6.296   7.145   -20.920 1.00 2.40  ? 33 LYS A HZ3  1 
ATOM 538  N N    . ASP A 1 40 ? 1.998   2.732   -14.857 1.00 0.14  ? 34 ASP A N    1 
ATOM 539  C CA   . ASP A 1 40 ? 0.528   2.797   -14.614 1.00 0.13  ? 34 ASP A CA   1 
ATOM 540  C C    . ASP A 1 40 ? 0.237   3.691   -13.407 1.00 0.13  ? 34 ASP A C    1 
ATOM 541  O O    . ASP A 1 40 ? 1.133   4.087   -12.690 1.00 0.13  ? 34 ASP A O    1 
ATOM 542  C CB   . ASP A 1 40 ? 0.101   1.360   -14.337 1.00 0.12  ? 34 ASP A CB   1 
ATOM 543  C CG   . ASP A 1 40 ? 0.124   0.567   -15.643 1.00 0.14  ? 34 ASP A CG   1 
ATOM 544  O OD1  . ASP A 1 40 ? 0.317   1.175   -16.681 1.00 0.15  ? 34 ASP A OD1  1 
ATOM 545  O OD2  . ASP A 1 40 ? -0.054  -0.636  -15.580 1.00 0.14  ? 34 ASP A OD2  1 
ATOM 546  H H    . ASP A 1 40 ? 2.515   1.967   -14.523 1.00 0.13  ? 34 ASP A H    1 
ATOM 547  H HA   . ASP A 1 40 ? 0.020   3.165   -15.491 1.00 0.14  ? 34 ASP A HA   1 
ATOM 548  H HB2  . ASP A 1 40 ? 0.784   0.911   -13.629 1.00 0.12  ? 34 ASP A HB2  1 
ATOM 549  H HB3  . ASP A 1 40 ? -0.899  1.353   -13.930 1.00 0.12  ? 34 ASP A HB3  1 
ATOM 550  N N    . ALA A 1 41 ? -0.999  4.063   -13.212 1.00 0.13  ? 35 ALA A N    1 
ATOM 551  C CA   . ALA A 1 41 ? -1.325  4.992   -12.092 1.00 0.13  ? 35 ALA A CA   1 
ATOM 552  C C    . ALA A 1 41 ? -1.999  4.238   -10.941 1.00 0.12  ? 35 ALA A C    1 
ATOM 553  O O    . ALA A 1 41 ? -2.979  3.544   -11.128 1.00 0.11  ? 35 ALA A O    1 
ATOM 554  C CB   . ALA A 1 41 ? -2.284  6.016   -12.698 1.00 0.16  ? 35 ALA A CB   1 
ATOM 555  H H    . ALA A 1 41 ? -1.704  3.766   -13.825 1.00 0.13  ? 35 ALA A H    1 
ATOM 556  H HA   . ALA A 1 41 ? -0.433  5.488   -11.744 1.00 0.15  ? 35 ALA A HA   1 
ATOM 557  H HB1  . ALA A 1 41 ? -3.302  5.671   -12.580 1.00 1.01  ? 35 ALA A HB1  1 
ATOM 558  H HB2  . ALA A 1 41 ? -2.065  6.137   -13.749 1.00 1.03  ? 35 ALA A HB2  1 
ATOM 559  H HB3  . ALA A 1 41 ? -2.166  6.964   -12.194 1.00 1.04  ? 35 ALA A HB3  1 
ATOM 560  N N    . LEU A 1 42 ? -1.533  4.444   -9.738  1.00 0.12  ? 36 LEU A N    1 
ATOM 561  C CA   . LEU A 1 42 ? -2.198  3.827   -8.553  1.00 0.12  ? 36 LEU A CA   1 
ATOM 562  C C    . LEU A 1 42 ? -2.928  4.908   -7.756  1.00 0.15  ? 36 LEU A C    1 
ATOM 563  O O    . LEU A 1 42 ? -2.388  5.968   -7.517  1.00 0.17  ? 36 LEU A O    1 
ATOM 564  C CB   . LEU A 1 42 ? -1.060  3.253   -7.711  1.00 0.13  ? 36 LEU A CB   1 
ATOM 565  C CG   . LEU A 1 42 ? -0.115  2.437   -8.590  1.00 0.12  ? 36 LEU A CG   1 
ATOM 566  C CD1  . LEU A 1 42 ? 1.214   2.256   -7.856  1.00 0.15  ? 36 LEU A CD1  1 
ATOM 567  C CD2  . LEU A 1 42 ? -0.733  1.065   -8.869  1.00 0.14  ? 36 LEU A CD2  1 
ATOM 568  H H    . LEU A 1 42 ? -0.783  5.060   -9.607  1.00 0.14  ? 36 LEU A H    1 
ATOM 569  H HA   . LEU A 1 42 ? -2.876  3.045   -8.854  1.00 0.12  ? 36 LEU A HA   1 
ATOM 570  H HB2  . LEU A 1 42 ? -0.512  4.063   -7.252  1.00 0.15  ? 36 LEU A HB2  1 
ATOM 571  H HB3  . LEU A 1 42 ? -1.469  2.616   -6.941  1.00 0.14  ? 36 LEU A HB3  1 
ATOM 572  H HG   . LEU A 1 42 ? 0.055   2.956   -9.521  1.00 0.11  ? 36 LEU A HG   1 
ATOM 573  H HD11 . LEU A 1 42 ? 1.495   1.213   -7.871  1.00 1.01  ? 36 LEU A HD11 1 
ATOM 574  H HD12 . LEU A 1 42 ? 1.109   2.586   -6.833  1.00 0.96  ? 36 LEU A HD12 1 
ATOM 575  H HD13 . LEU A 1 42 ? 1.979   2.841   -8.346  1.00 0.99  ? 36 LEU A HD13 1 
ATOM 576  H HD21 . LEU A 1 42 ? -0.344  0.345   -8.164  1.00 1.04  ? 36 LEU A HD21 1 
ATOM 577  H HD22 . LEU A 1 42 ? -0.485  0.756   -9.874  1.00 1.01  ? 36 LEU A HD22 1 
ATOM 578  H HD23 . LEU A 1 42 ? -1.806  1.126   -8.765  1.00 1.02  ? 36 LEU A HD23 1 
ATOM 579  N N    . GLU A 1 43 ? -4.078  4.609   -7.221  1.00 0.15  ? 37 GLU A N    1 
ATOM 580  C CA   . GLU A 1 43 ? -4.735  5.588   -6.312  1.00 0.18  ? 37 GLU A CA   1 
ATOM 581  C C    . GLU A 1 43 ? -4.626  5.106   -4.865  1.00 0.18  ? 37 GLU A C    1 
ATOM 582  O O    . GLU A 1 43 ? -4.683  3.924   -4.589  1.00 0.17  ? 37 GLU A O    1 
ATOM 583  C CB   . GLU A 1 43 ? -6.195  5.644   -6.760  1.00 0.19  ? 37 GLU A CB   1 
ATOM 584  C CG   . GLU A 1 43 ? -6.933  6.721   -5.962  1.00 0.23  ? 37 GLU A CG   1 
ATOM 585  C CD   . GLU A 1 43 ? -8.415  6.710   -6.338  1.00 0.26  ? 37 GLU A CD   1 
ATOM 586  O OE1  . GLU A 1 43 ? -8.794  5.884   -7.153  1.00 1.13  ? 37 GLU A OE1  1 
ATOM 587  O OE2  . GLU A 1 43 ? -9.148  7.528   -5.805  1.00 1.08  ? 37 GLU A OE2  1 
ATOM 588  H H    . GLU A 1 43 ? -4.454  3.709   -7.328  1.00 0.14  ? 37 GLU A H    1 
ATOM 589  H HA   . GLU A 1 43 ? -4.281  6.561   -6.418  1.00 0.19  ? 37 GLU A HA   1 
ATOM 590  H HB2  . GLU A 1 43 ? -6.244  5.880   -7.814  1.00 0.20  ? 37 GLU A HB2  1 
ATOM 591  H HB3  . GLU A 1 43 ? -6.660  4.688   -6.581  1.00 0.18  ? 37 GLU A HB3  1 
ATOM 592  H HG2  . GLU A 1 43 ? -6.827  6.522   -4.905  1.00 0.23  ? 37 GLU A HG2  1 
ATOM 593  H HG3  . GLU A 1 43 ? -6.513  7.689   -6.190  1.00 0.24  ? 37 GLU A HG3  1 
ATOM 594  N N    . ILE A 1 44 ? -4.354  6.002   -3.961  1.00 0.21  ? 38 ILE A N    1 
ATOM 595  C CA   . ILE A 1 44 ? -4.103  5.595   -2.551  1.00 0.23  ? 38 ILE A CA   1 
ATOM 596  C C    . ILE A 1 44 ? -5.225  6.096   -1.641  1.00 0.22  ? 38 ILE A C    1 
ATOM 597  O O    . ILE A 1 44 ? -5.658  7.231   -1.733  1.00 0.22  ? 38 ILE A O    1 
ATOM 598  C CB   . ILE A 1 44 ? -2.777  6.256   -2.180  1.00 0.27  ? 38 ILE A CB   1 
ATOM 599  C CG1  . ILE A 1 44 ? -1.693  5.813   -3.165  1.00 0.28  ? 38 ILE A CG1  1 
ATOM 600  C CG2  . ILE A 1 44 ? -2.376  5.840   -0.763  1.00 0.30  ? 38 ILE A CG2  1 
ATOM 601  C CD1  . ILE A 1 44 ? -0.395  6.569   -2.872  1.00 0.86  ? 38 ILE A CD1  1 
ATOM 602  H H    . ILE A 1 44 ? -4.233  6.930   -4.226  1.00 0.22  ? 38 ILE A H    1 
ATOM 603  H HA   . ILE A 1 44 ? -4.011  4.523   -2.480  1.00 0.23  ? 38 ILE A HA   1 
ATOM 604  H HB   . ILE A 1 44 ? -2.887  7.331   -2.221  1.00 0.28  ? 38 ILE A HB   1 
ATOM 605  H HG12 . ILE A 1 44 ? -1.523  4.751   -3.059  1.00 0.57  ? 38 ILE A HG12 1 
ATOM 606  H HG13 . ILE A 1 44 ? -2.012  6.028   -4.173  1.00 0.64  ? 38 ILE A HG13 1 
ATOM 607  H HG21 . ILE A 1 44 ? -3.174  5.264   -0.319  1.00 1.15  ? 38 ILE A HG21 1 
ATOM 608  H HG22 . ILE A 1 44 ? -2.194  6.723   -0.167  1.00 1.04  ? 38 ILE A HG22 1 
ATOM 609  H HG23 . ILE A 1 44 ? -1.479  5.241   -0.804  1.00 0.94  ? 38 ILE A HG23 1 
ATOM 610  H HD11 . ILE A 1 44 ? 0.448   5.916   -3.039  1.00 1.36  ? 38 ILE A HD11 1 
ATOM 611  H HD12 . ILE A 1 44 ? -0.397  6.901   -1.844  1.00 1.47  ? 38 ILE A HD12 1 
ATOM 612  H HD13 . ILE A 1 44 ? -0.323  7.426   -3.526  1.00 1.50  ? 38 ILE A HD13 1 
ATOM 613  N N    . TYR A 1 45 ? -5.708  5.238   -0.787  1.00 0.21  ? 39 TYR A N    1 
ATOM 614  C CA   . TYR A 1 45 ? -6.825  5.604   0.128   1.00 0.20  ? 39 TYR A CA   1 
ATOM 615  C C    . TYR A 1 45 ? -6.347  5.577   1.581   1.00 0.18  ? 39 TYR A C    1 
ATOM 616  O O    . TYR A 1 45 ? -5.448  4.838   1.927   1.00 0.17  ? 39 TYR A O    1 
ATOM 617  C CB   . TYR A 1 45 ? -7.864  4.507   -0.088  1.00 0.22  ? 39 TYR A CB   1 
ATOM 618  C CG   . TYR A 1 45 ? -8.636  4.756   -1.355  1.00 0.25  ? 39 TYR A CG   1 
ATOM 619  C CD1  . TYR A 1 45 ? -7.993  4.725   -2.598  1.00 0.28  ? 39 TYR A CD1  1 
ATOM 620  C CD2  . TYR A 1 45 ? -10.004 5.006   -1.280  1.00 0.28  ? 39 TYR A CD2  1 
ATOM 621  C CE1  . TYR A 1 45 ? -8.725  4.950   -3.770  1.00 0.31  ? 39 TYR A CE1  1 
ATOM 622  C CE2  . TYR A 1 45 ? -10.740 5.231   -2.446  1.00 0.32  ? 39 TYR A CE2  1 
ATOM 623  C CZ   . TYR A 1 45 ? -10.102 5.205   -3.694  1.00 0.33  ? 39 TYR A CZ   1 
ATOM 624  O OH   . TYR A 1 45 ? -10.828 5.434   -4.844  1.00 0.37  ? 39 TYR A OH   1 
ATOM 625  H H    . TYR A 1 45 ? -5.346  4.332   -0.763  1.00 0.22  ? 39 TYR A H    1 
ATOM 626  H HA   . TYR A 1 45 ? -7.237  6.566   -0.128  1.00 0.22  ? 39 TYR A HA   1 
ATOM 627  H HB2  . TYR A 1 45 ? -7.361  3.559   -0.165  1.00 0.23  ? 39 TYR A HB2  1 
ATOM 628  H HB3  . TYR A 1 45 ? -8.545  4.487   0.749   1.00 0.21  ? 39 TYR A HB3  1 
ATOM 629  H HD1  . TYR A 1 45 ? -6.931  4.531   -2.652  1.00 0.28  ? 39 TYR A HD1  1 
ATOM 630  H HD2  . TYR A 1 45 ? -10.488 5.022   -0.314  1.00 0.29  ? 39 TYR A HD2  1 
ATOM 631  H HE1  . TYR A 1 45 ? -8.232  4.917   -4.734  1.00 0.34  ? 39 TYR A HE1  1 
ATOM 632  H HE2  . TYR A 1 45 ? -11.797 5.419   -2.384  1.00 0.35  ? 39 TYR A HE2  1 
ATOM 633  H HH   . TYR A 1 45 ? -10.674 6.341   -5.117  1.00 0.87  ? 39 TYR A HH   1 
ATOM 634  N N    . VAL A 1 46 ? -7.026  6.263   2.458   1.00 0.18  ? 40 VAL A N    1 
ATOM 635  C CA   . VAL A 1 46 ? -6.688  6.139   3.906   1.00 0.16  ? 40 VAL A CA   1 
ATOM 636  C C    . VAL A 1 46 ? -7.946  5.872   4.737   1.00 0.16  ? 40 VAL A C    1 
ATOM 637  O O    . VAL A 1 46 ? -8.862  6.670   4.769   1.00 0.22  ? 40 VAL A O    1 
ATOM 638  C CB   . VAL A 1 46 ? -6.074  7.484   4.289   1.00 0.19  ? 40 VAL A CB   1 
ATOM 639  C CG1  . VAL A 1 46 ? -5.759  7.491   5.785   1.00 0.20  ? 40 VAL A CG1  1 
ATOM 640  C CG2  . VAL A 1 46 ? -4.784  7.697   3.495   1.00 0.20  ? 40 VAL A CG2  1 
ATOM 641  H H    . VAL A 1 46 ? -7.817  6.772   2.177   1.00 0.19  ? 40 VAL A H    1 
ATOM 642  H HA   . VAL A 1 46 ? -5.966  5.352   4.056   1.00 0.15  ? 40 VAL A HA   1 
ATOM 643  H HB   . VAL A 1 46 ? -6.774  8.276   4.065   1.00 0.22  ? 40 VAL A HB   1 
ATOM 644  H HG11 . VAL A 1 46 ? -6.573  7.028   6.326   1.00 1.05  ? 40 VAL A HG11 1 
ATOM 645  H HG12 . VAL A 1 46 ? -5.636  8.509   6.123   1.00 1.02  ? 40 VAL A HG12 1 
ATOM 646  H HG13 . VAL A 1 46 ? -4.848  6.939   5.965   1.00 1.04  ? 40 VAL A HG13 1 
ATOM 647  H HG21 . VAL A 1 46 ? -5.021  8.104   2.524   1.00 1.03  ? 40 VAL A HG21 1 
ATOM 648  H HG22 . VAL A 1 46 ? -4.275  6.751   3.375   1.00 1.06  ? 40 VAL A HG22 1 
ATOM 649  H HG23 . VAL A 1 46 ? -4.142  8.385   4.027   1.00 1.02  ? 40 VAL A HG23 1 
ATOM 650  N N    . ASP A 1 47 ? -7.970  4.784   5.458   1.00 0.14  ? 41 ASP A N    1 
ATOM 651  C CA   . ASP A 1 47 ? -9.133  4.501   6.346   1.00 0.15  ? 41 ASP A CA   1 
ATOM 652  C C    . ASP A 1 47 ? -8.670  3.744   7.597   1.00 0.17  ? 41 ASP A C    1 
ATOM 653  O O    . ASP A 1 47 ? -7.837  2.868   7.524   1.00 0.21  ? 41 ASP A O    1 
ATOM 654  C CB   . ASP A 1 47 ? -10.070 3.630   5.510   1.00 0.21  ? 41 ASP A CB   1 
ATOM 655  C CG   . ASP A 1 47 ? -9.495  2.217   5.396   1.00 0.35  ? 41 ASP A CG   1 
ATOM 656  O OD1  . ASP A 1 47 ? -8.283  2.093   5.365   1.00 1.07  ? 41 ASP A OD1  1 
ATOM 657  O OD2  . ASP A 1 47 ? -10.278 1.284   5.346   1.00 1.21  ? 41 ASP A OD2  1 
ATOM 658  H H    . ASP A 1 47 ? -7.207  4.173   5.443   1.00 0.15  ? 41 ASP A H    1 
ATOM 659  H HA   . ASP A 1 47 ? -9.631  5.419   6.615   1.00 0.18  ? 41 ASP A HA   1 
ATOM 660  H HB2  . ASP A 1 47 ? -11.040 3.587   5.986   1.00 0.21  ? 41 ASP A HB2  1 
ATOM 661  H HB3  . ASP A 1 47 ? -10.173 4.056   4.523   1.00 0.25  ? 41 ASP A HB3  1 
ATOM 662  N N    . ASP A 1 48 ? -9.281  3.998   8.720   1.00 0.30  ? 42 ASP A N    1 
ATOM 663  C CA   . ASP A 1 48 ? -8.959  3.209   9.945   1.00 0.44  ? 42 ASP A CA   1 
ATOM 664  C C    . ASP A 1 48 ? -7.443  3.012   10.093  1.00 0.36  ? 42 ASP A C    1 
ATOM 665  O O    . ASP A 1 48 ? -6.980  1.937   10.418  1.00 0.38  ? 42 ASP A O    1 
ATOM 666  C CB   . ASP A 1 48 ? -9.656  1.868   9.733   1.00 0.56  ? 42 ASP A CB   1 
ATOM 667  C CG   . ASP A 1 48 ? -9.344  0.935   10.905  1.00 0.69  ? 42 ASP A CG   1 
ATOM 668  O OD1  . ASP A 1 48 ? -8.738  1.397   11.858  1.00 1.21  ? 42 ASP A OD1  1 
ATOM 669  O OD2  . ASP A 1 48 ? -9.716  -0.224  10.831  1.00 1.38  ? 42 ASP A OD2  1 
ATOM 670  H H    . ASP A 1 48 ? -10.008 4.649   8.741   1.00 0.37  ? 42 ASP A H    1 
ATOM 671  H HA   . ASP A 1 48 ? -9.361  3.694   10.820  1.00 0.56  ? 42 ASP A HA   1 
ATOM 672  H HB2  . ASP A 1 48 ? -10.723 2.025   9.671   1.00 0.64  ? 42 ASP A HB2  1 
ATOM 673  H HB3  . ASP A 1 48 ? -9.305  1.426   8.815   1.00 0.51  ? 42 ASP A HB3  1 
ATOM 674  N N    . GLU A 1 49 ? -6.676  4.057   9.930   1.00 0.32  ? 43 GLU A N    1 
ATOM 675  C CA   . GLU A 1 49 ? -5.200  3.950   10.146  1.00 0.32  ? 43 GLU A CA   1 
ATOM 676  C C    . GLU A 1 49 ? -4.595  2.889   9.224   1.00 0.26  ? 43 GLU A C    1 
ATOM 677  O O    . GLU A 1 49 ? -3.450  2.509   9.365   1.00 0.30  ? 43 GLU A O    1 
ATOM 678  C CB   . GLU A 1 49 ? -5.040  3.543   11.613  1.00 0.41  ? 43 GLU A CB   1 
ATOM 679  C CG   . GLU A 1 49 ? -5.640  4.625   12.512  1.00 1.23  ? 43 GLU A CG   1 
ATOM 680  C CD   . GLU A 1 49 ? -5.413  4.254   13.979  1.00 1.53  ? 43 GLU A CD   1 
ATOM 681  O OE1  . GLU A 1 49 ? -4.976  3.143   14.229  1.00 2.03  ? 43 GLU A OE1  1 
ATOM 682  O OE2  . GLU A 1 49 ? -5.681  5.088   14.829  1.00 2.12  ? 43 GLU A OE2  1 
ATOM 683  H H    . GLU A 1 49 ? -7.075  4.924   9.718   1.00 0.33  ? 43 GLU A H    1 
ATOM 684  H HA   . GLU A 1 49 ? -4.727  4.905   9.980   1.00 0.34  ? 43 GLU A HA   1 
ATOM 685  H HB2  . GLU A 1 49 ? -5.549  2.606   11.785  1.00 1.00  ? 43 GLU A HB2  1 
ATOM 686  H HB3  . GLU A 1 49 ? -3.991  3.429   11.842  1.00 0.91  ? 43 GLU A HB3  1 
ATOM 687  H HG2  . GLU A 1 49 ? -5.165  5.572   12.302  1.00 1.86  ? 43 GLU A HG2  1 
ATOM 688  H HG3  . GLU A 1 49 ? -6.700  4.703   12.323  1.00 1.91  ? 43 GLU A HG3  1 
ATOM 689  N N    . LYS A 1 50 ? -5.328  2.469   8.234   1.00 0.20  ? 44 LYS A N    1 
ATOM 690  C CA   . LYS A 1 50 ? -4.772  1.503   7.244   1.00 0.24  ? 44 LYS A CA   1 
ATOM 691  C C    . LYS A 1 50 ? -4.802  2.115   5.843   1.00 0.19  ? 44 LYS A C    1 
ATOM 692  O O    . LYS A 1 50 ? -5.649  2.924   5.530   1.00 0.21  ? 44 LYS A O    1 
ATOM 693  C CB   . LYS A 1 50 ? -5.689  0.281   7.312   1.00 0.40  ? 44 LYS A CB   1 
ATOM 694  C CG   . LYS A 1 50 ? -5.545  -0.397  8.674   1.00 0.95  ? 44 LYS A CG   1 
ATOM 695  C CD   . LYS A 1 50 ? -6.360  -1.693  8.684   1.00 0.86  ? 44 LYS A CD   1 
ATOM 696  C CE   . LYS A 1 50 ? -6.256  -2.353  10.060  1.00 1.81  ? 44 LYS A CE   1 
ATOM 697  N NZ   . LYS A 1 50 ? -7.566  -2.081  10.717  1.00 1.80  ? 44 LYS A NZ   1 
ATOM 698  H H    . LYS A 1 50 ? -6.224  2.833   8.108   1.00 0.20  ? 44 LYS A H    1 
ATOM 699  H HA   . LYS A 1 50 ? -3.766  1.224   7.514   1.00 0.29  ? 44 LYS A HA   1 
ATOM 700  H HB2  . LYS A 1 50 ? -6.714  0.594   7.172   1.00 1.24  ? 44 LYS A HB2  1 
ATOM 701  H HB3  . LYS A 1 50 ? -5.417  -0.416  6.534   1.00 0.95  ? 44 LYS A HB3  1 
ATOM 702  H HG2  . LYS A 1 50 ? -4.504  -0.623  8.855   1.00 1.48  ? 44 LYS A HG2  1 
ATOM 703  H HG3  . LYS A 1 50 ? -5.911  0.262   9.446   1.00 1.67  ? 44 LYS A HG3  1 
ATOM 704  H HD2  . LYS A 1 50 ? -7.394  -1.468  8.468   1.00 1.10  ? 44 LYS A HD2  1 
ATOM 705  H HD3  . LYS A 1 50 ? -5.974  -2.367  7.934   1.00 1.19  ? 44 LYS A HD3  1 
ATOM 706  H HE2  . LYS A 1 50 ? -6.099  -3.417  9.954   1.00 2.40  ? 44 LYS A HE2  1 
ATOM 707  H HE3  . LYS A 1 50 ? -5.457  -1.908  10.632  1.00 2.52  ? 44 LYS A HE3  1 
ATOM 708  H HZ1  . LYS A 1 50 ? -7.771  -1.062  10.674  1.00 1.98  ? 44 LYS A HZ1  1 
ATOM 709  H HZ2  . LYS A 1 50 ? -7.524  -2.386  11.711  1.00 2.16  ? 44 LYS A HZ2  1 
ATOM 710  H HZ3  . LYS A 1 50 ? -8.317  -2.604  10.224  1.00 2.15  ? 44 LYS A HZ3  1 
ATOM 711  N N    . ILE A 1 51 ? -3.866  1.760   5.008   1.00 0.18  ? 45 ILE A N    1 
ATOM 712  C CA   . ILE A 1 51 ? -3.829  2.355   3.641   1.00 0.20  ? 45 ILE A CA   1 
ATOM 713  C C    . ILE A 1 51 ? -4.455  1.392   2.627   1.00 0.15  ? 45 ILE A C    1 
ATOM 714  O O    . ILE A 1 51 ? -4.074  0.243   2.536   1.00 0.13  ? 45 ILE A O    1 
ATOM 715  C CB   . ILE A 1 51 ? -2.343  2.547   3.344   1.00 0.25  ? 45 ILE A CB   1 
ATOM 716  C CG1  . ILE A 1 51 ? -1.707  3.385   4.453   1.00 0.32  ? 45 ILE A CG1  1 
ATOM 717  C CG2  . ILE A 1 51 ? -2.180  3.267   2.004   1.00 0.31  ? 45 ILE A CG2  1 
ATOM 718  C CD1  . ILE A 1 51 ? -0.186  3.324   4.328   1.00 0.39  ? 45 ILE A CD1  1 
ATOM 719  H H    . ILE A 1 51 ? -3.172  1.126   5.288   1.00 0.18  ? 45 ILE A H    1 
ATOM 720  H HA   . ILE A 1 51 ? -4.334  3.309   3.627   1.00 0.26  ? 45 ILE A HA   1 
ATOM 721  H HB   . ILE A 1 51 ? -1.859  1.582   3.295   1.00 0.24  ? 45 ILE A HB   1 
ATOM 722  H HG12 . ILE A 1 51 ? -2.037  4.410   4.364   1.00 0.35  ? 45 ILE A HG12 1 
ATOM 723  H HG13 . ILE A 1 51 ? -2.003  2.993   5.416   1.00 0.30  ? 45 ILE A HG13 1 
ATOM 724  H HG21 . ILE A 1 51 ? -3.141  3.344   1.517   1.00 1.11  ? 45 ILE A HG21 1 
ATOM 725  H HG22 . ILE A 1 51 ? -1.501  2.709   1.376   1.00 0.94  ? 45 ILE A HG22 1 
ATOM 726  H HG23 . ILE A 1 51 ? -1.782  4.257   2.174   1.00 1.13  ? 45 ILE A HG23 1 
ATOM 727  H HD11 . ILE A 1 51 ? 0.099   3.518   3.304   1.00 0.97  ? 45 ILE A HD11 1 
ATOM 728  H HD12 . ILE A 1 51 ? 0.159   2.342   4.618   1.00 1.04  ? 45 ILE A HD12 1 
ATOM 729  H HD13 . ILE A 1 51 ? 0.259   4.066   4.972   1.00 1.08  ? 45 ILE A HD13 1 
ATOM 730  N N    . ILE A 1 52 ? -5.371  1.871   1.829   1.00 0.21  ? 46 ILE A N    1 
ATOM 731  C CA   . ILE A 1 52 ? -5.975  1.006   0.774   1.00 0.22  ? 46 ILE A CA   1 
ATOM 732  C C    . ILE A 1 52 ? -5.497  1.452   -0.610  1.00 0.20  ? 46 ILE A C    1 
ATOM 733  O O    . ILE A 1 52 ? -5.787  2.540   -1.056  1.00 0.27  ? 46 ILE A O    1 
ATOM 734  C CB   . ILE A 1 52 ? -7.487  1.210   0.920   1.00 0.34  ? 46 ILE A CB   1 
ATOM 735  C CG1  . ILE A 1 52 ? -7.973  0.477   2.171   1.00 0.48  ? 46 ILE A CG1  1 
ATOM 736  C CG2  . ILE A 1 52 ? -8.212  0.664   -0.313  1.00 0.34  ? 46 ILE A CG2  1 
ATOM 737  C CD1  . ILE A 1 52 ? -9.222  1.174   2.707   1.00 1.11  ? 46 ILE A CD1  1 
ATOM 738  H H    . ILE A 1 52 ? -5.631  2.811   1.895   1.00 0.27  ? 46 ILE A H    1 
ATOM 739  H HA   . ILE A 1 52 ? -5.723  -0.028  0.944   1.00 0.21  ? 46 ILE A HA   1 
ATOM 740  H HB   . ILE A 1 52 ? -7.705  2.267   1.019   1.00 0.35  ? 46 ILE A HB   1 
ATOM 741  H HG12 . ILE A 1 52 ? -8.210  -0.547  1.920   1.00 1.47  ? 46 ILE A HG12 1 
ATOM 742  H HG13 . ILE A 1 52 ? -7.201  0.497   2.924   1.00 0.99  ? 46 ILE A HG13 1 
ATOM 743  H HG21 . ILE A 1 52 ? -8.862  -0.148  -0.019  1.00 1.13  ? 46 ILE A HG21 1 
ATOM 744  H HG22 . ILE A 1 52 ? -7.490  0.304   -1.030  1.00 1.00  ? 46 ILE A HG22 1 
ATOM 745  H HG23 . ILE A 1 52 ? -8.805  1.453   -0.764  1.00 1.09  ? 46 ILE A HG23 1 
ATOM 746  H HD11 . ILE A 1 52 ? -8.943  2.133   3.121   1.00 1.64  ? 46 ILE A HD11 1 
ATOM 747  H HD12 . ILE A 1 52 ? -9.673  0.565   3.475   1.00 1.77  ? 46 ILE A HD12 1 
ATOM 748  H HD13 . ILE A 1 52 ? -9.926  1.320   1.902   1.00 1.75  ? 46 ILE A HD13 1 
ATOM 749  N N    . LEU A 1 53 ? -4.774  0.613   -1.298  1.00 0.15  ? 47 LEU A N    1 
ATOM 750  C CA   . LEU A 1 53 ? -4.293  0.993   -2.658  1.00 0.13  ? 47 LEU A CA   1 
ATOM 751  C C    . LEU A 1 53 ? -5.054  0.204   -3.723  1.00 0.14  ? 47 LEU A C    1 
ATOM 752  O O    . LEU A 1 53 ? -5.232  -0.993  -3.614  1.00 0.16  ? 47 LEU A O    1 
ATOM 753  C CB   . LEU A 1 53 ? -2.814  0.620   -2.684  1.00 0.13  ? 47 LEU A CB   1 
ATOM 754  C CG   . LEU A 1 53 ? -2.075  1.352   -1.561  1.00 0.13  ? 47 LEU A CG   1 
ATOM 755  C CD1  . LEU A 1 53 ? -2.336  0.649   -0.228  1.00 0.14  ? 47 LEU A CD1  1 
ATOM 756  C CD2  . LEU A 1 53 ? -0.573  1.345   -1.854  1.00 0.15  ? 47 LEU A CD2  1 
ATOM 757  H H    . LEU A 1 53 ? -4.555  -0.264  -0.924  1.00 0.17  ? 47 LEU A H    1 
ATOM 758  H HA   . LEU A 1 53 ? -4.410  2.053   -2.818  1.00 0.14  ? 47 LEU A HA   1 
ATOM 759  H HB2  . LEU A 1 53 ? -2.717  -0.443  -2.553  1.00 0.13  ? 47 LEU A HB2  1 
ATOM 760  H HB3  . LEU A 1 53 ? -2.390  0.904   -3.635  1.00 0.13  ? 47 LEU A HB3  1 
ATOM 761  H HG   . LEU A 1 53 ? -2.427  2.372   -1.505  1.00 0.14  ? 47 LEU A HG   1 
ATOM 762  H HD11 . LEU A 1 53 ? -1.447  0.696   0.383   1.00 1.03  ? 47 LEU A HD11 1 
ATOM 763  H HD12 . LEU A 1 53 ? -2.595  -0.383  -0.411  1.00 1.02  ? 47 LEU A HD12 1 
ATOM 764  H HD13 . LEU A 1 53 ? -3.151  1.140   0.284   1.00 0.98  ? 47 LEU A HD13 1 
ATOM 765  H HD21 . LEU A 1 53 ? -0.338  2.135   -2.550  1.00 1.03  ? 47 LEU A HD21 1 
ATOM 766  H HD22 . LEU A 1 53 ? -0.295  0.393   -2.283  1.00 1.00  ? 47 LEU A HD22 1 
ATOM 767  H HD23 . LEU A 1 53 ? -0.027  1.499   -0.936  1.00 1.01  ? 47 LEU A HD23 1 
ATOM 768  N N    . LYS A 1 54 ? -5.505  0.867   -4.746  1.00 0.15  ? 48 LYS A N    1 
ATOM 769  C CA   . LYS A 1 54 ? -6.262  0.164   -5.822  1.00 0.17  ? 48 LYS A CA   1 
ATOM 770  C C    . LYS A 1 54 ? -5.931  0.772   -7.187  1.00 0.15  ? 48 LYS A C    1 
ATOM 771  O O    . LYS A 1 54 ? -5.393  1.856   -7.277  1.00 0.15  ? 48 LYS A O    1 
ATOM 772  C CB   . LYS A 1 54 ? -7.739  0.375   -5.484  1.00 0.22  ? 48 LYS A CB   1 
ATOM 773  C CG   . LYS A 1 54 ? -8.102  1.856   -5.624  1.00 0.27  ? 48 LYS A CG   1 
ATOM 774  C CD   . LYS A 1 54 ? -9.581  2.043   -5.286  1.00 0.35  ? 48 LYS A CD   1 
ATOM 775  C CE   . LYS A 1 54 ? -10.121 3.274   -6.016  1.00 1.42  ? 48 LYS A CE   1 
ATOM 776  N NZ   . LYS A 1 54 ? -10.173 2.878   -7.451  1.00 2.11  ? 48 LYS A NZ   1 
ATOM 777  H H    . LYS A 1 54 ? -5.352  1.832   -4.802  1.00 0.15  ? 48 LYS A H    1 
ATOM 778  H HA   . LYS A 1 54 ? -6.038  -0.891  -5.810  1.00 0.17  ? 48 LYS A HA   1 
ATOM 779  H HB2  . LYS A 1 54 ? -8.348  -0.208  -6.159  1.00 0.26  ? 48 LYS A HB2  1 
ATOM 780  H HB3  . LYS A 1 54 ? -7.923  0.058   -4.469  1.00 0.21  ? 48 LYS A HB3  1 
ATOM 781  H HG2  . LYS A 1 54 ? -7.502  2.437   -4.938  1.00 0.27  ? 48 LYS A HG2  1 
ATOM 782  H HG3  . LYS A 1 54 ? -7.919  2.192   -6.631  1.00 0.30  ? 48 LYS A HG3  1 
ATOM 783  H HD2  . LYS A 1 54 ? -10.135 1.168   -5.596  1.00 1.16  ? 48 LYS A HD2  1 
ATOM 784  H HD3  . LYS A 1 54 ? -9.693  2.181   -4.221  1.00 0.76  ? 48 LYS A HD3  1 
ATOM 785  H HE2  . LYS A 1 54 ? -11.111 3.519   -5.655  1.00 2.00  ? 48 LYS A HE2  1 
ATOM 786  H HE3  . LYS A 1 54 ? -9.454  4.111   -5.888  1.00 1.81  ? 48 LYS A HE3  1 
ATOM 787  H HZ1  . LYS A 1 54 ? -10.929 3.407   -7.930  1.00 2.54  ? 48 LYS A HZ1  1 
ATOM 788  H HZ2  . LYS A 1 54 ? -10.365 1.857   -7.522  1.00 2.51  ? 48 LYS A HZ2  1 
ATOM 789  H HZ3  . LYS A 1 54 ? -9.263  3.094   -7.904  1.00 2.45  ? 48 LYS A HZ3  1 
ATOM 790  N N    . LYS A 1 55 ? -6.290  0.108   -8.250  1.00 0.16  ? 49 LYS A N    1 
ATOM 791  C CA   . LYS A 1 55 ? -6.038  0.684   -9.601  1.00 0.17  ? 49 LYS A CA   1 
ATOM 792  C C    . LYS A 1 55 ? -6.669  2.072   -9.703  1.00 0.18  ? 49 LYS A C    1 
ATOM 793  O O    . LYS A 1 55 ? -7.644  2.373   -9.042  1.00 0.20  ? 49 LYS A O    1 
ATOM 794  C CB   . LYS A 1 55 ? -6.702  -0.278  -10.583 1.00 0.22  ? 49 LYS A CB   1 
ATOM 795  C CG   . LYS A 1 55 ? -6.426  0.179   -12.016 1.00 0.26  ? 49 LYS A CG   1 
ATOM 796  C CD   . LYS A 1 55 ? -7.029  -0.827  -12.998 1.00 0.76  ? 49 LYS A CD   1 
ATOM 797  C CE   . LYS A 1 55 ? -8.556  -0.769  -12.918 1.00 0.99  ? 49 LYS A CE   1 
ATOM 798  N NZ   . LYS A 1 55 ? -9.033  -1.718  -13.962 1.00 1.61  ? 49 LYS A NZ   1 
ATOM 799  H H    . LYS A 1 55 ? -6.755  -0.751  -8.161  1.00 0.18  ? 49 LYS A H    1 
ATOM 800  H HA   . LYS A 1 55 ? -4.979  0.736   -9.797  1.00 0.17  ? 49 LYS A HA   1 
ATOM 801  H HB2  . LYS A 1 55 ? -6.296  -1.263  -10.439 1.00 0.22  ? 49 LYS A HB2  1 
ATOM 802  H HB3  . LYS A 1 55 ? -7.767  -0.296  -10.409 1.00 0.23  ? 49 LYS A HB3  1 
ATOM 803  H HG2  . LYS A 1 55 ? -6.872  1.151   -12.176 1.00 0.60  ? 49 LYS A HG2  1 
ATOM 804  H HG3  . LYS A 1 55 ? -5.361  0.240   -12.175 1.00 0.71  ? 49 LYS A HG3  1 
ATOM 805  H HD2  . LYS A 1 55 ? -6.711  -0.584  -14.002 1.00 1.28  ? 49 LYS A HD2  1 
ATOM 806  H HD3  . LYS A 1 55 ? -6.695  -1.823  -12.746 1.00 1.20  ? 49 LYS A HD3  1 
ATOM 807  H HE2  . LYS A 1 55 ? -8.891  -1.082  -11.939 1.00 1.51  ? 49 LYS A HE2  1 
ATOM 808  H HE3  . LYS A 1 55 ? -8.906  0.228   -13.136 1.00 1.49  ? 49 LYS A HE3  1 
ATOM 809  H HZ1  . LYS A 1 55 ? -10.049 -1.573  -14.125 1.00 2.10  ? 49 LYS A HZ1  1 
ATOM 810  H HZ2  . LYS A 1 55 ? -8.866  -2.694  -13.644 1.00 2.11  ? 49 LYS A HZ2  1 
ATOM 811  H HZ3  . LYS A 1 55 ? -8.515  -1.548  -14.848 1.00 2.03  ? 49 LYS A HZ3  1 
ATOM 812  N N    . TYR A 1 56 ? -6.069  2.946   -10.457 1.00 0.18  ? 50 TYR A N    1 
ATOM 813  C CA   . TYR A 1 56 ? -6.577  4.347   -10.520 1.00 0.20  ? 50 TYR A CA   1 
ATOM 814  C C    . TYR A 1 56 ? -7.381  4.572   -11.802 1.00 0.27  ? 50 TYR A C    1 
ATOM 815  O O    . TYR A 1 56 ? -6.869  4.451   -12.897 1.00 0.30  ? 50 TYR A O    1 
ATOM 816  C CB   . TYR A 1 56 ? -5.324  5.220   -10.514 1.00 0.19  ? 50 TYR A CB   1 
ATOM 817  C CG   . TYR A 1 56 ? -5.722  6.675   -10.604 1.00 0.21  ? 50 TYR A CG   1 
ATOM 818  C CD1  . TYR A 1 56 ? -6.951  7.099   -10.086 1.00 0.23  ? 50 TYR A CD1  1 
ATOM 819  C CD2  . TYR A 1 56 ? -4.863  7.598   -11.211 1.00 0.28  ? 50 TYR A CD2  1 
ATOM 820  C CE1  . TYR A 1 56 ? -7.318  8.446   -10.173 1.00 0.26  ? 50 TYR A CE1  1 
ATOM 821  C CE2  . TYR A 1 56 ? -5.229  8.944   -11.299 1.00 0.33  ? 50 TYR A CE2  1 
ATOM 822  C CZ   . TYR A 1 56 ? -6.459  9.370   -10.781 1.00 0.30  ? 50 TYR A CZ   1 
ATOM 823  O OH   . TYR A 1 56 ? -6.822  10.699  -10.868 1.00 0.34  ? 50 TYR A OH   1 
ATOM 824  H H    . TYR A 1 56 ? -5.247  2.697   -10.930 1.00 0.18  ? 50 TYR A H    1 
ATOM 825  H HA   . TYR A 1 56 ? -7.181  4.566   -9.654  1.00 0.22  ? 50 TYR A HA   1 
ATOM 826  H HB2  . TYR A 1 56 ? -4.772  5.051   -9.605  1.00 0.19  ? 50 TYR A HB2  1 
ATOM 827  H HB3  . TYR A 1 56 ? -4.706  4.966   -11.362 1.00 0.21  ? 50 TYR A HB3  1 
ATOM 828  H HD1  . TYR A 1 56 ? -7.614  6.388   -9.618  1.00 0.26  ? 50 TYR A HD1  1 
ATOM 829  H HD2  . TYR A 1 56 ? -3.916  7.271   -11.609 1.00 0.32  ? 50 TYR A HD2  1 
ATOM 830  H HE1  . TYR A 1 56 ? -8.265  8.773   -9.774  1.00 0.28  ? 50 TYR A HE1  1 
ATOM 831  H HE2  . TYR A 1 56 ? -4.564  9.653   -11.768 1.00 0.41  ? 50 TYR A HE2  1 
ATOM 832  H HH   . TYR A 1 56 ? -7.758  10.763  -10.669 1.00 1.00  ? 50 TYR A HH   1 
ATOM 833  N N    . LYS A 1 57 ? -8.599  5.019   -11.667 1.00 0.36  ? 51 LYS A N    1 
ATOM 834  C CA   . LYS A 1 57 ? -9.393  5.399   -12.868 1.00 0.44  ? 51 LYS A CA   1 
ATOM 835  C C    . LYS A 1 57 ? -9.350  6.920   -13.050 1.00 0.45  ? 51 LYS A C    1 
ATOM 836  O O    . LYS A 1 57 ? -9.693  7.659   -12.148 1.00 0.50  ? 51 LYS A O    1 
ATOM 837  C CB   . LYS A 1 57 ? -10.818 4.933   -12.569 1.00 0.58  ? 51 LYS A CB   1 
ATOM 838  C CG   . LYS A 1 57 ? -11.372 4.178   -13.779 1.00 1.56  ? 51 LYS A CG   1 
ATOM 839  C CD   . LYS A 1 57 ? -12.880 4.420   -13.884 1.00 1.98  ? 51 LYS A CD   1 
ATOM 840  C CE   . LYS A 1 57 ? -13.445 3.613   -15.054 1.00 2.81  ? 51 LYS A CE   1 
ATOM 841  N NZ   . LYS A 1 57 ? -14.690 4.331   -15.449 1.00 3.28  ? 51 LYS A NZ   1 
ATOM 842  H H    . LYS A 1 57 ? -8.958  5.193   -10.771 1.00 0.40  ? 51 LYS A H    1 
ATOM 843  H HA   . LYS A 1 57 ? -9.014  4.901   -13.745 1.00 0.45  ? 51 LYS A HA   1 
ATOM 844  H HB2  . LYS A 1 57 ? -10.809 4.279   -11.709 1.00 1.09  ? 51 LYS A HB2  1 
ATOM 845  H HB3  . LYS A 1 57 ? -11.442 5.790   -12.364 1.00 1.10  ? 51 LYS A HB3  1 
ATOM 846  H HG2  . LYS A 1 57 ? -10.886 4.531   -14.676 1.00 2.14  ? 51 LYS A HG2  1 
ATOM 847  H HG3  . LYS A 1 57 ? -11.188 3.121   -13.660 1.00 2.19  ? 51 LYS A HG3  1 
ATOM 848  H HD2  . LYS A 1 57 ? -13.359 4.111   -12.967 1.00 2.36  ? 51 LYS A HD2  1 
ATOM 849  H HD3  . LYS A 1 57 ? -13.064 5.470   -14.051 1.00 2.21  ? 51 LYS A HD3  1 
ATOM 850  H HE2  . LYS A 1 57 ? -12.741 3.596   -15.874 1.00 3.24  ? 51 LYS A HE2  1 
ATOM 851  H HE3  . LYS A 1 57 ? -13.682 2.609   -14.739 1.00 3.25  ? 51 LYS A HE3  1 
ATOM 852  H HZ1  . LYS A 1 57 ? -14.891 4.149   -16.453 1.00 3.53  ? 51 LYS A HZ1  1 
ATOM 853  H HZ2  . LYS A 1 57 ? -14.562 5.352   -15.299 1.00 3.60  ? 51 LYS A HZ2  1 
ATOM 854  H HZ3  . LYS A 1 57 ? -15.485 3.991   -14.871 1.00 3.62  ? 51 LYS A HZ3  1 
ATOM 855  N N    . PRO A 1 58 ? -8.898  7.340   -14.198 1.00 0.45  ? 52 PRO A N    1 
ATOM 856  C CA   . PRO A 1 58 ? -8.777  8.792   -14.475 1.00 0.50  ? 52 PRO A CA   1 
ATOM 857  C C    . PRO A 1 58 ? -10.150 9.465   -14.403 1.00 0.62  ? 52 PRO A C    1 
ATOM 858  O O    . PRO A 1 58 ? -11.155 8.889   -14.772 1.00 0.68  ? 52 PRO A O    1 
ATOM 859  C CB   . PRO A 1 58 ? -8.209  8.859   -15.895 1.00 0.54  ? 52 PRO A CB   1 
ATOM 860  C CG   . PRO A 1 58 ? -8.406  7.493   -16.477 1.00 0.60  ? 52 PRO A CG   1 
ATOM 861  C CD   . PRO A 1 58 ? -8.468  6.520   -15.331 1.00 0.47  ? 52 PRO A CD   1 
ATOM 862  H HA   . PRO A 1 58 ? -8.092  9.253   -13.780 1.00 0.50  ? 52 PRO A HA   1 
ATOM 863  H HB2  . PRO A 1 58 ? -8.746  9.596   -16.475 1.00 0.66  ? 52 PRO A HB2  1 
ATOM 864  H HB3  . PRO A 1 58 ? -7.158  9.098   -15.865 1.00 0.66  ? 52 PRO A HB3  1 
ATOM 865  H HG2  . PRO A 1 58 ? -9.330  7.463   -17.038 1.00 0.81  ? 52 PRO A HG2  1 
ATOM 866  H HG3  . PRO A 1 58 ? -7.577  7.244   -17.120 1.00 0.86  ? 52 PRO A HG3  1 
ATOM 867  H HD2  . PRO A 1 58 ? -9.190  5.740   -15.536 1.00 0.58  ? 52 PRO A HD2  1 
ATOM 868  H HD3  . PRO A 1 58 ? -7.494  6.099   -15.136 1.00 0.49  ? 52 PRO A HD3  1 
ATOM 869  N N    . ASN A 1 59 ? -10.202 10.679  -13.927 1.00 0.69  ? 53 ASN A N    1 
ATOM 870  C CA   . ASN A 1 59 ? -11.511 11.386  -13.828 1.00 0.83  ? 53 ASN A CA   1 
ATOM 871  C C    . ASN A 1 59 ? -11.482 12.671  -14.660 1.00 1.09  ? 53 ASN A C    1 
ATOM 872  O O    . ASN A 1 59 ? -10.395 13.104  -15.007 1.00 1.89  ? 53 ASN A O    1 
ATOM 873  C CB   . ASN A 1 59 ? -11.674 11.711  -12.344 1.00 1.30  ? 53 ASN A CB   1 
ATOM 874  C CG   . ASN A 1 59 ? -11.771 10.411  -11.543 1.00 1.83  ? 53 ASN A CG   1 
ATOM 875  O OD1  . ASN A 1 59 ? -12.038 9.362   -12.096 1.00 2.37  ? 53 ASN A OD1  1 
ATOM 876  N ND2  . ASN A 1 59 ? -11.566 10.435  -10.254 1.00 2.54  ? 53 ASN A ND2  1 
ATOM 877  O OXT  . ASN A 1 59 ? -12.546 13.199  -14.935 1.00 1.46  ? 53 ASN A OXT  1 
ATOM 878  H H    . ASN A 1 59 ? -9.381  11.125  -13.632 1.00 0.69  ? 53 ASN A H    1 
ATOM 879  H HA   . ASN A 1 59 ? -12.313 10.743  -14.155 1.00 1.16  ? 53 ASN A HA   1 
ATOM 880  H HB2  . ASN A 1 59 ? -10.821 12.281  -12.005 1.00 1.79  ? 53 ASN A HB2  1 
ATOM 881  H HB3  . ASN A 1 59 ? -12.573 12.289  -12.198 1.00 1.85  ? 53 ASN A HB3  1 
ATOM 882  H HD21 . ASN A 1 59 ? -11.352 11.280  -9.809  1.00 2.83  ? 53 ASN A HD21 1 
ATOM 883  H HD22 . ASN A 1 59 ? -11.627 9.607   -9.733  1.00 3.13  ? 53 ASN A HD22 1 
ATOM 884  N N    . PHE B 1 8  ? -17.592 5.556   6.255   1.00 8.23  ? 2  PHE B N    1 
ATOM 885  C CA   . PHE B 1 8  ? -17.749 6.609   7.299   1.00 7.85  ? 2  PHE B CA   1 
ATOM 886  C C    . PHE B 1 8  ? -16.702 7.709   7.103   1.00 7.16  ? 2  PHE B C    1 
ATOM 887  O O    . PHE B 1 8  ? -16.956 8.871   7.350   1.00 7.11  ? 2  PHE B O    1 
ATOM 888  C CB   . PHE B 1 8  ? -17.524 5.885   8.628   1.00 8.16  ? 2  PHE B CB   1 
ATOM 889  C CG   . PHE B 1 8  ? -18.636 4.888   8.851   1.00 8.51  ? 2  PHE B CG   1 
ATOM 890  C CD1  . PHE B 1 8  ? -19.851 5.306   9.406   1.00 8.70  ? 2  PHE B CD1  1 
ATOM 891  C CD2  . PHE B 1 8  ? -18.452 3.544   8.504   1.00 8.95  ? 2  PHE B CD2  1 
ATOM 892  C CE1  . PHE B 1 8  ? -20.882 4.382   9.613   1.00 9.33  ? 2  PHE B CE1  1 
ATOM 893  C CE2  . PHE B 1 8  ? -19.481 2.620   8.711   1.00 9.54  ? 2  PHE B CE2  1 
ATOM 894  C CZ   . PHE B 1 8  ? -20.697 3.038   9.266   1.00 9.73  ? 2  PHE B CZ   1 
ATOM 895  H H    . PHE B 1 8  ? -17.426 4.627   6.516   1.00 8.41  ? 2  PHE B H    1 
ATOM 896  H HA   . PHE B 1 8  ? -18.743 7.024   7.270   1.00 8.16  ? 2  PHE B HA   1 
ATOM 897  H HB2  . PHE B 1 8  ? -16.577 5.368   8.599   1.00 8.31  ? 2  PHE B HB2  1 
ATOM 898  H HB3  . PHE B 1 8  ? -17.519 6.604   9.433   1.00 8.26  ? 2  PHE B HB3  1 
ATOM 899  H HD1  . PHE B 1 8  ? -19.994 6.343   9.674   1.00 8.56  ? 2  PHE B HD1  1 
ATOM 900  H HD2  . PHE B 1 8  ? -17.513 3.221   8.076   1.00 9.04  ? 2  PHE B HD2  1 
ATOM 901  H HE1  . PHE B 1 8  ? -21.819 4.705   10.041  1.00 9.68  ? 2  PHE B HE1  1 
ATOM 902  H HE2  . PHE B 1 8  ? -19.340 1.583   8.444   1.00 10.04 ? 2  PHE B HE2  1 
ATOM 903  H HZ   . PHE B 1 8  ? -21.492 2.326   9.426   1.00 10.35 ? 2  PHE B HZ   1 
ATOM 904  N N    . MET B 1 9  ? -15.526 7.351   6.666   1.00 6.92  ? 3  MET B N    1 
ATOM 905  C CA   . MET B 1 9  ? -14.463 8.376   6.461   1.00 6.52  ? 3  MET B CA   1 
ATOM 906  C C    . MET B 1 9  ? -14.123 8.494   4.972   1.00 5.63  ? 3  MET B C    1 
ATOM 907  O O    . MET B 1 9  ? -14.238 7.546   4.223   1.00 5.79  ? 3  MET B O    1 
ATOM 908  C CB   . MET B 1 9  ? -13.257 7.858   7.245   1.00 7.10  ? 3  MET B CB   1 
ATOM 909  C CG   . MET B 1 9  ? -13.591 7.833   8.738   1.00 8.04  ? 3  MET B CG   1 
ATOM 910  S SD   . MET B 1 9  ? -12.107 7.404   9.682   1.00 8.93  ? 3  MET B SD   1 
ATOM 911  C CE   . MET B 1 9  ? -11.231 8.971   9.452   1.00 9.20  ? 3  MET B CE   1 
ATOM 912  H H    . MET B 1 9  ? -15.340 6.407   6.477   1.00 7.20  ? 3  MET B H    1 
ATOM 913  H HA   . MET B 1 9  ? -14.777 9.330   6.854   1.00 6.78  ? 3  MET B HA   1 
ATOM 914  H HB2  . MET B 1 9  ? -13.015 6.859   6.913   1.00 7.18  ? 3  MET B HB2  1 
ATOM 915  H HB3  . MET B 1 9  ? -12.412 8.508   7.079   1.00 7.06  ? 3  MET B HB3  1 
ATOM 916  H HG2  . MET B 1 9  ? -13.944 8.806   9.045   1.00 8.15  ? 3  MET B HG2  1 
ATOM 917  H HG3  . MET B 1 9  ? -14.360 7.097   8.923   1.00 8.31  ? 3  MET B HG3  1 
ATOM 918  H HE1  . MET B 1 9  ? -10.418 8.829   8.754   1.00 9.35  ? 3  MET B HE1  1 
ATOM 919  H HE2  . MET B 1 9  ? -10.837 9.307   10.397  1.00 9.08  ? 3  MET B HE2  1 
ATOM 920  H HE3  . MET B 1 9  ? -11.918 9.713   9.067   1.00 9.59  ? 3  MET B HE3  1 
ATOM 921  N N    . LYS B 1 10 ? -13.704 9.653   4.540   1.00 4.93  ? 4  LYS B N    1 
ATOM 922  C CA   . LYS B 1 10 ? -13.357 9.830   3.101   1.00 4.23  ? 4  LYS B CA   1 
ATOM 923  C C    . LYS B 1 10 ? -11.870 9.543   2.877   1.00 3.36  ? 4  LYS B C    1 
ATOM 924  O O    . LYS B 1 10 ? -11.032 9.892   3.684   1.00 3.54  ? 4  LYS B O    1 
ATOM 925  C CB   . LYS B 1 10 ? -13.672 11.295  2.795   1.00 4.37  ? 4  LYS B CB   1 
ATOM 926  C CG   . LYS B 1 10 ? -15.173 11.541  2.960   1.00 5.20  ? 4  LYS B CG   1 
ATOM 927  C CD   . LYS B 1 10 ? -15.505 12.975  2.543   1.00 5.60  ? 4  LYS B CD   1 
ATOM 928  C CE   . LYS B 1 10 ? -16.981 13.260  2.825   1.00 6.69  ? 4  LYS B CE   1 
ATOM 929  N NZ   . LYS B 1 10 ? -16.981 14.092  4.060   1.00 7.10  ? 4  LYS B NZ   1 
ATOM 930  H H    . LYS B 1 10 ? -13.618 10.406  5.162   1.00 5.08  ? 4  LYS B H    1 
ATOM 931  H HA   . LYS B 1 10 ? -13.963 9.186   2.484   1.00 4.64  ? 4  LYS B HA   1 
ATOM 932  H HB2  . LYS B 1 10 ? -13.125 11.931  3.477   1.00 4.54  ? 4  LYS B HB2  1 
ATOM 933  H HB3  . LYS B 1 10 ? -13.382 11.522  1.781   1.00 4.20  ? 4  LYS B HB3  1 
ATOM 934  H HG2  . LYS B 1 10 ? -15.721 10.847  2.338   1.00 5.46  ? 4  LYS B HG2  1 
ATOM 935  H HG3  . LYS B 1 10 ? -15.450 11.395  3.993   1.00 5.65  ? 4  LYS B HG3  1 
ATOM 936  H HD2  . LYS B 1 10 ? -14.890 13.663  3.104   1.00 5.59  ? 4  LYS B HD2  1 
ATOM 937  H HD3  . LYS B 1 10 ? -15.312 13.096  1.488   1.00 5.50  ? 4  LYS B HD3  1 
ATOM 938  H HE2  . LYS B 1 10 ? -17.421 13.805  2.001   1.00 7.04  ? 4  LYS B HE2  1 
ATOM 939  H HE3  . LYS B 1 10 ? -17.517 12.340  2.999   1.00 7.07  ? 4  LYS B HE3  1 
ATOM 940  H HZ1  . LYS B 1 10 ? -17.001 15.099  3.801   1.00 7.41  ? 4  LYS B HZ1  1 
ATOM 941  H HZ2  . LYS B 1 10 ? -16.123 13.891  4.613   1.00 7.14  ? 4  LYS B HZ2  1 
ATOM 942  H HZ3  . LYS B 1 10 ? -17.822 13.868  4.630   1.00 7.33  ? 4  LYS B HZ3  1 
ATOM 943  N N    . SER B 1 11 ? -11.537 8.906   1.788   1.00 2.84  ? 5  SER B N    1 
ATOM 944  C CA   . SER B 1 11 ? -10.105 8.592   1.515   1.00 2.20  ? 5  SER B CA   1 
ATOM 945  C C    . SER B 1 11 ? -9.355  9.860   1.098   1.00 1.21  ? 5  SER B C    1 
ATOM 946  O O    . SER B 1 11 ? -9.947  10.834  0.676   1.00 1.18  ? 5  SER B O    1 
ATOM 947  C CB   . SER B 1 11 ? -10.132 7.583   0.369   1.00 2.53  ? 5  SER B CB   1 
ATOM 948  O OG   . SER B 1 11 ? -10.479 8.252   -0.837  1.00 3.08  ? 5  SER B OG   1 
ATOM 949  H H    . SER B 1 11 ? -12.229 8.630   1.150   1.00 3.20  ? 5  SER B H    1 
ATOM 950  H HA   . SER B 1 11 ? -9.644  8.150   2.384   1.00 2.69  ? 5  SER B HA   1 
ATOM 951  H HB2  . SER B 1 11 ? -9.159  7.135   0.258   1.00 2.54  ? 5  SER B HB2  1 
ATOM 952  H HB3  . SER B 1 11 ? -10.859 6.812   0.586   1.00 3.04  ? 5  SER B HB3  1 
ATOM 953  H HG   . SER B 1 11 ? -11.239 8.811   -0.658  1.00 3.42  ? 5  SER B HG   1 
ATOM 954  N N    . THR B 1 12 ? -8.053  9.846   1.189   1.00 0.90  ? 6  THR B N    1 
ATOM 955  C CA   . THR B 1 12 ? -7.262  11.040  0.771   1.00 0.81  ? 6  THR B CA   1 
ATOM 956  C C    . THR B 1 12 ? -7.414  11.274  -0.734  1.00 0.75  ? 6  THR B C    1 
ATOM 957  O O    . THR B 1 12 ? -7.453  12.397  -1.195  1.00 1.02  ? 6  THR B O    1 
ATOM 958  C CB   . THR B 1 12 ? -5.812  10.695  1.116   1.00 1.71  ? 6  THR B CB   1 
ATOM 959  O OG1  . THR B 1 12 ? -5.401  9.569   0.353   1.00 2.04  ? 6  THR B OG1  1 
ATOM 960  C CG2  . THR B 1 12 ? -5.703  10.374  2.607   1.00 2.06  ? 6  THR B CG2  1 
ATOM 961  H H    . THR B 1 12 ? -7.594  9.045   1.514   1.00 1.39  ? 6  THR B H    1 
ATOM 962  H HA   . THR B 1 12 ? -7.575  11.911  1.323   1.00 1.04  ? 6  THR B HA   1 
ATOM 963  H HB   . THR B 1 12 ? -5.178  11.537  0.887   1.00 2.16  ? 6  THR B HB   1 
ATOM 964  H HG1  . THR B 1 12 ? -5.710  8.778   0.802   1.00 2.35  ? 6  THR B HG1  1 
ATOM 965  H HG21 . THR B 1 12 ? -6.480  9.678   2.882   1.00 2.30  ? 6  THR B HG21 1 
ATOM 966  H HG22 . THR B 1 12 ? -5.815  11.283  3.180   1.00 2.37  ? 6  THR B HG22 1 
ATOM 967  H HG23 . THR B 1 12 ? -4.737  9.936   2.811   1.00 2.38  ? 6  THR B HG23 1 
ATOM 968  N N    . GLY B 1 13 ? -7.534  10.224  -1.499  1.00 0.48  ? 7  GLY B N    1 
ATOM 969  C CA   . GLY B 1 13 ? -7.723  10.393  -2.968  1.00 0.58  ? 7  GLY B CA   1 
ATOM 970  C C    . GLY B 1 13 ? -6.428  10.912  -3.595  1.00 0.55  ? 7  GLY B C    1 
ATOM 971  O O    . GLY B 1 13 ? -6.439  11.825  -4.396  1.00 0.73  ? 7  GLY B O    1 
ATOM 972  H H    . GLY B 1 13 ? -7.524  9.326   -1.106  1.00 0.33  ? 7  GLY B H    1 
ATOM 973  H HA2  . GLY B 1 13 ? -7.983  9.441   -3.408  1.00 0.56  ? 7  GLY B HA2  1 
ATOM 974  H HA3  . GLY B 1 13 ? -8.516  11.102  -3.149  1.00 0.80  ? 7  GLY B HA3  1 
ATOM 975  N N    . ILE B 1 14 ? -5.311  10.331  -3.250  1.00 0.37  ? 8  ILE B N    1 
ATOM 976  C CA   . ILE B 1 14 ? -4.021  10.792  -3.846  1.00 0.40  ? 8  ILE B CA   1 
ATOM 977  C C    . ILE B 1 14 ? -3.405  9.675   -4.686  1.00 0.31  ? 8  ILE B C    1 
ATOM 978  O O    . ILE B 1 14 ? -3.435  8.526   -4.312  1.00 0.26  ? 8  ILE B O    1 
ATOM 979  C CB   . ILE B 1 14 ? -3.123  11.121  -2.654  1.00 0.45  ? 8  ILE B CB   1 
ATOM 980  C CG1  . ILE B 1 14 ? -3.836  12.116  -1.737  1.00 0.53  ? 8  ILE B CG1  1 
ATOM 981  C CG2  . ILE B 1 14 ? -1.817  11.740  -3.156  1.00 0.54  ? 8  ILE B CG2  1 
ATOM 982  C CD1  . ILE B 1 14 ? -2.993  12.348  -0.481  1.00 1.29  ? 8  ILE B CD1  1 
ATOM 983  H H    . ILE B 1 14 ? -5.322  9.583   -2.611  1.00 0.29  ? 8  ILE B H    1 
ATOM 984  H HA   . ILE B 1 14 ? -4.176  11.675  -4.445  1.00 0.48  ? 8  ILE B HA   1 
ATOM 985  H HB   . ILE B 1 14 ? -2.906  10.215  -2.107  1.00 0.40  ? 8  ILE B HB   1 
ATOM 986  H HG12 . ILE B 1 14 ? -3.973  13.052  -2.258  1.00 1.06  ? 8  ILE B HG12 1 
ATOM 987  H HG13 . ILE B 1 14 ? -4.799  11.719  -1.453  1.00 0.98  ? 8  ILE B HG13 1 
ATOM 988  H HG21 . ILE B 1 14 ? -1.976  12.175  -4.131  1.00 1.27  ? 8  ILE B HG21 1 
ATOM 989  H HG22 . ILE B 1 14 ? -1.058  10.973  -3.224  1.00 1.02  ? 8  ILE B HG22 1 
ATOM 990  H HG23 . ILE B 1 14 ? -1.494  12.506  -2.468  1.00 1.11  ? 8  ILE B HG23 1 
ATOM 991  H HD11 . ILE B 1 14 ? -2.700  11.396  -0.064  1.00 1.69  ? 8  ILE B HD11 1 
ATOM 992  H HD12 . ILE B 1 14 ? -3.573  12.897  0.246   1.00 1.89  ? 8  ILE B HD12 1 
ATOM 993  H HD13 . ILE B 1 14 ? -2.111  12.915  -0.740  1.00 1.88  ? 8  ILE B HD13 1 
ATOM 994  N N    . VAL B 1 15 ? -2.931  9.985   -5.859  1.00 0.32  ? 9  VAL B N    1 
ATOM 995  C CA   . VAL B 1 15 ? -2.419  8.910   -6.758  1.00 0.27  ? 9  VAL B CA   1 
ATOM 996  C C    . VAL B 1 15 ? -0.924  9.097   -7.037  1.00 0.26  ? 9  VAL B C    1 
ATOM 997  O O    . VAL B 1 15 ? -0.440  10.201  -7.190  1.00 0.31  ? 9  VAL B O    1 
ATOM 998  C CB   . VAL B 1 15 ? -3.231  9.046   -8.045  1.00 0.29  ? 9  VAL B CB   1 
ATOM 999  C CG1  . VAL B 1 15 ? -2.750  8.012   -9.064  1.00 0.26  ? 9  VAL B CG1  1 
ATOM 1000 C CG2  . VAL B 1 15 ? -4.712  8.804   -7.739  1.00 0.31  ? 9  VAL B CG2  1 
ATOM 1001 H H    . VAL B 1 15 ? -2.976  10.912  -6.178  1.00 0.40  ? 9  VAL B H    1 
ATOM 1002 H HA   . VAL B 1 15 ? -2.596  7.943   -6.317  1.00 0.24  ? 9  VAL B HA   1 
ATOM 1003 H HB   . VAL B 1 15 ? -3.101  10.040  -8.450  1.00 0.33  ? 9  VAL B HB   1 
ATOM 1004 H HG11 . VAL B 1 15 ? -2.678  8.472   -10.038 1.00 1.05  ? 9  VAL B HG11 1 
ATOM 1005 H HG12 . VAL B 1 15 ? -3.452  7.192   -9.104  1.00 1.02  ? 9  VAL B HG12 1 
ATOM 1006 H HG13 . VAL B 1 15 ? -1.779  7.640   -8.769  1.00 1.08  ? 9  VAL B HG13 1 
ATOM 1007 H HG21 . VAL B 1 15 ? -4.806  8.323   -6.777  1.00 1.04  ? 9  VAL B HG21 1 
ATOM 1008 H HG22 . VAL B 1 15 ? -5.138  8.170   -8.502  1.00 1.06  ? 9  VAL B HG22 1 
ATOM 1009 H HG23 . VAL B 1 15 ? -5.235  9.749   -7.722  1.00 1.07  ? 9  VAL B HG23 1 
ATOM 1010 N N    . ARG B 1 16 ? -0.202  8.016   -7.142  1.00 0.23  ? 10 ARG B N    1 
ATOM 1011 C CA   . ARG B 1 16 ? 1.255   8.105   -7.456  1.00 0.24  ? 10 ARG B CA   1 
ATOM 1012 C C    . ARG B 1 16 ? 1.587   7.199   -8.644  1.00 0.21  ? 10 ARG B C    1 
ATOM 1013 O O    . ARG B 1 16 ? 0.855   6.283   -8.958  1.00 0.20  ? 10 ARG B O    1 
ATOM 1014 C CB   . ARG B 1 16 ? 1.966   7.619   -6.193  1.00 0.27  ? 10 ARG B CB   1 
ATOM 1015 C CG   . ARG B 1 16 ? 3.478   7.776   -6.366  1.00 0.32  ? 10 ARG B CG   1 
ATOM 1016 C CD   . ARG B 1 16 ? 3.849   9.259   -6.308  1.00 1.06  ? 10 ARG B CD   1 
ATOM 1017 N NE   . ARG B 1 16 ? 5.314   9.299   -6.573  1.00 1.33  ? 10 ARG B NE   1 
ATOM 1018 C CZ   . ARG B 1 16 ? 5.913   10.442  -6.772  1.00 1.82  ? 10 ARG B CZ   1 
ATOM 1019 N NH1  . ARG B 1 16 ? 5.232   11.556  -6.739  1.00 2.39  ? 10 ARG B NH1  1 
ATOM 1020 N NH2  . ARG B 1 16 ? 7.197   10.473  -7.004  1.00 2.39  ? 10 ARG B NH2  1 
ATOM 1021 H H    . ARG B 1 16 ? -0.626  7.139   -7.044  1.00 0.20  ? 10 ARG B H    1 
ATOM 1022 H HA   . ARG B 1 16 ? 1.533   9.126   -7.669  1.00 0.28  ? 10 ARG B HA   1 
ATOM 1023 H HB2  . ARG B 1 16 ? 1.636   8.205   -5.347  1.00 0.29  ? 10 ARG B HB2  1 
ATOM 1024 H HB3  . ARG B 1 16 ? 1.730   6.579   -6.025  1.00 0.25  ? 10 ARG B HB3  1 
ATOM 1025 H HG2  . ARG B 1 16 ? 3.987   7.244   -5.575  1.00 0.94  ? 10 ARG B HG2  1 
ATOM 1026 H HG3  . ARG B 1 16 ? 3.775   7.369   -7.322  1.00 0.96  ? 10 ARG B HG3  1 
ATOM 1027 H HD2  . ARG B 1 16 ? 3.310   9.809   -7.067  1.00 1.81  ? 10 ARG B HD2  1 
ATOM 1028 H HD3  . ARG B 1 16 ? 3.639   9.661   -5.329  1.00 1.59  ? 10 ARG B HD3  1 
ATOM 1029 H HE   . ARG B 1 16 ? 5.829   8.466   -6.598  1.00 1.82  ? 10 ARG B HE   1 
ATOM 1030 H HH11 . ARG B 1 16 ? 4.248   11.538  -6.562  1.00 2.38  ? 10 ARG B HH11 1 
ATOM 1031 H HH12 . ARG B 1 16 ? 5.695   12.429  -6.892  1.00 3.13  ? 10 ARG B HH12 1 
ATOM 1032 H HH21 . ARG B 1 16 ? 7.720   9.621   -7.029  1.00 2.59  ? 10 ARG B HH21 1 
ATOM 1033 H HH22 . ARG B 1 16 ? 7.657   11.347  -7.157  1.00 2.94  ? 10 ARG B HH22 1 
ATOM 1034 N N    . LYS B 1 17 ? 2.673   7.455   -9.320  1.00 0.21  ? 11 LYS B N    1 
ATOM 1035 C CA   . LYS B 1 17 ? 3.033   6.611   -10.497 1.00 0.20  ? 11 LYS B CA   1 
ATOM 1036 C C    . LYS B 1 17 ? 3.745   5.335   -10.041 1.00 0.17  ? 11 LYS B C    1 
ATOM 1037 O O    . LYS B 1 17 ? 4.480   5.333   -9.072  1.00 0.17  ? 11 LYS B O    1 
ATOM 1038 C CB   . LYS B 1 17 ? 3.970   7.477   -11.338 1.00 0.24  ? 11 LYS B CB   1 
ATOM 1039 C CG   . LYS B 1 17 ? 4.234   6.788   -12.679 1.00 1.16  ? 11 LYS B CG   1 
ATOM 1040 C CD   . LYS B 1 17 ? 5.094   7.696   -13.559 1.00 1.38  ? 11 LYS B CD   1 
ATOM 1041 C CE   . LYS B 1 17 ? 6.496   7.814   -12.956 1.00 2.38  ? 11 LYS B CE   1 
ATOM 1042 N NZ   . LYS B 1 17 ? 7.344   6.900   -13.773 1.00 2.74  ? 11 LYS B NZ   1 
ATOM 1043 H H    . LYS B 1 17 ? 3.246   8.207   -9.061  1.00 0.23  ? 11 LYS B H    1 
ATOM 1044 H HA   . LYS B 1 17 ? 2.150   6.366   -11.066 1.00 0.20  ? 11 LYS B HA   1 
ATOM 1045 H HB2  . LYS B 1 17 ? 3.512   8.440   -11.511 1.00 0.81  ? 11 LYS B HB2  1 
ATOM 1046 H HB3  . LYS B 1 17 ? 4.905   7.610   -10.814 1.00 0.96  ? 11 LYS B HB3  1 
ATOM 1047 H HG2  . LYS B 1 17 ? 4.751   5.854   -12.508 1.00 1.85  ? 11 LYS B HG2  1 
ATOM 1048 H HG3  . LYS B 1 17 ? 3.295   6.594   -13.176 1.00 1.74  ? 11 LYS B HG3  1 
ATOM 1049 H HD2  . LYS B 1 17 ? 5.163   7.275   -14.552 1.00 1.65  ? 11 LYS B HD2  1 
ATOM 1050 H HD3  . LYS B 1 17 ? 4.646   8.676   -13.614 1.00 1.54  ? 11 LYS B HD3  1 
ATOM 1051 H HE2  . LYS B 1 17 ? 6.853   8.831   -13.033 1.00 2.83  ? 11 LYS B HE2  1 
ATOM 1052 H HE3  . LYS B 1 17 ? 6.491   7.490   -11.927 1.00 2.94  ? 11 LYS B HE3  1 
ATOM 1053 H HZ1  . LYS B 1 17 ? 7.031   6.930   -14.764 1.00 2.98  ? 11 LYS B HZ1  1 
ATOM 1054 H HZ2  . LYS B 1 17 ? 7.256   5.929   -13.411 1.00 3.12  ? 11 LYS B HZ2  1 
ATOM 1055 H HZ3  . LYS B 1 17 ? 8.336   7.204   -13.716 1.00 3.02  ? 11 LYS B HZ3  1 
ATOM 1056 N N    . VAL B 1 18 ? 3.533   4.247   -10.732 1.00 0.15  ? 12 VAL B N    1 
ATOM 1057 C CA   . VAL B 1 18 ? 4.198   2.969   -10.340 1.00 0.13  ? 12 VAL B CA   1 
ATOM 1058 C C    . VAL B 1 18 ? 5.624   2.938   -10.892 1.00 0.14  ? 12 VAL B C    1 
ATOM 1059 O O    . VAL B 1 18 ? 5.846   3.153   -12.065 1.00 0.15  ? 12 VAL B O    1 
ATOM 1060 C CB   . VAL B 1 18 ? 3.366   1.864   -10.992 1.00 0.12  ? 12 VAL B CB   1 
ATOM 1061 C CG1  . VAL B 1 18 ? 3.702   0.520   -10.343 1.00 0.14  ? 12 VAL B CG1  1 
ATOM 1062 C CG2  . VAL B 1 18 ? 1.875   2.155   -10.814 1.00 0.12  ? 12 VAL B CG2  1 
ATOM 1063 H H    . VAL B 1 18 ? 2.935   4.269   -11.507 1.00 0.15  ? 12 VAL B H    1 
ATOM 1064 H HA   . VAL B 1 18 ? 4.199   2.853   -9.268  1.00 0.14  ? 12 VAL B HA   1 
ATOM 1065 H HB   . VAL B 1 18 ? 3.599   1.817   -12.046 1.00 0.13  ? 12 VAL B HB   1 
ATOM 1066 H HG11 . VAL B 1 18 ? 3.620   0.609   -9.269  1.00 0.99  ? 12 VAL B HG11 1 
ATOM 1067 H HG12 . VAL B 1 18 ? 4.712   0.238   -10.604 1.00 1.03  ? 12 VAL B HG12 1 
ATOM 1068 H HG13 . VAL B 1 18 ? 3.014   -0.233  -10.696 1.00 1.04  ? 12 VAL B HG13 1 
ATOM 1069 H HG21 . VAL B 1 18 ? 1.405   2.215   -11.785 1.00 1.02  ? 12 VAL B HG21 1 
ATOM 1070 H HG22 . VAL B 1 18 ? 1.747   3.090   -10.292 1.00 1.01  ? 12 VAL B HG22 1 
ATOM 1071 H HG23 . VAL B 1 18 ? 1.418   1.359   -10.244 1.00 1.00  ? 12 VAL B HG23 1 
ATOM 1072 N N    . ASP B 1 19 ? 6.592   2.653   -10.065 1.00 0.14  ? 13 ASP B N    1 
ATOM 1073 C CA   . ASP B 1 19 ? 7.992   2.596   -10.566 1.00 0.15  ? 13 ASP B CA   1 
ATOM 1074 C C    . ASP B 1 19 ? 8.282   1.211   -11.162 1.00 0.16  ? 13 ASP B C    1 
ATOM 1075 O O    . ASP B 1 19 ? 7.385   0.423   -11.381 1.00 0.17  ? 13 ASP B O    1 
ATOM 1076 C CB   . ASP B 1 19 ? 8.872   2.890   -9.342  1.00 0.15  ? 13 ASP B CB   1 
ATOM 1077 C CG   . ASP B 1 19 ? 9.232   1.592   -8.616  1.00 0.15  ? 13 ASP B CG   1 
ATOM 1078 O OD1  . ASP B 1 19 ? 8.435   1.136   -7.815  1.00 0.13  ? 13 ASP B OD1  1 
ATOM 1079 O OD2  . ASP B 1 19 ? 10.303  1.071   -8.875  1.00 0.17  ? 13 ASP B OD2  1 
ATOM 1080 H H    . ASP B 1 19 ? 6.396   2.468   -9.122  1.00 0.13  ? 13 ASP B H    1 
ATOM 1081 H HA   . ASP B 1 19 ? 8.142   3.357   -11.318 1.00 0.17  ? 13 ASP B HA   1 
ATOM 1082 H HB2  . ASP B 1 19 ? 9.779   3.381   -9.665  1.00 0.17  ? 13 ASP B HB2  1 
ATOM 1083 H HB3  . ASP B 1 19 ? 8.337   3.540   -8.665  1.00 0.14  ? 13 ASP B HB3  1 
ATOM 1084 N N    . GLU B 1 20 ? 9.502   0.969   -11.553 1.00 0.18  ? 14 GLU B N    1 
ATOM 1085 C CA   . GLU B 1 20 ? 9.812   -0.292  -12.289 1.00 0.21  ? 14 GLU B CA   1 
ATOM 1086 C C    . GLU B 1 20 ? 9.401   -1.532  -11.483 1.00 0.20  ? 14 GLU B C    1 
ATOM 1087 O O    . GLU B 1 20 ? 9.002   -2.534  -12.042 1.00 0.22  ? 14 GLU B O    1 
ATOM 1088 C CB   . GLU B 1 20 ? 11.327  -0.266  -12.490 1.00 0.22  ? 14 GLU B CB   1 
ATOM 1089 C CG   . GLU B 1 20 ? 11.705  0.915   -13.386 1.00 1.25  ? 14 GLU B CG   1 
ATOM 1090 C CD   . GLU B 1 20 ? 13.213  0.902   -13.640 1.00 1.46  ? 14 GLU B CD   1 
ATOM 1091 O OE1  . GLU B 1 20 ? 13.895  0.120   -12.999 1.00 2.01  ? 14 GLU B OE1  1 
ATOM 1092 O OE2  . GLU B 1 20 ? 13.660  1.675   -14.471 1.00 1.90  ? 14 GLU B OE2  1 
ATOM 1093 H H    . GLU B 1 20 ? 10.190  1.660   -11.460 1.00 0.19  ? 14 GLU B H    1 
ATOM 1094 H HA   . GLU B 1 20 ? 9.321   -0.293  -13.249 1.00 0.22  ? 14 GLU B HA   1 
ATOM 1095 H HB2  . GLU B 1 20 ? 11.815  -0.162  -11.531 1.00 0.83  ? 14 GLU B HB2  1 
ATOM 1096 H HB3  . GLU B 1 20 ? 11.645  -1.186  -12.957 1.00 0.87  ? 14 GLU B HB3  1 
ATOM 1097 H HG2  . GLU B 1 20 ? 11.179  0.834   -14.327 1.00 1.81  ? 14 GLU B HG2  1 
ATOM 1098 H HG3  . GLU B 1 20 ? 11.431  1.839   -12.899 1.00 1.94  ? 14 GLU B HG3  1 
ATOM 1099 N N    . LEU B 1 21 ? 9.603   -1.523  -10.194 1.00 0.18  ? 15 LEU B N    1 
ATOM 1100 C CA   . LEU B 1 21 ? 9.339   -2.759  -9.399  1.00 0.19  ? 15 LEU B CA   1 
ATOM 1101 C C    . LEU B 1 21 ? 7.858   -2.882  -9.020  1.00 0.17  ? 15 LEU B C    1 
ATOM 1102 O O    . LEU B 1 21 ? 7.444   -3.861  -8.433  1.00 0.17  ? 15 LEU B O    1 
ATOM 1103 C CB   . LEU B 1 21 ? 10.198  -2.623  -8.143  1.00 0.19  ? 15 LEU B CB   1 
ATOM 1104 C CG   . LEU B 1 21 ? 9.888   -3.782  -7.192  1.00 0.24  ? 15 LEU B CG   1 
ATOM 1105 C CD1  . LEU B 1 21 ? 9.913   -5.102  -7.967  1.00 0.29  ? 15 LEU B CD1  1 
ATOM 1106 C CD2  . LEU B 1 21 ? 10.939  -3.823  -6.081  1.00 0.47  ? 15 LEU B CD2  1 
ATOM 1107 H H    . LEU B 1 21 ? 10.007  -0.740  -9.766  1.00 0.17  ? 15 LEU B H    1 
ATOM 1108 H HA   . LEU B 1 21 ? 9.652   -3.629  -9.955  1.00 0.23  ? 15 LEU B HA   1 
ATOM 1109 H HB2  . LEU B 1 21 ? 11.244  -2.649  -8.416  1.00 0.24  ? 15 LEU B HB2  1 
ATOM 1110 H HB3  . LEU B 1 21 ? 9.976   -1.688  -7.653  1.00 0.23  ? 15 LEU B HB3  1 
ATOM 1111 H HG   . LEU B 1 21 ? 8.909   -3.639  -6.758  1.00 0.47  ? 15 LEU B HG   1 
ATOM 1112 H HD11 . LEU B 1 21 ? 10.579  -5.011  -8.812  1.00 1.00  ? 15 LEU B HD11 1 
ATOM 1113 H HD12 . LEU B 1 21 ? 8.916   -5.336  -8.318  1.00 1.07  ? 15 LEU B HD12 1 
ATOM 1114 H HD13 . LEU B 1 21 ? 10.261  -5.894  -7.319  1.00 1.10  ? 15 LEU B HD13 1 
ATOM 1115 H HD21 . LEU B 1 21 ? 11.750  -4.473  -6.377  1.00 1.18  ? 15 LEU B HD21 1 
ATOM 1116 H HD22 . LEU B 1 21 ? 10.490  -4.198  -5.174  1.00 1.12  ? 15 LEU B HD22 1 
ATOM 1117 H HD23 . LEU B 1 21 ? 11.321  -2.828  -5.909  1.00 1.15  ? 15 LEU B HD23 1 
ATOM 1118 N N    . GLY B 1 22 ? 7.061   -1.891  -9.306  1.00 0.15  ? 16 GLY B N    1 
ATOM 1119 C CA   . GLY B 1 22 ? 5.626   -1.967  -8.903  1.00 0.13  ? 16 GLY B CA   1 
ATOM 1120 C C    . GLY B 1 22 ? 5.487   -1.603  -7.422  1.00 0.12  ? 16 GLY B C    1 
ATOM 1121 O O    . GLY B 1 22 ? 4.856   -2.302  -6.651  1.00 0.13  ? 16 GLY B O    1 
ATOM 1122 H H    . GLY B 1 22 ? 7.408   -1.091  -9.751  1.00 0.16  ? 16 GLY B H    1 
ATOM 1123 H HA2  . GLY B 1 22 ? 5.049   -1.276  -9.502  1.00 0.13  ? 16 GLY B HA2  1 
ATOM 1124 H HA3  . GLY B 1 22 ? 5.260   -2.971  -9.060  1.00 0.14  ? 16 GLY B HA3  1 
ATOM 1125 N N    . ARG B 1 23 ? 6.111   -0.536  -7.006  1.00 0.12  ? 17 ARG B N    1 
ATOM 1126 C CA   . ARG B 1 23 ? 6.052   -0.155  -5.569  1.00 0.11  ? 17 ARG B CA   1 
ATOM 1127 C C    . ARG B 1 23 ? 5.308   1.173   -5.410  1.00 0.11  ? 17 ARG B C    1 
ATOM 1128 O O    . ARG B 1 23 ? 5.258   1.981   -6.317  1.00 0.11  ? 17 ARG B O    1 
ATOM 1129 C CB   . ARG B 1 23 ? 7.513   -0.013  -5.139  1.00 0.12  ? 17 ARG B CB   1 
ATOM 1130 C CG   . ARG B 1 23 ? 8.190   -1.385  -5.185  1.00 0.14  ? 17 ARG B CG   1 
ATOM 1131 C CD   . ARG B 1 23 ? 9.636   -1.262  -4.701  1.00 0.15  ? 17 ARG B CD   1 
ATOM 1132 N NE   . ARG B 1 23 ? 10.335  -0.505  -5.775  1.00 0.15  ? 17 ARG B NE   1 
ATOM 1133 C CZ   . ARG B 1 23 ? 11.642  -0.508  -5.830  1.00 0.16  ? 17 ARG B CZ   1 
ATOM 1134 N NH1  . ARG B 1 23 ? 12.337  -1.136  -4.918  1.00 0.19  ? 17 ARG B NH1  1 
ATOM 1135 N NH2  . ARG B 1 23 ? 12.259  0.119   -6.795  1.00 0.17  ? 17 ARG B NH2  1 
ATOM 1136 H H    . ARG B 1 23 ? 6.643   -0.003  -7.630  1.00 0.12  ? 17 ARG B H    1 
ATOM 1137 H HA   . ARG B 1 23 ? 5.571   -0.929  -4.992  1.00 0.11  ? 17 ARG B HA   1 
ATOM 1138 H HB2  . ARG B 1 23 ? 8.021   0.664   -5.810  1.00 0.11  ? 17 ARG B HB2  1 
ATOM 1139 H HB3  . ARG B 1 23 ? 7.557   0.375   -4.133  1.00 0.12  ? 17 ARG B HB3  1 
ATOM 1140 H HG2  . ARG B 1 23 ? 7.655   -2.072  -4.548  1.00 0.14  ? 17 ARG B HG2  1 
ATOM 1141 H HG3  . ARG B 1 23 ? 8.183   -1.755  -6.199  1.00 0.14  ? 17 ARG B HG3  1 
ATOM 1142 H HD2  . ARG B 1 23 ? 9.673   -0.716  -3.767  1.00 0.15  ? 17 ARG B HD2  1 
ATOM 1143 H HD3  . ARG B 1 23 ? 10.079  -2.238  -4.586  1.00 0.18  ? 17 ARG B HD3  1 
ATOM 1144 H HE   . ARG B 1 23 ? 9.813   -0.020  -6.449  1.00 0.13  ? 17 ARG B HE   1 
ATOM 1145 H HH11 . ARG B 1 23 ? 11.871  -1.617  -4.176  1.00 0.19  ? 17 ARG B HH11 1 
ATOM 1146 H HH12 . ARG B 1 23 ? 13.335  -1.136  -4.963  1.00 0.20  ? 17 ARG B HH12 1 
ATOM 1147 H HH21 . ARG B 1 23 ? 11.732  0.599   -7.494  1.00 0.17  ? 17 ARG B HH21 1 
ATOM 1148 H HH22 . ARG B 1 23 ? 13.258  0.119   -6.833  1.00 0.19  ? 17 ARG B HH22 1 
ATOM 1149 N N    . VAL B 1 24 ? 4.724   1.401   -4.267  1.00 0.11  ? 18 VAL B N    1 
ATOM 1150 C CA   . VAL B 1 24 ? 3.974   2.671   -4.051  1.00 0.12  ? 18 VAL B CA   1 
ATOM 1151 C C    . VAL B 1 24 ? 4.521   3.393   -2.819  1.00 0.12  ? 18 VAL B C    1 
ATOM 1152 O O    . VAL B 1 24 ? 5.122   2.790   -1.954  1.00 0.11  ? 18 VAL B O    1 
ATOM 1153 C CB   . VAL B 1 24 ? 2.524   2.245   -3.823  1.00 0.12  ? 18 VAL B CB   1 
ATOM 1154 C CG1  . VAL B 1 24 ? 2.055   1.384   -4.998  1.00 0.14  ? 18 VAL B CG1  1 
ATOM 1155 C CG2  . VAL B 1 24 ? 2.430   1.434   -2.529  1.00 0.13  ? 18 VAL B CG2  1 
ATOM 1156 H H    . VAL B 1 24 ? 4.774   0.734   -3.552  1.00 0.11  ? 18 VAL B H    1 
ATOM 1157 H HA   . VAL B 1 24 ? 4.041   3.304   -4.922  1.00 0.12  ? 18 VAL B HA   1 
ATOM 1158 H HB   . VAL B 1 24 ? 1.898   3.122   -3.748  1.00 0.13  ? 18 VAL B HB   1 
ATOM 1159 H HG11 . VAL B 1 24 ? 2.633   1.627   -5.876  1.00 1.03  ? 18 VAL B HG11 1 
ATOM 1160 H HG12 . VAL B 1 24 ? 1.010   1.576   -5.189  1.00 1.00  ? 18 VAL B HG12 1 
ATOM 1161 H HG13 . VAL B 1 24 ? 2.190   0.340   -4.755  1.00 0.97  ? 18 VAL B HG13 1 
ATOM 1162 H HG21 . VAL B 1 24 ? 3.400   1.397   -2.055  1.00 1.00  ? 18 VAL B HG21 1 
ATOM 1163 H HG22 . VAL B 1 24 ? 2.101   0.431   -2.755  1.00 1.04  ? 18 VAL B HG22 1 
ATOM 1164 H HG23 . VAL B 1 24 ? 1.722   1.903   -1.861  1.00 0.98  ? 18 VAL B HG23 1 
ATOM 1165 N N    . VAL B 1 25 ? 4.389   4.689   -2.769  1.00 0.14  ? 19 VAL B N    1 
ATOM 1166 C CA   . VAL B 1 25 ? 4.988   5.450   -1.637  1.00 0.15  ? 19 VAL B CA   1 
ATOM 1167 C C    . VAL B 1 25 ? 3.893   6.028   -0.739  1.00 0.16  ? 19 VAL B C    1 
ATOM 1168 O O    . VAL B 1 25 ? 2.963   6.656   -1.204  1.00 0.18  ? 19 VAL B O    1 
ATOM 1169 C CB   . VAL B 1 25 ? 5.783   6.575   -2.298  1.00 0.17  ? 19 VAL B CB   1 
ATOM 1170 C CG1  . VAL B 1 25 ? 6.623   7.297   -1.243  1.00 0.18  ? 19 VAL B CG1  1 
ATOM 1171 C CG2  . VAL B 1 25 ? 6.702   5.986   -3.370  1.00 0.18  ? 19 VAL B CG2  1 
ATOM 1172 H H    . VAL B 1 25 ? 3.952   5.167   -3.506  1.00 0.15  ? 19 VAL B H    1 
ATOM 1173 H HA   . VAL B 1 25 ? 5.650   4.819   -1.067  1.00 0.13  ? 19 VAL B HA   1 
ATOM 1174 H HB   . VAL B 1 25 ? 5.100   7.276   -2.754  1.00 0.18  ? 19 VAL B HB   1 
ATOM 1175 H HG11 . VAL B 1 25 ? 7.655   6.996   -1.338  1.00 1.04  ? 19 VAL B HG11 1 
ATOM 1176 H HG12 . VAL B 1 25 ? 6.261   7.041   -0.258  1.00 1.00  ? 19 VAL B HG12 1 
ATOM 1177 H HG13 . VAL B 1 25 ? 6.544   8.364   -1.389  1.00 0.98  ? 19 VAL B HG13 1 
ATOM 1178 H HG21 . VAL B 1 25 ? 7.571   6.615   -3.485  1.00 1.00  ? 19 VAL B HG21 1 
ATOM 1179 H HG22 . VAL B 1 25 ? 6.171   5.932   -4.309  1.00 1.03  ? 19 VAL B HG22 1 
ATOM 1180 H HG23 . VAL B 1 25 ? 7.010   4.994   -3.074  1.00 1.06  ? 19 VAL B HG23 1 
ATOM 1181 N N    . ILE B 1 26 ? 4.049   5.905   0.551   1.00 0.17  ? 20 ILE B N    1 
ATOM 1182 C CA   . ILE B 1 26 ? 3.077   6.542   1.481   1.00 0.19  ? 20 ILE B CA   1 
ATOM 1183 C C    . ILE B 1 26 ? 3.444   8.018   1.674   1.00 0.19  ? 20 ILE B C    1 
ATOM 1184 O O    . ILE B 1 26 ? 4.588   8.339   1.906   1.00 0.19  ? 20 ILE B O    1 
ATOM 1185 C CB   . ILE B 1 26 ? 3.229   5.757   2.790   1.00 0.19  ? 20 ILE B CB   1 
ATOM 1186 C CG1  . ILE B 1 26 ? 2.347   4.506   2.733   1.00 0.23  ? 20 ILE B CG1  1 
ATOM 1187 C CG2  . ILE B 1 26 ? 2.802   6.620   3.979   1.00 0.19  ? 20 ILE B CG2  1 
ATOM 1188 C CD1  . ILE B 1 26 ? 2.723   3.672   1.507   1.00 1.53  ? 20 ILE B CD1  1 
ATOM 1189 H H    . ILE B 1 26 ? 4.847   5.456   0.909   1.00 0.15  ? 20 ILE B H    1 
ATOM 1190 H HA   . ILE B 1 26 ? 2.072   6.446   1.104   1.00 0.21  ? 20 ILE B HA   1 
ATOM 1191 H HB   . ILE B 1 26 ? 4.261   5.463   2.913   1.00 0.18  ? 20 ILE B HB   1 
ATOM 1192 H HG12 . ILE B 1 26 ? 2.497   3.920   3.629   1.00 1.02  ? 20 ILE B HG12 1 
ATOM 1193 H HG13 . ILE B 1 26 ? 1.311   4.799   2.663   1.00 0.94  ? 20 ILE B HG13 1 
ATOM 1194 H HG21 . ILE B 1 26 ? 1.742   6.815   3.919   1.00 1.01  ? 20 ILE B HG21 1 
ATOM 1195 H HG22 . ILE B 1 26 ? 3.343   7.555   3.961   1.00 1.01  ? 20 ILE B HG22 1 
ATOM 1196 H HG23 . ILE B 1 26 ? 3.020   6.098   4.900   1.00 1.02  ? 20 ILE B HG23 1 
ATOM 1197 H HD11 . ILE B 1 26 ? 3.765   3.395   1.566   1.00 2.17  ? 20 ILE B HD11 1 
ATOM 1198 H HD12 . ILE B 1 26 ? 2.554   4.251   0.612   1.00 2.07  ? 20 ILE B HD12 1 
ATOM 1199 H HD13 . ILE B 1 26 ? 2.114   2.780   1.480   1.00 2.10  ? 20 ILE B HD13 1 
ATOM 1200 N N    . PRO B 1 27 ? 2.451   8.862   1.615   1.00 0.22  ? 21 PRO B N    1 
ATOM 1201 C CA   . PRO B 1 27 ? 2.677   10.311  1.839   1.00 0.24  ? 21 PRO B CA   1 
ATOM 1202 C C    . PRO B 1 27 ? 3.298   10.540  3.219   1.00 0.21  ? 21 PRO B C    1 
ATOM 1203 O O    . PRO B 1 27 ? 2.986   9.851   4.170   1.00 0.19  ? 21 PRO B O    1 
ATOM 1204 C CB   . PRO B 1 27 ? 1.278   10.930  1.760   1.00 0.28  ? 21 PRO B CB   1 
ATOM 1205 C CG   . PRO B 1 27 ? 0.315   9.781   1.809   1.00 0.28  ? 21 PRO B CG   1 
ATOM 1206 C CD   . PRO B 1 27 ? 1.049   8.554   1.343   1.00 0.25  ? 21 PRO B CD   1 
ATOM 1207 H HA   . PRO B 1 27 ? 3.306   10.720  1.065   1.00 0.25  ? 21 PRO B HA   1 
ATOM 1208 H HB2  . PRO B 1 27 ? 1.116   11.591  2.600   1.00 0.29  ? 21 PRO B HB2  1 
ATOM 1209 H HB3  . PRO B 1 27 ? 1.161   11.468  0.832   1.00 0.31  ? 21 PRO B HB3  1 
ATOM 1210 H HG2  . PRO B 1 27 ? -0.034  9.641   2.821   1.00 0.28  ? 21 PRO B HG2  1 
ATOM 1211 H HG3  . PRO B 1 27 ? -0.520  9.974   1.154   1.00 0.32  ? 21 PRO B HG3  1 
ATOM 1212 H HD2  . PRO B 1 27 ? 0.730   7.686   1.905   1.00 0.25  ? 21 PRO B HD2  1 
ATOM 1213 H HD3  . PRO B 1 27 ? 0.900   8.399   0.285   1.00 0.27  ? 21 PRO B HD3  1 
ATOM 1214 N N    . ILE B 1 28 ? 4.195   11.481  3.335   1.00 0.23  ? 22 ILE B N    1 
ATOM 1215 C CA   . ILE B 1 28 ? 4.855   11.718  4.652   1.00 0.21  ? 22 ILE B CA   1 
ATOM 1216 C C    . ILE B 1 28 ? 3.805   11.968  5.736   1.00 0.21  ? 22 ILE B C    1 
ATOM 1217 O O    . ILE B 1 28 ? 3.975   11.585  6.876   1.00 0.18  ? 22 ILE B O    1 
ATOM 1218 C CB   . ILE B 1 28 ? 5.717   12.963  4.445   1.00 0.27  ? 22 ILE B CB   1 
ATOM 1219 C CG1  . ILE B 1 28 ? 6.665   13.131  5.637   1.00 0.30  ? 22 ILE B CG1  1 
ATOM 1220 C CG2  . ILE B 1 28 ? 4.818   14.195  4.335   1.00 0.31  ? 22 ILE B CG2  1 
ATOM 1221 C CD1  . ILE B 1 28 ? 7.644   11.957  5.681   1.00 1.07  ? 22 ILE B CD1  1 
ATOM 1222 H H    . ILE B 1 28 ? 4.451   12.014  2.554   1.00 0.25  ? 22 ILE B H    1 
ATOM 1223 H HA   . ILE B 1 28 ? 5.478   10.879  4.917   1.00 0.20  ? 22 ILE B HA   1 
ATOM 1224 H HB   . ILE B 1 28 ? 6.292   12.856  3.537   1.00 0.27  ? 22 ILE B HB   1 
ATOM 1225 H HG12 . ILE B 1 28 ? 7.213   14.056  5.532   1.00 1.10  ? 22 ILE B HG12 1 
ATOM 1226 H HG13 . ILE B 1 28 ? 6.092   13.154  6.551   1.00 0.99  ? 22 ILE B HG13 1 
ATOM 1227 H HG21 . ILE B 1 28 ? 4.284   14.336  5.263   1.00 1.06  ? 22 ILE B HG21 1 
ATOM 1228 H HG22 . ILE B 1 28 ? 4.110   14.053  3.531   1.00 1.07  ? 22 ILE B HG22 1 
ATOM 1229 H HG23 . ILE B 1 28 ? 5.423   15.066  4.131   1.00 0.97  ? 22 ILE B HG23 1 
ATOM 1230 H HD11 . ILE B 1 28 ? 8.614   12.310  6.003   1.00 1.68  ? 22 ILE B HD11 1 
ATOM 1231 H HD12 . ILE B 1 28 ? 7.728   11.521  4.696   1.00 1.70  ? 22 ILE B HD12 1 
ATOM 1232 H HD13 . ILE B 1 28 ? 7.284   11.213  6.375   1.00 1.70  ? 22 ILE B HD13 1 
ATOM 1233 N N    . GLU B 1 29 ? 2.708   12.577  5.387   1.00 0.25  ? 23 GLU B N    1 
ATOM 1234 C CA   . GLU B 1 29 ? 1.641   12.810  6.400   1.00 0.26  ? 23 GLU B CA   1 
ATOM 1235 C C    . GLU B 1 29 ? 1.199   11.474  7.002   1.00 0.24  ? 23 GLU B C    1 
ATOM 1236 O O    . GLU B 1 29 ? 0.912   11.373  8.179   1.00 0.23  ? 23 GLU B O    1 
ATOM 1237 C CB   . GLU B 1 29 ? 0.494   13.455  5.622   1.00 0.32  ? 23 GLU B CB   1 
ATOM 1238 C CG   . GLU B 1 29 ? -0.613  13.867  6.595   1.00 1.20  ? 23 GLU B CG   1 
ATOM 1239 C CD   . GLU B 1 29 ? -1.806  14.417  5.808   1.00 1.53  ? 23 GLU B CD   1 
ATOM 1240 O OE1  . GLU B 1 29 ? -1.731  14.428  4.590   1.00 2.06  ? 23 GLU B OE1  1 
ATOM 1241 O OE2  . GLU B 1 29 ? -2.771  14.816  6.437   1.00 2.03  ? 23 GLU B OE2  1 
ATOM 1242 H H    . GLU B 1 29 ? 2.574   12.858  4.458   1.00 0.27  ? 23 GLU B H    1 
ATOM 1243 H HA   . GLU B 1 29 ? 1.989   13.478  7.172   1.00 0.26  ? 23 GLU B HA   1 
ATOM 1244 H HB2  . GLU B 1 29 ? 0.859   14.327  5.101   1.00 0.92  ? 23 GLU B HB2  1 
ATOM 1245 H HB3  . GLU B 1 29 ? 0.098   12.748  4.910   1.00 0.92  ? 23 GLU B HB3  1 
ATOM 1246 H HG2  . GLU B 1 29 ? -0.926  13.007  7.169   1.00 1.83  ? 23 GLU B HG2  1 
ATOM 1247 H HG3  . GLU B 1 29 ? -0.242  14.631  7.261   1.00 1.84  ? 23 GLU B HG3  1 
ATOM 1248 N N    . LEU B 1 30 ? 1.164   10.446  6.201   1.00 0.23  ? 24 LEU B N    1 
ATOM 1249 C CA   . LEU B 1 30 ? 0.769   9.105   6.717   1.00 0.22  ? 24 LEU B CA   1 
ATOM 1250 C C    . LEU B 1 30 ? 1.959   8.411   7.382   1.00 0.18  ? 24 LEU B C    1 
ATOM 1251 O O    . LEU B 1 30 ? 1.800   7.684   8.342   1.00 0.18  ? 24 LEU B O    1 
ATOM 1252 C CB   . LEU B 1 30 ? 0.302   8.328   5.488   1.00 0.25  ? 24 LEU B CB   1 
ATOM 1253 C CG   . LEU B 1 30 ? -0.954  8.988   4.917   1.00 0.30  ? 24 LEU B CG   1 
ATOM 1254 C CD1  . LEU B 1 30 ? -1.521  8.120   3.791   1.00 0.32  ? 24 LEU B CD1  1 
ATOM 1255 C CD2  . LEU B 1 30 ? -2.000  9.131   6.024   1.00 0.34  ? 24 LEU B CD2  1 
ATOM 1256 H H    . LEU B 1 30 ? 1.415   10.551  5.260   1.00 0.23  ? 24 LEU B H    1 
ATOM 1257 H HA   . LEU B 1 30 ? -0.045  9.201   7.417   1.00 0.25  ? 24 LEU B HA   1 
ATOM 1258 H HB2  . LEU B 1 30 ? 1.083   8.334   4.742   1.00 0.23  ? 24 LEU B HB2  1 
ATOM 1259 H HB3  . LEU B 1 30 ? 0.078   7.310   5.767   1.00 0.26  ? 24 LEU B HB3  1 
ATOM 1260 H HG   . LEU B 1 30 ? -0.703  9.964   4.529   1.00 0.30  ? 24 LEU B HG   1 
ATOM 1261 H HD11 . LEU B 1 30 ? -1.777  8.746   2.949   1.00 1.02  ? 24 LEU B HD11 1 
ATOM 1262 H HD12 . LEU B 1 30 ? -2.404  7.608   4.141   1.00 1.12  ? 24 LEU B HD12 1 
ATOM 1263 H HD13 . LEU B 1 30 ? -0.780  7.395   3.488   1.00 1.06  ? 24 LEU B HD13 1 
ATOM 1264 H HD21 . LEU B 1 30 ? -2.965  9.340   5.584   1.00 1.01  ? 24 LEU B HD21 1 
ATOM 1265 H HD22 . LEU B 1 30 ? -1.722  9.940   6.682   1.00 1.04  ? 24 LEU B HD22 1 
ATOM 1266 H HD23 . LEU B 1 30 ? -2.055  8.211   6.588   1.00 1.10  ? 24 LEU B HD23 1 
ATOM 1267 N N    . ARG B 1 31 ? 3.158   8.685   6.942   1.00 0.16  ? 25 ARG B N    1 
ATOM 1268 C CA   . ARG B 1 31 ? 4.336   8.094   7.636   1.00 0.14  ? 25 ARG B CA   1 
ATOM 1269 C C    . ARG B 1 31 ? 4.307   8.502   9.109   1.00 0.13  ? 25 ARG B C    1 
ATOM 1270 O O    . ARG B 1 31 ? 4.571   7.711   9.991   1.00 0.14  ? 25 ARG B O    1 
ATOM 1271 C CB   . ARG B 1 31 ? 5.574   8.695   6.961   1.00 0.14  ? 25 ARG B CB   1 
ATOM 1272 C CG   . ARG B 1 31 ? 5.628   8.301   5.483   1.00 0.16  ? 25 ARG B CG   1 
ATOM 1273 C CD   . ARG B 1 31 ? 6.989   8.716   4.910   1.00 0.17  ? 25 ARG B CD   1 
ATOM 1274 N NE   . ARG B 1 31 ? 6.797   8.775   3.436   1.00 0.21  ? 25 ARG B NE   1 
ATOM 1275 C CZ   . ARG B 1 31 ? 7.625   9.461   2.693   1.00 0.23  ? 25 ARG B CZ   1 
ATOM 1276 N NH1  . ARG B 1 31 ? 8.634   10.085  3.238   1.00 0.23  ? 25 ARG B NH1  1 
ATOM 1277 N NH2  . ARG B 1 31 ? 7.444   9.520   1.402   1.00 0.27  ? 25 ARG B NH2  1 
ATOM 1278 H H    . ARG B 1 31 ? 3.283   9.318   6.205   1.00 0.17  ? 25 ARG B H    1 
ATOM 1279 H HA   . ARG B 1 31 ? 4.339   7.020   7.537   1.00 0.15  ? 25 ARG B HA   1 
ATOM 1280 H HB2  . ARG B 1 31 ? 5.536   9.771   7.042   1.00 0.14  ? 25 ARG B HB2  1 
ATOM 1281 H HB3  . ARG B 1 31 ? 6.461   8.332   7.458   1.00 0.14  ? 25 ARG B HB3  1 
ATOM 1282 H HG2  . ARG B 1 31 ? 5.503   7.231   5.388   1.00 0.17  ? 25 ARG B HG2  1 
ATOM 1283 H HG3  . ARG B 1 31 ? 4.842   8.807   4.945   1.00 0.18  ? 25 ARG B HG3  1 
ATOM 1284 H HD2  . ARG B 1 31 ? 7.275   9.685   5.293   1.00 0.17  ? 25 ARG B HD2  1 
ATOM 1285 H HD3  . ARG B 1 31 ? 7.738   7.979   5.154   1.00 0.17  ? 25 ARG B HD3  1 
ATOM 1286 H HE   . ARG B 1 31 ? 6.048   8.307   3.022   1.00 0.22  ? 25 ARG B HE   1 
ATOM 1287 H HH11 . ARG B 1 31 ? 8.776   10.041  4.227   1.00 0.21  ? 25 ARG B HH11 1 
ATOM 1288 H HH12 . ARG B 1 31 ? 9.265   10.609  2.666   1.00 0.25  ? 25 ARG B HH12 1 
ATOM 1289 H HH21 . ARG B 1 31 ? 6.673   9.041   0.983   1.00 0.28  ? 25 ARG B HH21 1 
ATOM 1290 H HH22 . ARG B 1 31 ? 8.074   10.046  0.832   1.00 0.29  ? 25 ARG B HH22 1 
ATOM 1291 N N    . ARG B 1 32 ? 4.022   9.749   9.375   1.00 0.12  ? 26 ARG B N    1 
ATOM 1292 C CA   . ARG B 1 32 ? 4.018   10.229  10.785  1.00 0.12  ? 26 ARG B CA   1 
ATOM 1293 C C    . ARG B 1 32 ? 2.791   9.697   11.533  1.00 0.13  ? 26 ARG B C    1 
ATOM 1294 O O    . ARG B 1 32 ? 2.893   9.199   12.636  1.00 0.14  ? 26 ARG B O    1 
ATOM 1295 C CB   . ARG B 1 32 ? 3.962   11.753  10.680  1.00 0.13  ? 26 ARG B CB   1 
ATOM 1296 C CG   . ARG B 1 32 ? 5.231   12.266  9.994   1.00 1.19  ? 26 ARG B CG   1 
ATOM 1297 C CD   . ARG B 1 32 ? 5.222   13.795  9.981   1.00 1.56  ? 26 ARG B CD   1 
ATOM 1298 N NE   . ARG B 1 32 ? 6.368   14.178  9.111   1.00 2.40  ? 26 ARG B NE   1 
ATOM 1299 C CZ   . ARG B 1 32 ? 6.754   15.424  9.043   1.00 3.04  ? 26 ARG B CZ   1 
ATOM 1300 N NH1  . ARG B 1 32 ? 6.137   16.342  9.739   1.00 3.21  ? 26 ARG B NH1  1 
ATOM 1301 N NH2  . ARG B 1 32 ? 7.760   15.754  8.279   1.00 3.96  ? 26 ARG B NH2  1 
ATOM 1302 H H    . ARG B 1 32 ? 3.840   10.375  8.643   1.00 0.13  ? 26 ARG B H    1 
ATOM 1303 H HA   . ARG B 1 32 ? 4.925   9.929   11.288  1.00 0.12  ? 26 ARG B HA   1 
ATOM 1304 H HB2  . ARG B 1 32 ? 3.096   12.041  10.101  1.00 0.84  ? 26 ARG B HB2  1 
ATOM 1305 H HB3  . ARG B 1 32 ? 3.892   12.180  11.669  1.00 0.87  ? 26 ARG B HB3  1 
ATOM 1306 H HG2  . ARG B 1 32 ? 6.098   11.915  10.536  1.00 1.93  ? 26 ARG B HG2  1 
ATOM 1307 H HG3  . ARG B 1 32 ? 5.266   11.898  8.980   1.00 1.81  ? 26 ARG B HG3  1 
ATOM 1308 H HD2  . ARG B 1 32 ? 4.292   14.161  9.566   1.00 1.83  ? 26 ARG B HD2  1 
ATOM 1309 H HD3  . ARG B 1 32 ? 5.368   14.182  10.977  1.00 2.01  ? 26 ARG B HD3  1 
ATOM 1310 H HE   . ARG B 1 32 ? 6.834   13.493  8.587   1.00 2.86  ? 26 ARG B HE   1 
ATOM 1311 H HH11 . ARG B 1 32 ? 5.367   16.093  10.326  1.00 2.94  ? 26 ARG B HH11 1 
ATOM 1312 H HH12 . ARG B 1 32 ? 6.436   17.294  9.685   1.00 3.92  ? 26 ARG B HH12 1 
ATOM 1313 H HH21 . ARG B 1 32 ? 8.233   15.053  7.746   1.00 4.32  ? 26 ARG B HH21 1 
ATOM 1314 H HH22 . ARG B 1 32 ? 8.056   16.707  8.227   1.00 4.50  ? 26 ARG B HH22 1 
ATOM 1315 N N    . THR B 1 33 ? 1.629   9.833   10.955  1.00 0.15  ? 27 THR B N    1 
ATOM 1316 C CA   . THR B 1 33 ? 0.388   9.376   11.647  1.00 0.19  ? 27 THR B CA   1 
ATOM 1317 C C    . THR B 1 33 ? 0.412   7.860   11.868  1.00 0.19  ? 27 THR B C    1 
ATOM 1318 O O    . THR B 1 33 ? -0.174  7.353   12.804  1.00 0.21  ? 27 THR B O    1 
ATOM 1319 C CB   . THR B 1 33 ? -0.755  9.765   10.709  1.00 0.21  ? 27 THR B CB   1 
ATOM 1320 O OG1  . THR B 1 33 ? -0.678  11.156  10.426  1.00 0.22  ? 27 THR B OG1  1 
ATOM 1321 C CG2  . THR B 1 33 ? -2.095  9.451   11.376  1.00 0.25  ? 27 THR B CG2  1 
ATOM 1322 H H    . THR B 1 33 ? 1.568   10.261  10.076  1.00 0.16  ? 27 THR B H    1 
ATOM 1323 H HA   . THR B 1 33 ? 0.276   9.889   12.590  1.00 0.20  ? 27 THR B HA   1 
ATOM 1324 H HB   . THR B 1 33 ? -0.674  9.205   9.791   1.00 0.21  ? 27 THR B HB   1 
ATOM 1325 H HG1  . THR B 1 33 ? -1.160  11.320  9.611   1.00 0.97  ? 27 THR B HG1  1 
ATOM 1326 H HG21 . THR B 1 33 ? -2.744  10.311  11.302  1.00 1.04  ? 27 THR B HG21 1 
ATOM 1327 H HG22 . THR B 1 33 ? -1.931  9.212   12.417  1.00 1.10  ? 27 THR B HG22 1 
ATOM 1328 H HG23 . THR B 1 33 ? -2.554  8.608   10.881  1.00 1.00  ? 27 THR B HG23 1 
ATOM 1329 N N    . LEU B 1 34 ? 1.026   7.126   10.983  1.00 0.17  ? 28 LEU B N    1 
ATOM 1330 C CA   . LEU B 1 34 ? 1.017   5.640   11.116  1.00 0.18  ? 28 LEU B CA   1 
ATOM 1331 C C    . LEU B 1 34 ? 2.175   5.168   12.003  1.00 0.18  ? 28 LEU B C    1 
ATOM 1332 O O    . LEU B 1 34 ? 2.282   4.002   12.327  1.00 0.19  ? 28 LEU B O    1 
ATOM 1333 C CB   . LEU B 1 34 ? 1.177   5.114   9.690   1.00 0.18  ? 28 LEU B CB   1 
ATOM 1334 C CG   . LEU B 1 34 ? 0.939   3.604   9.673   1.00 0.21  ? 28 LEU B CG   1 
ATOM 1335 C CD1  . LEU B 1 34 ? -0.549  3.319   9.891   1.00 0.23  ? 28 LEU B CD1  1 
ATOM 1336 C CD2  . LEU B 1 34 ? 1.372   3.035   8.320   1.00 0.20  ? 28 LEU B CD2  1 
ATOM 1337 H H    . LEU B 1 34 ? 1.452   7.547   10.207  1.00 0.16  ? 28 LEU B H    1 
ATOM 1338 H HA   . LEU B 1 34 ? 0.075   5.308   11.523  1.00 0.21  ? 28 LEU B HA   1 
ATOM 1339 H HB2  . LEU B 1 34 ? 0.460   5.600   9.044   1.00 0.19  ? 28 LEU B HB2  1 
ATOM 1340 H HB3  . LEU B 1 34 ? 2.178   5.322   9.339   1.00 0.17  ? 28 LEU B HB3  1 
ATOM 1341 H HG   . LEU B 1 34 ? 1.514   3.139   10.462  1.00 0.21  ? 28 LEU B HG   1 
ATOM 1342 H HD11 . LEU B 1 34 ? -0.660  2.444   10.515  1.00 0.99  ? 28 LEU B HD11 1 
ATOM 1343 H HD12 . LEU B 1 34 ? -1.026  3.145   8.938   1.00 1.00  ? 28 LEU B HD12 1 
ATOM 1344 H HD13 . LEU B 1 34 ? -1.011  4.167   10.375  1.00 1.09  ? 28 LEU B HD13 1 
ATOM 1345 H HD21 . LEU B 1 34 ? 2.099   3.694   7.870   1.00 1.01  ? 28 LEU B HD21 1 
ATOM 1346 H HD22 . LEU B 1 34 ? 0.511   2.951   7.673   1.00 1.07  ? 28 LEU B HD22 1 
ATOM 1347 H HD23 . LEU B 1 34 ? 1.811   2.058   8.464   1.00 1.03  ? 28 LEU B HD23 1 
ATOM 1348 N N    . GLY B 1 35 ? 3.034   6.062   12.414  1.00 0.16  ? 29 GLY B N    1 
ATOM 1349 C CA   . GLY B 1 35 ? 4.163   5.653   13.298  1.00 0.17  ? 29 GLY B CA   1 
ATOM 1350 C C    . GLY B 1 35 ? 5.099   4.717   12.531  1.00 0.16  ? 29 GLY B C    1 
ATOM 1351 O O    . GLY B 1 35 ? 5.526   3.699   13.040  1.00 0.16  ? 29 GLY B O    1 
ATOM 1352 H H    . GLY B 1 35 ? 2.927   7.001   12.155  1.00 0.15  ? 29 GLY B H    1 
ATOM 1353 H HA2  . GLY B 1 35 ? 4.709   6.532   13.612  1.00 0.17  ? 29 GLY B HA2  1 
ATOM 1354 H HA3  . GLY B 1 35 ? 3.776   5.139   14.164  1.00 0.19  ? 29 GLY B HA3  1 
ATOM 1355 N N    . ILE B 1 36 ? 5.396   5.033   11.302  1.00 0.14  ? 30 ILE B N    1 
ATOM 1356 C CA   . ILE B 1 36 ? 6.276   4.138   10.497  1.00 0.13  ? 30 ILE B CA   1 
ATOM 1357 C C    . ILE B 1 36 ? 7.584   4.845   10.139  1.00 0.14  ? 30 ILE B C    1 
ATOM 1358 O O    . ILE B 1 36 ? 7.608   6.020   9.827   1.00 0.15  ? 30 ILE B O    1 
ATOM 1359 C CB   . ILE B 1 36 ? 5.478   3.817   9.235   1.00 0.13  ? 30 ILE B CB   1 
ATOM 1360 C CG1  . ILE B 1 36 ? 4.155   3.155   9.624   1.00 0.14  ? 30 ILE B CG1  1 
ATOM 1361 C CG2  . ILE B 1 36 ? 6.284   2.864   8.351   1.00 0.13  ? 30 ILE B CG2  1 
ATOM 1362 C CD1  . ILE B 1 36 ? 4.431   1.990   10.577  1.00 0.14  ? 30 ILE B CD1  1 
ATOM 1363 H H    . ILE B 1 36 ? 5.024   5.846   10.901  1.00 0.14  ? 30 ILE B H    1 
ATOM 1364 H HA   . ILE B 1 36 ? 6.480   3.229   11.041  1.00 0.13  ? 30 ILE B HA   1 
ATOM 1365 H HB   . ILE B 1 36 ? 5.281   4.730   8.692   1.00 0.14  ? 30 ILE B HB   1 
ATOM 1366 H HG12 . ILE B 1 36 ? 3.521   3.880   10.113  1.00 0.14  ? 30 ILE B HG12 1 
ATOM 1367 H HG13 . ILE B 1 36 ? 3.664   2.785   8.738   1.00 0.14  ? 30 ILE B HG13 1 
ATOM 1368 H HG21 . ILE B 1 36 ? 6.568   1.993   8.926   1.00 0.99  ? 30 ILE B HG21 1 
ATOM 1369 H HG22 . ILE B 1 36 ? 7.173   3.364   7.996   1.00 0.98  ? 30 ILE B HG22 1 
ATOM 1370 H HG23 . ILE B 1 36 ? 5.682   2.558   7.509   1.00 1.00  ? 30 ILE B HG23 1 
ATOM 1371 H HD11 . ILE B 1 36 ? 3.665   1.237   10.456  1.00 1.00  ? 30 ILE B HD11 1 
ATOM 1372 H HD12 . ILE B 1 36 ? 4.423   2.348   11.597  1.00 0.98  ? 30 ILE B HD12 1 
ATOM 1373 H HD13 . ILE B 1 36 ? 5.396   1.562   10.353  1.00 0.99  ? 30 ILE B HD13 1 
ATOM 1374 N N    . ALA B 1 37 ? 8.676   4.139   10.220  1.00 0.14  ? 31 ALA B N    1 
ATOM 1375 C CA   . ALA B 1 37 ? 10.001  4.752   9.929   1.00 0.15  ? 31 ALA B CA   1 
ATOM 1376 C C    . ALA B 1 37 ? 10.878  3.762   9.159   1.00 0.14  ? 31 ALA B C    1 
ATOM 1377 O O    . ALA B 1 37 ? 10.574  2.589   9.067   1.00 0.13  ? 31 ALA B O    1 
ATOM 1378 C CB   . ALA B 1 37 ? 10.608  5.048   11.299  1.00 0.15  ? 31 ALA B CB   1 
ATOM 1379 H H    . ALA B 1 37 ? 8.627   3.206   10.504  1.00 0.13  ? 31 ALA B H    1 
ATOM 1380 H HA   . ALA B 1 37 ? 9.881   5.668   9.371   1.00 0.16  ? 31 ALA B HA   1 
ATOM 1381 H HB1  . ALA B 1 37 ? 11.594  5.472   11.172  1.00 1.00  ? 31 ALA B HB1  1 
ATOM 1382 H HB2  . ALA B 1 37 ? 10.682  4.131   11.865  1.00 1.00  ? 31 ALA B HB2  1 
ATOM 1383 H HB3  . ALA B 1 37 ? 9.980   5.748   11.829  1.00 1.04  ? 31 ALA B HB3  1 
ATOM 1384 N N    . GLU B 1 38 ? 11.961  4.223   8.599   1.00 0.15  ? 32 GLU B N    1 
ATOM 1385 C CA   . GLU B 1 38 ? 12.848  3.307   7.828   1.00 0.16  ? 32 GLU B CA   1 
ATOM 1386 C C    . GLU B 1 38 ? 13.239  2.093   8.678   1.00 0.15  ? 32 GLU B C    1 
ATOM 1387 O O    . GLU B 1 38 ? 13.444  2.199   9.869   1.00 0.17  ? 32 GLU B O    1 
ATOM 1388 C CB   . GLU B 1 38 ? 14.083  4.143   7.494   1.00 0.18  ? 32 GLU B CB   1 
ATOM 1389 C CG   . GLU B 1 38 ? 15.018  3.337   6.590   1.00 0.19  ? 32 GLU B CG   1 
ATOM 1390 C CD   . GLU B 1 38 ? 16.304  4.129   6.348   1.00 0.22  ? 32 GLU B CD   1 
ATOM 1391 O OE1  . GLU B 1 38 ? 16.410  5.224   6.876   1.00 1.06  ? 32 GLU B OE1  1 
ATOM 1392 O OE2  . GLU B 1 38 ? 17.161  3.626   5.640   1.00 1.00  ? 32 GLU B OE2  1 
ATOM 1393 H H    . GLU B 1 38 ? 12.187  5.173   8.678   1.00 0.17  ? 32 GLU B H    1 
ATOM 1394 H HA   . GLU B 1 38 ? 12.363  2.990   6.918   1.00 0.15  ? 32 GLU B HA   1 
ATOM 1395 H HB2  . GLU B 1 38 ? 13.779  5.047   6.985   1.00 0.19  ? 32 GLU B HB2  1 
ATOM 1396 H HB3  . GLU B 1 38 ? 14.601  4.400   8.406   1.00 0.19  ? 32 GLU B HB3  1 
ATOM 1397 H HG2  . GLU B 1 38 ? 15.257  2.398   7.067   1.00 0.19  ? 32 GLU B HG2  1 
ATOM 1398 H HG3  . GLU B 1 38 ? 14.530  3.148   5.645   1.00 0.19  ? 32 GLU B HG3  1 
ATOM 1399 N N    . LYS B 1 39 ? 13.396  0.953   8.052   1.00 0.15  ? 33 LYS B N    1 
ATOM 1400 C CA   . LYS B 1 39 ? 13.843  -0.277  8.780   1.00 0.16  ? 33 LYS B CA   1 
ATOM 1401 C C    . LYS B 1 39 ? 12.707  -0.862  9.629   1.00 0.14  ? 33 LYS B C    1 
ATOM 1402 O O    . LYS B 1 39 ? 12.816  -1.953  10.151  1.00 0.15  ? 33 LYS B O    1 
ATOM 1403 C CB   . LYS B 1 39 ? 15.007  0.165   9.672   1.00 0.19  ? 33 LYS B CB   1 
ATOM 1404 C CG   . LYS B 1 39 ? 15.812  -1.062  10.101  1.00 0.59  ? 33 LYS B CG   1 
ATOM 1405 C CD   . LYS B 1 39 ? 16.939  -0.630  11.042  1.00 0.76  ? 33 LYS B CD   1 
ATOM 1406 C CE   . LYS B 1 39 ? 17.848  -1.826  11.335  1.00 1.41  ? 33 LYS B CE   1 
ATOM 1407 N NZ   . LYS B 1 39 ? 19.213  -1.375  10.950  1.00 2.02  ? 33 LYS B NZ   1 
ATOM 1408 H H    . LYS B 1 39 ? 13.263  0.915   7.084   1.00 0.15  ? 33 LYS B H    1 
ATOM 1409 H HA   . LYS B 1 39 ? 14.191  -1.015  8.075   1.00 0.17  ? 33 LYS B HA   1 
ATOM 1410 H HB2  . LYS B 1 39 ? 15.644  0.844   9.123   1.00 0.40  ? 33 LYS B HB2  1 
ATOM 1411 H HB3  . LYS B 1 39 ? 14.622  0.661   10.550  1.00 0.52  ? 33 LYS B HB3  1 
ATOM 1412 H HG2  . LYS B 1 39 ? 15.162  -1.759  10.612  1.00 0.96  ? 33 LYS B HG2  1 
ATOM 1413 H HG3  . LYS B 1 39 ? 16.237  -1.538  9.230   1.00 0.91  ? 33 LYS B HG3  1 
ATOM 1414 H HD2  . LYS B 1 39 ? 17.515  0.156   10.576  1.00 0.96  ? 33 LYS B HD2  1 
ATOM 1415 H HD3  . LYS B 1 39 ? 16.517  -0.267  11.966  1.00 1.07  ? 33 LYS B HD3  1 
ATOM 1416 H HE2  . LYS B 1 39 ? 17.812  -2.074  12.387  1.00 1.84  ? 33 LYS B HE2  1 
ATOM 1417 H HE3  . LYS B 1 39 ? 17.556  -2.676  10.737  1.00 1.90  ? 33 LYS B HE3  1 
ATOM 1418 H HZ1  . LYS B 1 39 ? 19.867  -2.182  10.980  1.00 2.43  ? 33 LYS B HZ1  1 
ATOM 1419 H HZ2  . LYS B 1 39 ? 19.535  -0.642  11.616  1.00 2.30  ? 33 LYS B HZ2  1 
ATOM 1420 H HZ3  . LYS B 1 39 ? 19.191  -0.984  9.987   1.00 2.57  ? 33 LYS B HZ3  1 
ATOM 1421 N N    . ASP B 1 40 ? 11.584  -0.201  9.692   1.00 0.13  ? 34 ASP B N    1 
ATOM 1422 C CA   . ASP B 1 40 ? 10.418  -0.793  10.413  1.00 0.12  ? 34 ASP B CA   1 
ATOM 1423 C C    . ASP B 1 40 ? 9.752   -1.862  9.545   1.00 0.12  ? 34 ASP B C    1 
ATOM 1424 O O    . ASP B 1 40 ? 10.062  -2.004  8.380   1.00 0.13  ? 34 ASP B O    1 
ATOM 1425 C CB   . ASP B 1 40 ? 9.463   0.370   10.665  1.00 0.11  ? 34 ASP B CB   1 
ATOM 1426 C CG   . ASP B 1 40 ? 10.036  1.266   11.762  1.00 0.13  ? 34 ASP B CG   1 
ATOM 1427 O OD1  . ASP B 1 40 ? 11.028  0.882   12.358  1.00 0.14  ? 34 ASP B OD1  1 
ATOM 1428 O OD2  . ASP B 1 40 ? 9.470   2.319   11.988  1.00 0.13  ? 34 ASP B OD2  1 
ATOM 1429 H H    . ASP B 1 40 ? 11.481  0.643   9.205   1.00 0.13  ? 34 ASP B H    1 
ATOM 1430 H HA   . ASP B 1 40 ? 10.735  -1.217  11.353  1.00 0.13  ? 34 ASP B HA   1 
ATOM 1431 H HB2  . ASP B 1 40 ? 9.345   0.942   9.755   1.00 0.11  ? 34 ASP B HB2  1 
ATOM 1432 H HB3  . ASP B 1 40 ? 8.504   -0.012  10.978  1.00 0.11  ? 34 ASP B HB3  1 
ATOM 1433 N N    . ALA B 1 41 ? 8.889   -2.655  10.117  1.00 0.12  ? 35 ALA B N    1 
ATOM 1434 C CA   . ALA B 1 41 ? 8.265   -3.759  9.332   1.00 0.13  ? 35 ALA B CA   1 
ATOM 1435 C C    . ALA B 1 41 ? 6.814   -3.418  8.971   1.00 0.12  ? 35 ALA B C    1 
ATOM 1436 O O    . ALA B 1 41 ? 6.013   -3.085  9.822   1.00 0.11  ? 35 ALA B O    1 
ATOM 1437 C CB   . ALA B 1 41 ? 8.314   -4.974  10.259  1.00 0.15  ? 35 ALA B CB   1 
ATOM 1438 H H    . ALA B 1 41 ? 8.686   -2.556  11.071  1.00 0.12  ? 35 ALA B H    1 
ATOM 1439 H HA   . ALA B 1 41 ? 8.838   -3.956  8.441   1.00 0.14  ? 35 ALA B HA   1 
ATOM 1440 H HB1  . ALA B 1 41 ? 9.133   -4.863  10.955  1.00 0.94  ? 35 ALA B HB1  1 
ATOM 1441 H HB2  . ALA B 1 41 ? 8.460   -5.868  9.672   1.00 0.94  ? 35 ALA B HB2  1 
ATOM 1442 H HB3  . ALA B 1 41 ? 7.385   -5.049  10.804  1.00 0.96  ? 35 ALA B HB3  1 
ATOM 1443 N N    . LEU B 1 42 ? 6.455   -3.586  7.728   1.00 0.13  ? 36 LEU B N    1 
ATOM 1444 C CA   . LEU B 1 42 ? 5.037   -3.372  7.316   1.00 0.13  ? 36 LEU B CA   1 
ATOM 1445 C C    . LEU B 1 42 ? 4.384   -4.720  7.009   1.00 0.15  ? 36 LEU B C    1 
ATOM 1446 O O    . LEU B 1 42 ? 4.967   -5.550  6.343   1.00 0.17  ? 36 LEU B O    1 
ATOM 1447 C CB   . LEU B 1 42 ? 5.115   -2.542  6.035   1.00 0.13  ? 36 LEU B CB   1 
ATOM 1448 C CG   . LEU B 1 42 ? 6.058   -1.358  6.231   1.00 0.12  ? 36 LEU B CG   1 
ATOM 1449 C CD1  . LEU B 1 42 ? 6.467   -0.825  4.859   1.00 0.15  ? 36 LEU B CD1  1 
ATOM 1450 C CD2  . LEU B 1 42 ? 5.341   -0.258  7.017   1.00 0.14  ? 36 LEU B CD2  1 
ATOM 1451 H H    . LEU B 1 42 ? 7.104   -3.916  7.076   1.00 0.14  ? 36 LEU B H    1 
ATOM 1452 H HA   . LEU B 1 42 ? 4.489   -2.840  8.076   1.00 0.12  ? 36 LEU B HA   1 
ATOM 1453 H HB2  . LEU B 1 42 ? 5.481   -3.162  5.229   1.00 0.15  ? 36 LEU B HB2  1 
ATOM 1454 H HB3  . LEU B 1 42 ? 4.130   -2.176  5.786   1.00 0.14  ? 36 LEU B HB3  1 
ATOM 1455 H HG   . LEU B 1 42 ? 6.938   -1.679  6.770   1.00 0.11  ? 36 LEU B HG   1 
ATOM 1456 H HD11 . LEU B 1 42 ? 5.691   -0.177  4.479   1.00 0.98  ? 36 LEU B HD11 1 
ATOM 1457 H HD12 . LEU B 1 42 ? 6.606   -1.660  4.183   1.00 0.96  ? 36 LEU B HD12 1 
ATOM 1458 H HD13 . LEU B 1 42 ? 7.390   -0.274  4.944   1.00 0.94  ? 36 LEU B HD13 1 
ATOM 1459 H HD21 . LEU B 1 42 ? 5.975   0.614   7.076   1.00 1.00  ? 36 LEU B HD21 1 
ATOM 1460 H HD22 . LEU B 1 42 ? 5.122   -0.612  8.013   1.00 1.01  ? 36 LEU B HD22 1 
ATOM 1461 H HD23 . LEU B 1 42 ? 4.420   0.000   6.515   1.00 1.03  ? 36 LEU B HD23 1 
ATOM 1462 N N    . GLU B 1 43 ? 3.143   -4.897  7.359   1.00 0.16  ? 37 GLU B N    1 
ATOM 1463 C CA   . GLU B 1 43 ? 2.435   -6.137  6.935   1.00 0.18  ? 37 GLU B CA   1 
ATOM 1464 C C    . GLU B 1 43 ? 1.440   -5.814  5.819   1.00 0.19  ? 37 GLU B C    1 
ATOM 1465 O O    . GLU B 1 43 ? 0.832   -4.762  5.802   1.00 0.18  ? 37 GLU B O    1 
ATOM 1466 C CB   . GLU B 1 43 ? 1.715   -6.642  8.184   1.00 0.20  ? 37 GLU B CB   1 
ATOM 1467 C CG   . GLU B 1 43 ? 1.049   -7.986  7.883   1.00 0.24  ? 37 GLU B CG   1 
ATOM 1468 C CD   . GLU B 1 43 ? 0.242   -8.442  9.100   1.00 0.27  ? 37 GLU B CD   1 
ATOM 1469 O OE1  . GLU B 1 43 ? 0.214   -7.710  10.075  1.00 1.14  ? 37 GLU B OE1  1 
ATOM 1470 O OE2  . GLU B 1 43 ? -0.334  -9.516  9.036   1.00 1.08  ? 37 GLU B OE2  1 
ATOM 1471 H H    . GLU B 1 43 ? 2.650   -4.177  7.806   1.00 0.15  ? 37 GLU B H    1 
ATOM 1472 H HA   . GLU B 1 43 ? 3.146   -6.875  6.598   1.00 0.20  ? 37 GLU B HA   1 
ATOM 1473 H HB2  . GLU B 1 43 ? 2.430   -6.766  8.985   1.00 0.21  ? 37 GLU B HB2  1 
ATOM 1474 H HB3  . GLU B 1 43 ? 0.967   -5.931  8.479   1.00 0.19  ? 37 GLU B HB3  1 
ATOM 1475 H HG2  . GLU B 1 43 ? 0.391   -7.879  7.033   1.00 0.24  ? 37 GLU B HG2  1 
ATOM 1476 H HG3  . GLU B 1 43 ? 1.808   -8.722  7.661   1.00 0.26  ? 37 GLU B HG3  1 
ATOM 1477 N N    . ILE B 1 44 ? 1.362   -6.659  4.831   1.00 0.21  ? 38 ILE B N    1 
ATOM 1478 C CA   . ILE B 1 44 ? 0.516   -6.353  3.646   1.00 0.23  ? 38 ILE B CA   1 
ATOM 1479 C C    . ILE B 1 44 ? -0.677  -7.307  3.578   1.00 0.22  ? 38 ILE B C    1 
ATOM 1480 O O    . ILE B 1 44 ? -0.543  -8.504  3.765   1.00 0.22  ? 38 ILE B O    1 
ATOM 1481 C CB   . ILE B 1 44 ? 1.434   -6.558  2.442   1.00 0.27  ? 38 ILE B CB   1 
ATOM 1482 C CG1  . ILE B 1 44 ? 2.667   -5.661  2.583   1.00 0.28  ? 38 ILE B CG1  1 
ATOM 1483 C CG2  . ILE B 1 44 ? 0.685   -6.193  1.159   1.00 0.31  ? 38 ILE B CG2  1 
ATOM 1484 C CD1  . ILE B 1 44 ? 3.646   -5.956  1.445   1.00 0.86  ? 38 ILE B CD1  1 
ATOM 1485 H H    . ILE B 1 44 ? 1.925   -7.453  4.830   1.00 0.23  ? 38 ILE B H    1 
ATOM 1486 H HA   . ILE B 1 44 ? 0.179   -5.329  3.679   1.00 0.24  ? 38 ILE B HA   1 
ATOM 1487 H HB   . ILE B 1 44 ? 1.742   -7.593  2.397   1.00 0.28  ? 38 ILE B HB   1 
ATOM 1488 H HG12 . ILE B 1 44 ? 2.365   -4.625  2.541   1.00 0.58  ? 38 ILE B HG12 1 
ATOM 1489 H HG13 . ILE B 1 44 ? 3.149   -5.858  3.530   1.00 0.64  ? 38 ILE B HG13 1 
ATOM 1490 H HG21 . ILE B 1 44 ? 0.739   -7.019  0.465   1.00 1.00  ? 38 ILE B HG21 1 
ATOM 1491 H HG22 . ILE B 1 44 ? 1.137   -5.319  0.715   1.00 1.00  ? 38 ILE B HG22 1 
ATOM 1492 H HG23 . ILE B 1 44 ? -0.348  -5.985  1.393   1.00 1.11  ? 38 ILE B HG23 1 
ATOM 1493 H HD11 . ILE B 1 44 ? 3.944   -6.993  1.485   1.00 1.53  ? 38 ILE B HD11 1 
ATOM 1494 H HD12 . ILE B 1 44 ? 4.519   -5.327  1.549   1.00 1.35  ? 38 ILE B HD12 1 
ATOM 1495 H HD13 . ILE B 1 44 ? 3.168   -5.755  0.498   1.00 1.32  ? 38 ILE B HD13 1 
ATOM 1496 N N    . TYR B 1 45 ? -1.840  -6.767  3.339   1.00 0.22  ? 39 TYR B N    1 
ATOM 1497 C CA   . TYR B 1 45 ? -3.077  -7.596  3.284   1.00 0.21  ? 39 TYR B CA   1 
ATOM 1498 C C    . TYR B 1 45 ? -3.665  -7.571  1.870   1.00 0.18  ? 39 TYR B C    1 
ATOM 1499 O O    . TYR B 1 45 ? -3.496  -6.614  1.142   1.00 0.18  ? 39 TYR B O    1 
ATOM 1500 C CB   . TYR B 1 45 ? -4.038  -6.905  4.247   1.00 0.22  ? 39 TYR B CB   1 
ATOM 1501 C CG   . TYR B 1 45 ? -3.701  -7.261  5.670   1.00 0.26  ? 39 TYR B CG   1 
ATOM 1502 C CD1  . TYR B 1 45 ? -2.476  -6.871  6.228   1.00 0.28  ? 39 TYR B CD1  1 
ATOM 1503 C CD2  . TYR B 1 45 ? -4.624  -7.973  6.436   1.00 0.29  ? 39 TYR B CD2  1 
ATOM 1504 C CE1  . TYR B 1 45 ? -2.179  -7.200  7.556   1.00 0.32  ? 39 TYR B CE1  1 
ATOM 1505 C CE2  . TYR B 1 45 ? -4.329  -8.303  7.761   1.00 0.32  ? 39 TYR B CE2  1 
ATOM 1506 C CZ   . TYR B 1 45 ? -3.107  -7.917  8.322   1.00 0.33  ? 39 TYR B CZ   1 
ATOM 1507 O OH   . TYR B 1 45 ? -2.817  -8.248  9.630   1.00 0.37  ? 39 TYR B OH   1 
ATOM 1508 H H    . TYR B 1 45 ? -1.904  -5.797  3.214   1.00 0.22  ? 39 TYR B H    1 
ATOM 1509 H HA   . TYR B 1 45 ? -2.883  -8.606  3.606   1.00 0.22  ? 39 TYR B HA   1 
ATOM 1510 H HB2  . TYR B 1 45 ? -3.956  -5.840  4.122   1.00 0.23  ? 39 TYR B HB2  1 
ATOM 1511 H HB3  . TYR B 1 45 ? -5.049  -7.216  4.030   1.00 0.21  ? 39 TYR B HB3  1 
ATOM 1512 H HD1  . TYR B 1 45 ? -1.763  -6.319  5.633   1.00 0.29  ? 39 TYR B HD1  1 
ATOM 1513 H HD2  . TYR B 1 45 ? -5.568  -8.272  6.004   1.00 0.29  ? 39 TYR B HD2  1 
ATOM 1514 H HE1  . TYR B 1 45 ? -1.236  -6.901  7.989   1.00 0.35  ? 39 TYR B HE1  1 
ATOM 1515 H HE2  . TYR B 1 45 ? -5.044  -8.856  8.352   1.00 0.36  ? 39 TYR B HE2  1 
ATOM 1516 H HH   . TYR B 1 45 ? -2.370  -9.097  9.630   1.00 0.64  ? 39 TYR B HH   1 
ATOM 1517 N N    . VAL B 1 46 ? -4.462  -8.543  1.525   1.00 0.18  ? 40 VAL B N    1 
ATOM 1518 C CA   . VAL B 1 46 ? -5.177  -8.478  0.216   1.00 0.17  ? 40 VAL B CA   1 
ATOM 1519 C C    . VAL B 1 46 ? -6.672  -8.751  0.404   1.00 0.17  ? 40 VAL B C    1 
ATOM 1520 O O    . VAL B 1 46 ? -7.069  -9.813  0.842   1.00 0.23  ? 40 VAL B O    1 
ATOM 1521 C CB   . VAL B 1 46 ? -4.537  -9.565  -0.642  1.00 0.20  ? 40 VAL B CB   1 
ATOM 1522 C CG1  . VAL B 1 46 ? -5.254  -9.633  -1.992  1.00 0.20  ? 40 VAL B CG1  1 
ATOM 1523 C CG2  . VAL B 1 46 ? -3.060  -9.232  -0.866  1.00 0.20  ? 40 VAL B CG2  1 
ATOM 1524 H H    . VAL B 1 46 ? -4.669  -9.260  2.161   1.00 0.20  ? 40 VAL B H    1 
ATOM 1525 H HA   . VAL B 1 46 ? -5.027  -7.513  -0.244  1.00 0.15  ? 40 VAL B HA   1 
ATOM 1526 H HB   . VAL B 1 46 ? -4.624  -10.518 -0.141  1.00 0.23  ? 40 VAL B HB   1 
ATOM 1527 H HG11 . VAL B 1 46 ? -5.761  -8.697  -2.177  1.00 1.00  ? 40 VAL B HG11 1 
ATOM 1528 H HG12 . VAL B 1 46 ? -5.975  -10.437 -1.978  1.00 1.06  ? 40 VAL B HG12 1 
ATOM 1529 H HG13 . VAL B 1 46 ? -4.531  -9.810  -2.775  1.00 1.04  ? 40 VAL B HG13 1 
ATOM 1530 H HG21 . VAL B 1 46 ? -2.514  -9.382  0.053   1.00 1.01  ? 40 VAL B HG21 1 
ATOM 1531 H HG22 . VAL B 1 46 ? -2.967  -8.203  -1.177  1.00 1.00  ? 40 VAL B HG22 1 
ATOM 1532 H HG23 . VAL B 1 46 ? -2.659  -9.877  -1.634  1.00 0.97  ? 40 VAL B HG23 1 
ATOM 1533 N N    . ASP B 1 47 ? -7.505  -7.828  0.006   1.00 0.14  ? 41 ASP B N    1 
ATOM 1534 C CA   . ASP B 1 47 ? -8.975  -8.063  0.087   1.00 0.15  ? 41 ASP B CA   1 
ATOM 1535 C C    . ASP B 1 47 ? -9.691  -7.338  -1.058  1.00 0.17  ? 41 ASP B C    1 
ATOM 1536 O O    . ASP B 1 47 ? -9.351  -6.226  -1.404  1.00 0.21  ? 41 ASP B O    1 
ATOM 1537 C CB   . ASP B 1 47 ? -9.399  -7.478  1.437   1.00 0.21  ? 41 ASP B CB   1 
ATOM 1538 C CG   . ASP B 1 47 ? -9.396  -5.950  1.358   1.00 0.35  ? 41 ASP B CG   1 
ATOM 1539 O OD1  . ASP B 1 47 ? -8.566  -5.415  0.641   1.00 1.07  ? 41 ASP B OD1  1 
ATOM 1540 O OD2  . ASP B 1 47 ? -10.226 -5.341  2.013   1.00 1.22  ? 41 ASP B OD2  1 
ATOM 1541 H H    . ASP B 1 47 ? -7.164  -7.000  -0.394  1.00 0.15  ? 41 ASP B H    1 
ATOM 1542 H HA   . ASP B 1 47 ? -9.191  -9.119  0.058   1.00 0.19  ? 41 ASP B HA   1 
ATOM 1543 H HB2  . ASP B 1 47 ? -10.394 -7.825  1.682   1.00 0.21  ? 41 ASP B HB2  1 
ATOM 1544 H HB3  . ASP B 1 47 ? -8.708  -7.799  2.200   1.00 0.25  ? 41 ASP B HB3  1 
ATOM 1545 N N    . ASP B 1 48 ? -10.741 -7.914  -1.575  1.00 0.31  ? 42 ASP B N    1 
ATOM 1546 C CA   . ASP B 1 48 ? -11.549 -7.205  -2.612  1.00 0.44  ? 42 ASP B CA   1 
ATOM 1547 C C    . ASP B 1 48 ? -10.642 -6.520  -3.644  1.00 0.37  ? 42 ASP B C    1 
ATOM 1548 O O    . ASP B 1 48 ? -10.880 -5.395  -4.037  1.00 0.38  ? 42 ASP B O    1 
ATOM 1549 C CB   . ASP B 1 48 ? -12.351 -6.166  -1.831  1.00 0.56  ? 42 ASP B CB   1 
ATOM 1550 C CG   . ASP B 1 48 ? -13.183 -5.326  -2.801  1.00 0.69  ? 42 ASP B CG   1 
ATOM 1551 O OD1  . ASP B 1 48 ? -13.202 -5.656  -3.975  1.00 1.22  ? 42 ASP B OD1  1 
ATOM 1552 O OD2  . ASP B 1 48 ? -13.785 -4.364  -2.353  1.00 1.37  ? 42 ASP B OD2  1 
ATOM 1553 H H    . ASP B 1 48 ? -11.043 -8.780  -1.229  1.00 0.37  ? 42 ASP B H    1 
ATOM 1554 H HA   . ASP B 1 48 ? -12.219 -7.893  -3.100  1.00 0.56  ? 42 ASP B HA   1 
ATOM 1555 H HB2  . ASP B 1 48 ? -13.007 -6.668  -1.134  1.00 0.64  ? 42 ASP B HB2  1 
ATOM 1556 H HB3  . ASP B 1 48 ? -11.675 -5.521  -1.288  1.00 0.51  ? 42 ASP B HB3  1 
ATOM 1557 N N    . GLU B 1 49 ? -9.653  -7.215  -4.142  1.00 0.32  ? 43 GLU B N    1 
ATOM 1558 C CA   . GLU B 1 49 ? -8.788  -6.632  -5.215  1.00 0.32  ? 43 GLU B CA   1 
ATOM 1559 C C    . GLU B 1 49 ? -8.138  -5.330  -4.737  1.00 0.26  ? 43 GLU B C    1 
ATOM 1560 O O    . GLU B 1 49 ? -7.550  -4.600  -5.508  1.00 0.30  ? 43 GLU B O    1 
ATOM 1561 C CB   . GLU B 1 49 ? -9.734  -6.362  -6.386  1.00 0.41  ? 43 GLU B CB   1 
ATOM 1562 C CG   . GLU B 1 49 ? -10.359 -7.679  -6.850  1.00 1.23  ? 43 GLU B CG   1 
ATOM 1563 C CD   . GLU B 1 49 ? -11.246 -7.422  -8.070  1.00 1.52  ? 43 GLU B CD   1 
ATOM 1564 O OE1  . GLU B 1 49 ? -11.468 -6.264  -8.384  1.00 2.02  ? 43 GLU B OE1  1 
ATOM 1565 O OE2  . GLU B 1 49 ? -11.691 -8.387  -8.670  1.00 2.10  ? 43 GLU B OE2  1 
ATOM 1566 H H    . GLU B 1 49 ? -9.513  -8.140  -3.852  1.00 0.33  ? 43 GLU B H    1 
ATOM 1567 H HA   . GLU B 1 49 ? -8.030  -7.339  -5.513  1.00 0.35  ? 43 GLU B HA   1 
ATOM 1568 H HB2  . GLU B 1 49 ? -10.513 -5.683  -6.073  1.00 1.00  ? 43 GLU B HB2  1 
ATOM 1569 H HB3  . GLU B 1 49 ? -9.180  -5.923  -7.202  1.00 0.91  ? 43 GLU B HB3  1 
ATOM 1570 H HG2  . GLU B 1 49 ? -9.577  -8.376  -7.115  1.00 1.86  ? 43 GLU B HG2  1 
ATOM 1571 H HG3  . GLU B 1 49 ? -10.958 -8.094  -6.054  1.00 1.91  ? 43 GLU B HG3  1 
ATOM 1572 N N    . LYS B 1 50 ? -8.173  -5.078  -3.458  1.00 0.20  ? 44 LYS B N    1 
ATOM 1573 C CA   . LYS B 1 50 ? -7.481  -3.874  -2.915  1.00 0.24  ? 44 LYS B CA   1 
ATOM 1574 C C    . LYS B 1 50 ? -6.416  -4.298  -1.902  1.00 0.19  ? 44 LYS B C    1 
ATOM 1575 O O    . LYS B 1 50 ? -6.543  -5.309  -1.243  1.00 0.21  ? 44 LYS B O    1 
ATOM 1576 C CB   . LYS B 1 50 ? -8.575  -3.057  -2.227  1.00 0.40  ? 44 LYS B CB   1 
ATOM 1577 C CG   . LYS B 1 50 ? -9.558  -2.528  -3.275  1.00 0.95  ? 44 LYS B CG   1 
ATOM 1578 C CD   . LYS B 1 50 ? -10.569 -1.601  -2.597  1.00 0.86  ? 44 LYS B CD   1 
ATOM 1579 C CE   . LYS B 1 50 ? -11.582 -1.105  -3.629  1.00 1.81  ? 44 LYS B CE   1 
ATOM 1580 N NZ   . LYS B 1 50 ? -12.823 -1.882  -3.356  1.00 1.80  ? 44 LYS B NZ   1 
ATOM 1581 H H    . LYS B 1 50 ? -8.601  -5.711  -2.846  1.00 0.20  ? 44 LYS B H    1 
ATOM 1582 H HA   . LYS B 1 50 ? -7.037  -3.301  -3.714  1.00 0.29  ? 44 LYS B HA   1 
ATOM 1583 H HB2  . LYS B 1 50 ? -9.103  -3.683  -1.523  1.00 1.24  ? 44 LYS B HB2  1 
ATOM 1584 H HB3  . LYS B 1 50 ? -8.128  -2.224  -1.705  1.00 0.95  ? 44 LYS B HB3  1 
ATOM 1585 H HG2  . LYS B 1 50 ? -9.016  -1.981  -4.033  1.00 1.48  ? 44 LYS B HG2  1 
ATOM 1586 H HG3  . LYS B 1 50 ? -10.080 -3.356  -3.729  1.00 1.67  ? 44 LYS B HG3  1 
ATOM 1587 H HD2  . LYS B 1 50 ? -11.085 -2.141  -1.816  1.00 1.10  ? 44 LYS B HD2  1 
ATOM 1588 H HD3  . LYS B 1 50 ? -10.051 -0.756  -2.169  1.00 1.19  ? 44 LYS B HD3  1 
ATOM 1589 H HE2  . LYS B 1 50 ? -11.759 -0.046  -3.498  1.00 2.40  ? 44 LYS B HE2  1 
ATOM 1590 H HE3  . LYS B 1 50 ? -11.231 -1.308  -4.629  1.00 2.52  ? 44 LYS B HE3  1 
ATOM 1591 H HZ1  . LYS B 1 50 ? -13.219 -1.590  -2.440  1.00 2.22  ? 44 LYS B HZ1  1 
ATOM 1592 H HZ2  . LYS B 1 50 ? -12.597 -2.897  -3.330  1.00 2.09  ? 44 LYS B HZ2  1 
ATOM 1593 H HZ3  . LYS B 1 50 ? -13.519 -1.699  -4.106  1.00 2.00  ? 44 LYS B HZ3  1 
ATOM 1594 N N    . ILE B 1 51 ? -5.354  -3.551  -1.794  1.00 0.18  ? 45 ILE B N    1 
ATOM 1595 C CA   . ILE B 1 51 ? -4.269  -3.937  -0.847  1.00 0.20  ? 45 ILE B CA   1 
ATOM 1596 C C    . ILE B 1 51 ? -4.392  -3.140  0.453   1.00 0.16  ? 45 ILE B C    1 
ATOM 1597 O O    . ILE B 1 51 ? -4.453  -1.927  0.441   1.00 0.13  ? 45 ILE B O    1 
ATOM 1598 C CB   . ILE B 1 51 ? -2.975  -3.574  -1.573  1.00 0.25  ? 45 ILE B CB   1 
ATOM 1599 C CG1  . ILE B 1 51 ? -2.946  -4.263  -2.939  1.00 0.32  ? 45 ILE B CG1  1 
ATOM 1600 C CG2  . ILE B 1 51 ? -1.776  -4.039  -0.743  1.00 0.31  ? 45 ILE B CG2  1 
ATOM 1601 C CD1  . ILE B 1 51 ? -1.816  -3.672  -3.783  1.00 0.39  ? 45 ILE B CD1  1 
ATOM 1602 H H    . ILE B 1 51 ? -5.259  -2.751  -2.350  1.00 0.18  ? 45 ILE B H    1 
ATOM 1603 H HA   . ILE B 1 51 ? -4.298  -4.997  -0.650  1.00 0.27  ? 45 ILE B HA   1 
ATOM 1604 H HB   . ILE B 1 51 ? -2.926  -2.503  -1.706  1.00 0.24  ? 45 ILE B HB   1 
ATOM 1605 H HG12 . ILE B 1 51 ? -2.780  -5.322  -2.803  1.00 0.36  ? 45 ILE B HG12 1 
ATOM 1606 H HG13 . ILE B 1 51 ? -3.888  -4.106  -3.441  1.00 0.30  ? 45 ILE B HG13 1 
ATOM 1607 H HG21 . ILE B 1 51 ? -1.314  -3.185  -0.269  1.00 1.07  ? 45 ILE B HG21 1 
ATOM 1608 H HG22 . ILE B 1 51 ? -1.059  -4.525  -1.387  1.00 1.02  ? 45 ILE B HG22 1 
ATOM 1609 H HG23 . ILE B 1 51 ? -2.110  -4.733  0.014   1.00 1.05  ? 45 ILE B HG23 1 
ATOM 1610 H HD11 . ILE B 1 51 ? -1.505  -2.728  -3.358  1.00 1.14  ? 45 ILE B HD11 1 
ATOM 1611 H HD12 . ILE B 1 51 ? -2.165  -3.515  -4.792  1.00 1.12  ? 45 ILE B HD12 1 
ATOM 1612 H HD13 . ILE B 1 51 ? -0.979  -4.355  -3.794  1.00 1.01  ? 45 ILE B HD13 1 
ATOM 1613 N N    . ILE B 1 52 ? -4.371  -3.810  1.574   1.00 0.21  ? 46 ILE B N    1 
ATOM 1614 C CA   . ILE B 1 52 ? -4.422  -3.090  2.880   1.00 0.22  ? 46 ILE B CA   1 
ATOM 1615 C C    . ILE B 1 52 ? -3.068  -3.187  3.587   1.00 0.20  ? 46 ILE B C    1 
ATOM 1616 O O    . ILE B 1 52 ? -2.627  -4.252  3.963   1.00 0.27  ? 46 ILE B O    1 
ATOM 1617 C CB   . ILE B 1 52 ? -5.508  -3.813  3.682   1.00 0.34  ? 46 ILE B CB   1 
ATOM 1618 C CG1  . ILE B 1 52 ? -6.881  -3.441  3.124   1.00 0.48  ? 46 ILE B CG1  1 
ATOM 1619 C CG2  . ILE B 1 52 ? -5.424  -3.411  5.157   1.00 0.34  ? 46 ILE B CG2  1 
ATOM 1620 C CD1  . ILE B 1 52 ? -7.865  -4.577  3.401   1.00 1.11  ? 46 ILE B CD1  1 
ATOM 1621 H H    . ILE B 1 52 ? -4.279  -4.786  1.557   1.00 0.27  ? 46 ILE B H    1 
ATOM 1622 H HA   . ILE B 1 52 ? -4.698  -2.058  2.731   1.00 0.20  ? 46 ILE B HA   1 
ATOM 1623 H HB   . ILE B 1 52 ? -5.367  -4.878  3.594   1.00 0.36  ? 46 ILE B HB   1 
ATOM 1624 H HG12 . ILE B 1 52 ? -7.229  -2.536  3.600   1.00 1.47  ? 46 ILE B HG12 1 
ATOM 1625 H HG13 . ILE B 1 52 ? -6.807  -3.282  2.058   1.00 0.98  ? 46 ILE B HG13 1 
ATOM 1626 H HG21 . ILE B 1 52 ? -4.423  -3.588  5.521   1.00 1.12  ? 46 ILE B HG21 1 
ATOM 1627 H HG22 . ILE B 1 52 ? -6.126  -3.998  5.730   1.00 1.09  ? 46 ILE B HG22 1 
ATOM 1628 H HG23 . ILE B 1 52 ? -5.663  -2.363  5.258   1.00 1.01  ? 46 ILE B HG23 1 
ATOM 1629 H HD11 . ILE B 1 52 ? -7.802  -4.860  4.441   1.00 1.75  ? 46 ILE B HD11 1 
ATOM 1630 H HD12 . ILE B 1 52 ? -7.617  -5.425  2.781   1.00 1.72  ? 46 ILE B HD12 1 
ATOM 1631 H HD13 . ILE B 1 52 ? -8.867  -4.246  3.177   1.00 1.76  ? 46 ILE B HD13 1 
ATOM 1632 N N    . LEU B 1 53 ? -2.407  -2.079  3.779   1.00 0.15  ? 47 LEU B N    1 
ATOM 1633 C CA   . LEU B 1 53 ? -1.088  -2.113  4.471   1.00 0.13  ? 47 LEU B CA   1 
ATOM 1634 C C    . LEU B 1 53 ? -1.217  -1.520  5.874   1.00 0.14  ? 47 LEU B C    1 
ATOM 1635 O O    . LEU B 1 53 ? -1.809  -0.475  6.063   1.00 0.16  ? 47 LEU B O    1 
ATOM 1636 C CB   . LEU B 1 53 ? -0.159  -1.252  3.616   1.00 0.12  ? 47 LEU B CB   1 
ATOM 1637 C CG   . LEU B 1 53 ? -0.100  -1.814  2.195   1.00 0.13  ? 47 LEU B CG   1 
ATOM 1638 C CD1  . LEU B 1 53 ? -1.356  -1.399  1.427   1.00 0.13  ? 47 LEU B CD1  1 
ATOM 1639 C CD2  . LEU B 1 53 ? 1.136   -1.260  1.483   1.00 0.15  ? 47 LEU B CD2  1 
ATOM 1640 H H    . LEU B 1 53 ? -2.782  -1.228  3.472   1.00 0.16  ? 47 LEU B H    1 
ATOM 1641 H HA   . LEU B 1 53 ? -0.713  -3.123  4.522   1.00 0.14  ? 47 LEU B HA   1 
ATOM 1642 H HB2  . LEU B 1 53 ? -0.535  -0.240  3.587   1.00 0.13  ? 47 LEU B HB2  1 
ATOM 1643 H HB3  . LEU B 1 53 ? 0.831   -1.256  4.044   1.00 0.13  ? 47 LEU B HB3  1 
ATOM 1644 H HG   . LEU B 1 53 ? -0.042  -2.893  2.236   1.00 0.14  ? 47 LEU B HG   1 
ATOM 1645 H HD11 . LEU B 1 53 ? -1.742  -0.478  1.839   1.00 1.03  ? 47 LEU B HD11 1 
ATOM 1646 H HD12 . LEU B 1 53 ? -2.104  -2.174  1.515   1.00 1.02  ? 47 LEU B HD12 1 
ATOM 1647 H HD13 . LEU B 1 53 ? -1.110  -1.253  0.386   1.00 1.02  ? 47 LEU B HD13 1 
ATOM 1648 H HD21 . LEU B 1 53 ? 1.573   -2.031  0.866   1.00 1.02  ? 47 LEU B HD21 1 
ATOM 1649 H HD22 . LEU B 1 53 ? 1.859   -0.934  2.216   1.00 0.98  ? 47 LEU B HD22 1 
ATOM 1650 H HD23 . LEU B 1 53 ? 0.849   -0.423  0.863   1.00 0.97  ? 47 LEU B HD23 1 
ATOM 1651 N N    . LYS B 1 54 ? -0.669  -2.179  6.856   1.00 0.15  ? 48 LYS B N    1 
ATOM 1652 C CA   . LYS B 1 54 ? -0.758  -1.657  8.248   1.00 0.17  ? 48 LYS B CA   1 
ATOM 1653 C C    . LYS B 1 54 ? 0.536   -1.957  9.008   1.00 0.16  ? 48 LYS B C    1 
ATOM 1654 O O    . LYS B 1 54 ? 1.333   -2.773  8.594   1.00 0.15  ? 48 LYS B O    1 
ATOM 1655 C CB   . LYS B 1 54 ? -1.939  -2.396  8.880   1.00 0.22  ? 48 LYS B CB   1 
ATOM 1656 C CG   . LYS B 1 54 ? -1.606  -3.883  9.022   1.00 0.28  ? 48 LYS B CG   1 
ATOM 1657 C CD   . LYS B 1 54 ? -2.797  -4.607  9.651   1.00 0.35  ? 48 LYS B CD   1 
ATOM 1658 C CE   . LYS B 1 54 ? -2.306  -5.858  10.383  1.00 1.42  ? 48 LYS B CE   1 
ATOM 1659 N NZ   . LYS B 1 54 ? -1.572  -5.345  11.575  1.00 2.11  ? 48 LYS B NZ   1 
ATOM 1660 H H    . LYS B 1 54 ? -0.198  -3.020  6.678   1.00 0.15  ? 48 LYS B H    1 
ATOM 1661 H HA   . LYS B 1 54 ? -0.951  -0.596  8.240   1.00 0.18  ? 48 LYS B HA   1 
ATOM 1662 H HB2  . LYS B 1 54 ? -2.144  -1.979  9.855   1.00 0.27  ? 48 LYS B HB2  1 
ATOM 1663 H HB3  . LYS B 1 54 ? -2.810  -2.284  8.251   1.00 0.21  ? 48 LYS B HB3  1 
ATOM 1664 H HG2  . LYS B 1 54 ? -1.401  -4.301  8.047   1.00 0.28  ? 48 LYS B HG2  1 
ATOM 1665 H HG3  . LYS B 1 54 ? -0.739  -4.000  9.655   1.00 0.32  ? 48 LYS B HG3  1 
ATOM 1666 H HD2  . LYS B 1 54 ? -3.289  -3.949  10.352  1.00 1.16  ? 48 LYS B HD2  1 
ATOM 1667 H HD3  . LYS B 1 54 ? -3.493  -4.896  8.878   1.00 0.76  ? 48 LYS B HD3  1 
ATOM 1668 H HE2  . LYS B 1 54 ? -3.146  -6.465  10.689  1.00 2.00  ? 48 LYS B HE2  1 
ATOM 1669 H HE3  . LYS B 1 54 ? -1.638  -6.425  9.754   1.00 1.81  ? 48 LYS B HE3  1 
ATOM 1670 H HZ1  . LYS B 1 54 ? -1.278  -4.362  11.407  1.00 2.62  ? 48 LYS B HZ1  1 
ATOM 1671 H HZ2  . LYS B 1 54 ? -0.732  -5.935  11.744  1.00 2.51  ? 48 LYS B HZ2  1 
ATOM 1672 H HZ3  . LYS B 1 54 ? -2.195  -5.380  12.406  1.00 2.39  ? 48 LYS B HZ3  1 
ATOM 1673 N N    . LYS B 1 55 ? 0.730   -1.341  10.142  1.00 0.17  ? 49 LYS B N    1 
ATOM 1674 C CA   . LYS B 1 55 ? 1.950   -1.638  10.946  1.00 0.18  ? 49 LYS B CA   1 
ATOM 1675 C C    . LYS B 1 55 ? 2.035   -3.138  11.229  1.00 0.19  ? 49 LYS B C    1 
ATOM 1676 O O    . LYS B 1 55 ? 1.035   -3.826  11.288  1.00 0.21  ? 49 LYS B O    1 
ATOM 1677 C CB   . LYS B 1 55 ? 1.776   -0.858  12.248  1.00 0.23  ? 49 LYS B CB   1 
ATOM 1678 C CG   . LYS B 1 55 ? 3.026   -1.025  13.113  1.00 0.27  ? 49 LYS B CG   1 
ATOM 1679 C CD   . LYS B 1 55 ? 2.886   -0.183  14.383  1.00 0.76  ? 49 LYS B CD   1 
ATOM 1680 C CE   . LYS B 1 55 ? 1.782   -0.770  15.266  1.00 0.99  ? 49 LYS B CE   1 
ATOM 1681 N NZ   . LYS B 1 55 ? 1.787   0.070   16.495  1.00 1.60  ? 49 LYS B NZ   1 
ATOM 1682 H H    . LYS B 1 55 ? 0.060   -0.710  10.480  1.00 0.19  ? 49 LYS B H    1 
ATOM 1683 H HA   . LYS B 1 55 ? 2.834   -1.300  10.428  1.00 0.17  ? 49 LYS B HA   1 
ATOM 1684 H HB2  . LYS B 1 55 ? 1.629   0.189   12.023  1.00 0.23  ? 49 LYS B HB2  1 
ATOM 1685 H HB3  . LYS B 1 55 ? 0.917   -1.235  12.782  1.00 0.25  ? 49 LYS B HB3  1 
ATOM 1686 H HG2  . LYS B 1 55 ? 3.142   -2.065  13.381  1.00 0.62  ? 49 LYS B HG2  1 
ATOM 1687 H HG3  . LYS B 1 55 ? 3.894   -0.697  12.560  1.00 0.71  ? 49 LYS B HG3  1 
ATOM 1688 H HD2  . LYS B 1 55 ? 3.821   -0.188  14.924  1.00 1.28  ? 49 LYS B HD2  1 
ATOM 1689 H HD3  . LYS B 1 55 ? 2.629   0.831   14.116  1.00 1.21  ? 49 LYS B HD3  1 
ATOM 1690 H HE2  . LYS B 1 55 ? 0.826   -0.703  14.764  1.00 1.52  ? 49 LYS B HE2  1 
ATOM 1691 H HE3  . LYS B 1 55 ? 2.006   -1.795  15.517  1.00 1.50  ? 49 LYS B HE3  1 
ATOM 1692 H HZ1  . LYS B 1 55 ? 1.285   -0.428  17.258  1.00 2.11  ? 49 LYS B HZ1  1 
ATOM 1693 H HZ2  . LYS B 1 55 ? 1.311   0.974   16.299  1.00 2.14  ? 49 LYS B HZ2  1 
ATOM 1694 H HZ3  . LYS B 1 55 ? 2.767   0.249   16.790  1.00 1.97  ? 49 LYS B HZ3  1 
ATOM 1695 N N    . TYR B 1 56 ? 3.224   -3.664  11.315  1.00 0.19  ? 50 TYR B N    1 
ATOM 1696 C CA   . TYR B 1 56 ? 3.372   -5.137  11.490  1.00 0.21  ? 50 TYR B CA   1 
ATOM 1697 C C    . TYR B 1 56 ? 3.693   -5.478  12.947  1.00 0.28  ? 50 TYR B C    1 
ATOM 1698 O O    . TYR B 1 56 ? 4.696   -5.057  13.489  1.00 0.31  ? 50 TYR B O    1 
ATOM 1699 C CB   . TYR B 1 56 ? 4.539   -5.523  10.583  1.00 0.19  ? 50 TYR B CB   1 
ATOM 1700 C CG   . TYR B 1 56 ? 4.804   -7.004  10.705  1.00 0.23  ? 50 TYR B CG   1 
ATOM 1701 C CD1  . TYR B 1 56 ? 3.757   -7.879  11.015  1.00 0.23  ? 50 TYR B CD1  1 
ATOM 1702 C CD2  . TYR B 1 56 ? 6.098   -7.502  10.510  1.00 0.30  ? 50 TYR B CD2  1 
ATOM 1703 C CE1  . TYR B 1 56 ? 4.004   -9.252  11.129  1.00 0.26  ? 50 TYR B CE1  1 
ATOM 1704 C CE2  . TYR B 1 56 ? 6.345   -8.874  10.624  1.00 0.35  ? 50 TYR B CE2  1 
ATOM 1705 C CZ   . TYR B 1 56 ? 5.298   -9.750  10.934  1.00 0.31  ? 50 TYR B CZ   1 
ATOM 1706 O OH   . TYR B 1 56 ? 5.542   -11.104 11.047  1.00 0.37  ? 50 TYR B OH   1 
ATOM 1707 H H    . TYR B 1 56 ? 4.019   -3.102  11.200  1.00 0.19  ? 50 TYR B H    1 
ATOM 1708 H HA   . TYR B 1 56 ? 2.476   -5.645  11.172  1.00 0.23  ? 50 TYR B HA   1 
ATOM 1709 H HB2  . TYR B 1 56 ? 4.293   -5.283  9.558   1.00 0.19  ? 50 TYR B HB2  1 
ATOM 1710 H HB3  . TYR B 1 56 ? 5.421   -4.975  10.879  1.00 0.21  ? 50 TYR B HB3  1 
ATOM 1711 H HD1  . TYR B 1 56 ? 2.759   -7.496  11.166  1.00 0.26  ? 50 TYR B HD1  1 
ATOM 1712 H HD2  . TYR B 1 56 ? 6.905   -6.827  10.269  1.00 0.35  ? 50 TYR B HD2  1 
ATOM 1713 H HE1  . TYR B 1 56 ? 3.197   -9.929  11.368  1.00 0.28  ? 50 TYR B HE1  1 
ATOM 1714 H HE2  . TYR B 1 56 ? 7.343   -9.257  10.473  1.00 0.44  ? 50 TYR B HE2  1 
ATOM 1715 H HH   . TYR B 1 56 ? 6.333   -11.219 11.580  1.00 1.04  ? 50 TYR B HH   1 
ATOM 1716 N N    . LYS B 1 57 ? 2.880   -6.290  13.567  1.00 0.37  ? 51 LYS B N    1 
ATOM 1717 C CA   . LYS B 1 57 ? 3.172   -6.714  14.967  1.00 0.46  ? 51 LYS B CA   1 
ATOM 1718 C C    . LYS B 1 57 ? 3.287   -8.239  15.046  1.00 0.55  ? 51 LYS B C    1 
ATOM 1719 O O    . LYS B 1 57 ? 2.320   -8.922  15.320  1.00 1.02  ? 51 LYS B O    1 
ATOM 1720 C CB   . LYS B 1 57 ? 1.979   -6.223  15.786  1.00 0.71  ? 51 LYS B CB   1 
ATOM 1721 C CG   . LYS B 1 57 ? 2.173   -4.747  16.138  1.00 1.49  ? 51 LYS B CG   1 
ATOM 1722 C CD   . LYS B 1 57 ? 0.813   -4.108  16.429  1.00 2.01  ? 51 LYS B CD   1 
ATOM 1723 C CE   . LYS B 1 57 ? -0.065  -4.183  15.178  1.00 2.65  ? 51 LYS B CE   1 
ATOM 1724 N NZ   . LYS B 1 57 ? -1.090  -5.218  15.490  1.00 3.32  ? 51 LYS B NZ   1 
ATOM 1725 H H    . LYS B 1 57 ? 2.102   -6.656  13.098  1.00 0.41  ? 51 LYS B H    1 
ATOM 1726 H HA   . LYS B 1 57 ? 4.079   -6.248  15.321  1.00 0.48  ? 51 LYS B HA   1 
ATOM 1727 H HB2  . LYS B 1 57 ? 1.073   -6.340  15.208  1.00 1.29  ? 51 LYS B HB2  1 
ATOM 1728 H HB3  . LYS B 1 57 ? 1.902   -6.800  16.695  1.00 1.36  ? 51 LYS B HB3  1 
ATOM 1729 H HG2  . LYS B 1 57 ? 2.803   -4.665  17.012  1.00 2.12  ? 51 LYS B HG2  1 
ATOM 1730 H HG3  . LYS B 1 57 ? 2.638   -4.237  15.308  1.00 2.12  ? 51 LYS B HG3  1 
ATOM 1731 H HD2  . LYS B 1 57 ? 0.333   -4.636  17.240  1.00 2.54  ? 51 LYS B HD2  1 
ATOM 1732 H HD3  . LYS B 1 57 ? 0.953   -3.074  16.706  1.00 2.29  ? 51 LYS B HD3  1 
ATOM 1733 H HE2  . LYS B 1 57 ? -0.536  -3.227  14.993  1.00 2.99  ? 51 LYS B HE2  1 
ATOM 1734 H HE3  . LYS B 1 57 ? 0.520   -4.488  14.325  1.00 3.00  ? 51 LYS B HE3  1 
ATOM 1735 H HZ1  . LYS B 1 57 ? -1.558  -5.518  14.613  1.00 3.59  ? 51 LYS B HZ1  1 
ATOM 1736 H HZ2  . LYS B 1 57 ? -1.795  -4.820  16.144  1.00 3.76  ? 51 LYS B HZ2  1 
ATOM 1737 H HZ3  . LYS B 1 57 ? -0.631  -6.039  15.933  1.00 3.63  ? 51 LYS B HZ3  1 
ATOM 1738 N N    . PRO B 1 58 ? 4.470   -8.721  14.780  1.00 0.80  ? 52 PRO B N    1 
ATOM 1739 C CA   . PRO B 1 58 ? 4.718   -10.184 14.795  1.00 0.87  ? 52 PRO B CA   1 
ATOM 1740 C C    . PRO B 1 58 ? 4.299   -10.781 16.142  1.00 1.22  ? 52 PRO B C    1 
ATOM 1741 O O    . PRO B 1 58 ? 4.426   -10.157 17.176  1.00 1.66  ? 52 PRO B O    1 
ATOM 1742 C CB   . PRO B 1 58 ? 6.227   -10.307 14.595  1.00 1.51  ? 52 PRO B CB   1 
ATOM 1743 C CG   . PRO B 1 58 ? 6.665   -9.001  14.008  1.00 2.00  ? 52 PRO B CG   1 
ATOM 1744 C CD   . PRO B 1 58 ? 5.673   -7.956  14.443  1.00 1.53  ? 52 PRO B CD   1 
ATOM 1745 H HA   . PRO B 1 58 ? 4.197   -10.667 13.985  1.00 0.92  ? 52 PRO B HA   1 
ATOM 1746 H HB2  . PRO B 1 58 ? 6.717   -10.477 15.545  1.00 1.85  ? 52 PRO B HB2  1 
ATOM 1747 H HB3  . PRO B 1 58 ? 6.450   -11.111 13.910  1.00 1.65  ? 52 PRO B HB3  1 
ATOM 1748 H HG2  . PRO B 1 58 ? 7.652   -8.749  14.371  1.00 2.55  ? 52 PRO B HG2  1 
ATOM 1749 H HG3  . PRO B 1 58 ? 6.674   -9.067  12.932  1.00 2.39  ? 52 PRO B HG3  1 
ATOM 1750 H HD2  . PRO B 1 58 ? 6.042   -7.424  15.310  1.00 1.78  ? 52 PRO B HD2  1 
ATOM 1751 H HD3  . PRO B 1 58 ? 5.465   -7.271  13.636  1.00 1.73  ? 52 PRO B HD3  1 
ATOM 1752 N N    . ASN B 1 59 ? 3.802   -11.988 16.136  1.00 1.44  ? 53 ASN B N    1 
ATOM 1753 C CA   . ASN B 1 59 ? 3.377   -12.626 17.415  1.00 2.20  ? 53 ASN B CA   1 
ATOM 1754 C C    . ASN B 1 59 ? 4.598   -12.910 18.295  1.00 2.57  ? 53 ASN B C    1 
ATOM 1755 O O    . ASN B 1 59 ? 4.758   -12.225 19.293  1.00 3.16  ? 53 ASN B O    1 
ATOM 1756 C CB   . ASN B 1 59 ? 2.701   -13.933 17.001  1.00 2.70  ? 53 ASN B CB   1 
ATOM 1757 C CG   . ASN B 1 59 ? 1.451   -13.621 16.175  1.00 3.26  ? 53 ASN B CG   1 
ATOM 1758 O OD1  . ASN B 1 59 ? 0.946   -12.517 16.210  1.00 3.52  ? 53 ASN B OD1  1 
ATOM 1759 N ND2  . ASN B 1 59 ? 0.928   -14.554 15.427  1.00 3.91  ? 53 ASN B ND2  1 
ATOM 1760 O OXT  . ASN B 1 59 ? 5.354   -13.807 17.956  1.00 2.76  ? 53 ASN B OXT  1 
ATOM 1761 H H    . ASN B 1 59 ? 3.709   -12.476 15.292  1.00 1.30  ? 53 ASN B H    1 
ATOM 1762 H HA   . ASN B 1 59 ? 2.675   -11.996 17.937  1.00 2.45  ? 53 ASN B HA   1 
ATOM 1763 H HB2  . ASN B 1 59 ? 3.387   -14.522 16.409  1.00 2.89  ? 53 ASN B HB2  1 
ATOM 1764 H HB3  . ASN B 1 59 ? 2.418   -14.487 17.882  1.00 3.05  ? 53 ASN B HB3  1 
ATOM 1765 H HD21 . ASN B 1 59 ? 1.335   -15.445 15.399  1.00 4.04  ? 53 ASN B HD21 1 
ATOM 1766 H HD22 . ASN B 1 59 ? 0.128   -14.364 14.894  1.00 4.46  ? 53 ASN B HD22 1 
# 
